data_6GFY
#
_entry.id   6GFY
#
_cell.length_a   94.115
_cell.length_b   94.115
_cell.length_c   367.972
_cell.angle_alpha   90.000
_cell.angle_beta   90.000
_cell.angle_gamma   90.000
#
_symmetry.space_group_name_H-M   'P 41 2 2'
#
loop_
_entity.id
_entity.type
_entity.pdbx_description
1 polymer Elongin-B
2 polymer Elongin-C
3 polymer 'von Hippel-Lindau disease tumor suppressor'
4 non-polymer (2~{R},3~{R},4~{S})-1-[(2~{S})-2-acetamido-3,3-dimethyl-butanoyl]-3-fluoranyl-~{N}-[[4-(4-methyl-1,3-thiazol-5-yl)phenyl]methyl]-4-oxidanyl-pyrrolidine-2-carboxamide
5 water water
#
loop_
_entity_poly.entity_id
_entity_poly.type
_entity_poly.pdbx_seq_one_letter_code
_entity_poly.pdbx_strand_id
1 'polypeptide(L)'
;MDVFLMIRRHKTTIFTDAKESSTVFELKRIVEGILKRPPDEQRLYKDDQLLDDGKTLGE(CAS)GFTSQTARPQAPATVG
LAFRADDTFEAL(CAS)IEPFSSPPELPDVMK
;
A,D,G,J
2 'polypeptide(L)'
;MMYVKLISSDGHEFIVKREHALTSGTIKAMLSGPGQFAENETNEVNFREIPSHVLSKVCMYFTYKVRYTNSSTEIPEFPI
APEIALELLMAANFLDC
;
B,E,H,K
3 'polypeptide(L)'
;GSMEAGRPRPVLRSVNSREPSQVIF(CAS)NRSPRVVLPVWLNFDGEPQPYPTLPPGTGRRIHSYRGHLWLFRDAGTHDG
LLVNQTELFVPSLNVDGQPIFANITLPVYTLKERCLQVVRSLVKPENYRRLDIVRSLYEDLEDHPNVQKDLERLTQERIA
HQRMGD
;
C,F,I,L
#
# COMPACT_ATOMS: atom_id res chain seq x y z
N MET A 1 -8.64 41.46 1.22
CA MET A 1 -8.20 40.26 1.98
C MET A 1 -7.23 40.68 3.09
N ASP A 2 -7.41 40.11 4.28
CA ASP A 2 -6.54 40.38 5.41
C ASP A 2 -5.23 39.60 5.33
N VAL A 3 -4.14 40.25 5.72
CA VAL A 3 -2.85 39.58 5.88
C VAL A 3 -2.43 39.77 7.34
N PHE A 4 -1.74 38.76 7.89
CA PHE A 4 -1.40 38.74 9.31
C PHE A 4 0.11 38.70 9.48
N LEU A 5 0.62 39.62 10.30
CA LEU A 5 2.06 39.90 10.35
C LEU A 5 2.65 39.91 11.75
N MET A 6 3.96 39.68 11.78
CA MET A 6 4.81 40.05 12.91
C MET A 6 5.79 41.14 12.43
N ILE A 7 5.80 42.30 13.09
CA ILE A 7 6.73 43.38 12.72
C ILE A 7 7.82 43.40 13.78
N ARG A 8 9.07 43.14 13.37
CA ARG A 8 10.12 42.85 14.33
C ARG A 8 11.35 43.74 14.24
N ARG A 9 11.76 44.28 15.38
CA ARG A 9 13.02 45.02 15.53
C ARG A 9 13.65 44.70 16.88
N HIS A 10 14.90 44.23 16.84
CA HIS A 10 15.65 43.89 18.08
C HIS A 10 14.89 42.83 18.90
N LYS A 11 14.36 43.19 20.07
CA LYS A 11 13.58 42.25 20.89
C LYS A 11 12.09 42.62 20.93
N THR A 12 11.68 43.50 20.03
CA THR A 12 10.29 43.91 19.91
C THR A 12 9.63 43.12 18.78
N THR A 13 8.42 42.64 19.02
CA THR A 13 7.58 42.00 17.98
C THR A 13 6.15 42.52 18.09
N ILE A 14 5.58 42.99 16.98
CA ILE A 14 4.20 43.48 16.97
C ILE A 14 3.37 42.49 16.14
N PHE A 15 2.26 42.04 16.70
CA PHE A 15 1.28 41.25 15.95
C PHE A 15 0.18 42.20 15.51
N THR A 16 -0.09 42.25 14.20
CA THR A 16 -1.18 43.05 13.67
C THR A 16 -1.66 42.52 12.31
N ASP A 17 -2.76 43.08 11.79
CA ASP A 17 -3.22 42.73 10.45
C ASP A 17 -3.37 43.95 9.56
N ALA A 18 -3.43 43.72 8.25
CA ALA A 18 -3.64 44.78 7.28
C ALA A 18 -4.29 44.22 6.01
N LYS A 19 -4.78 45.12 5.16
CA LYS A 19 -5.32 44.75 3.87
C LYS A 19 -4.19 44.49 2.89
N GLU A 20 -4.37 43.50 2.03
CA GLU A 20 -3.42 43.23 0.96
C GLU A 20 -3.21 44.48 0.10
N SER A 21 -4.26 45.29 -0.05
CA SER A 21 -4.24 46.47 -0.91
C SER A 21 -3.62 47.71 -0.25
N SER A 22 -3.39 47.64 1.06
CA SER A 22 -2.80 48.75 1.82
C SER A 22 -1.32 48.94 1.50
N THR A 23 -0.78 50.10 1.85
CA THR A 23 0.59 50.46 1.47
C THR A 23 1.60 50.26 2.59
N VAL A 24 2.86 50.24 2.19
CA VAL A 24 3.97 50.21 3.12
C VAL A 24 3.97 51.43 4.05
N PHE A 25 3.71 52.62 3.50
CA PHE A 25 3.63 53.83 4.30
C PHE A 25 2.56 53.70 5.38
N GLU A 26 1.39 53.23 4.99
CA GLU A 26 0.26 53.03 5.92
C GLU A 26 0.62 52.04 7.06
N LEU A 27 1.42 51.03 6.76
CA LEU A 27 1.94 50.15 7.81
C LEU A 27 2.86 50.88 8.81
N LYS A 28 3.62 51.87 8.36
CA LYS A 28 4.45 52.70 9.25
C LYS A 28 3.61 53.58 10.17
N ARG A 29 2.47 54.04 9.65
CA ARG A 29 1.52 54.79 10.46
C ARG A 29 1.06 53.96 11.64
N ILE A 30 0.85 52.66 11.40
CA ILE A 30 0.42 51.73 12.45
C ILE A 30 1.51 51.63 13.53
N VAL A 31 2.74 51.37 13.10
CA VAL A 31 3.90 51.39 14.00
C VAL A 31 3.97 52.73 14.77
N GLU A 32 3.80 53.85 14.07
CA GLU A 32 3.87 55.16 14.72
C GLU A 32 2.97 55.25 15.95
N GLY A 33 1.74 54.74 15.83
CA GLY A 33 0.77 54.74 16.93
C GLY A 33 1.20 53.89 18.10
N ILE A 34 1.82 52.74 17.84
CA ILE A 34 2.27 51.83 18.89
C ILE A 34 3.60 52.27 19.53
N LEU A 35 4.62 52.51 18.70
CA LEU A 35 5.98 52.82 19.19
C LEU A 35 6.37 54.31 19.21
N LYS A 36 5.45 55.20 18.85
CA LYS A 36 5.66 56.66 18.94
C LYS A 36 6.84 57.19 18.11
N ARG A 37 7.02 56.67 16.90
CA ARG A 37 8.07 57.15 16.00
C ARG A 37 7.44 57.44 14.64
N PRO A 38 7.72 58.62 14.06
CA PRO A 38 7.11 58.94 12.77
C PRO A 38 7.69 58.11 11.62
N PRO A 39 6.91 57.95 10.53
CA PRO A 39 7.32 57.20 9.33
C PRO A 39 8.73 57.53 8.80
N ASP A 40 9.10 58.81 8.81
CA ASP A 40 10.42 59.22 8.29
C ASP A 40 11.61 58.73 9.12
N GLU A 41 11.35 58.14 10.29
CA GLU A 41 12.40 57.52 11.09
C GLU A 41 12.35 55.99 11.06
N GLN A 42 11.54 55.43 10.16
CA GLN A 42 11.36 53.98 10.03
C GLN A 42 11.79 53.46 8.64
N ARG A 43 12.47 52.32 8.61
CA ARG A 43 12.65 51.52 7.39
C ARG A 43 12.01 50.13 7.58
N LEU A 44 11.27 49.66 6.58
CA LEU A 44 10.65 48.32 6.63
C LEU A 44 11.26 47.38 5.60
N TYR A 45 11.27 46.08 5.92
CA TYR A 45 11.98 45.07 5.15
C TYR A 45 11.20 43.77 4.95
N LYS A 46 11.34 43.18 3.77
CA LYS A 46 11.04 41.77 3.58
C LYS A 46 12.40 41.11 3.48
N ASP A 47 12.72 40.27 4.45
CA ASP A 47 14.07 39.70 4.56
C ASP A 47 15.08 40.86 4.47
N ASP A 48 15.95 40.87 3.47
CA ASP A 48 17.02 41.88 3.39
C ASP A 48 16.68 43.07 2.48
N GLN A 49 15.44 43.10 1.96
CA GLN A 49 15.06 44.08 0.96
C GLN A 49 14.32 45.25 1.57
N LEU A 50 14.77 46.47 1.28
CA LEU A 50 14.07 47.67 1.71
C LEU A 50 12.80 47.86 0.87
N LEU A 51 11.71 48.26 1.53
CA LEU A 51 10.42 48.39 0.87
C LEU A 51 10.04 49.84 0.61
N ASP A 52 9.54 50.13 -0.60
CA ASP A 52 9.06 51.46 -1.00
C ASP A 52 7.70 51.84 -0.39
N ASP A 53 7.58 53.10 0.05
CA ASP A 53 6.38 53.63 0.72
C ASP A 53 5.11 53.46 -0.09
N GLY A 54 5.21 53.61 -1.40
CA GLY A 54 4.04 53.61 -2.28
C GLY A 54 3.49 52.25 -2.67
N LYS A 55 4.29 51.21 -2.51
CA LYS A 55 3.89 49.86 -2.91
C LYS A 55 2.93 49.20 -1.92
N THR A 56 2.07 48.32 -2.44
CA THR A 56 1.14 47.59 -1.62
C THR A 56 1.81 46.36 -1.01
N LEU A 57 1.23 45.87 0.07
CA LEU A 57 1.76 44.69 0.76
C LEU A 57 1.70 43.46 -0.14
N GLY A 58 0.66 43.41 -0.99
CA GLY A 58 0.50 42.35 -2.00
C GLY A 58 1.61 42.35 -3.05
N GLU A 59 1.97 43.54 -3.53
CA GLU A 59 3.10 43.70 -4.45
C GLU A 59 4.41 43.24 -3.82
N GLY A 61 4.72 40.93 -1.71
CA GLY A 61 4.71 39.49 -1.47
C GLY A 61 3.97 39.00 -0.25
N PHE A 62 3.28 39.88 0.47
CA PHE A 62 2.45 39.47 1.61
C PHE A 62 1.02 39.24 1.12
N THR A 63 0.67 37.98 0.95
CA THR A 63 -0.64 37.61 0.45
C THR A 63 -1.40 36.87 1.53
N SER A 64 -2.71 36.81 1.36
CA SER A 64 -3.59 36.27 2.40
C SER A 64 -3.34 34.78 2.68
N GLN A 65 -2.82 34.04 1.69
CA GLN A 65 -2.53 32.63 1.89
C GLN A 65 -1.11 32.31 2.38
N THR A 66 -0.20 33.28 2.35
CA THR A 66 1.13 33.12 2.96
C THR A 66 1.21 33.79 4.33
N ALA A 67 0.52 34.93 4.48
CA ALA A 67 0.48 35.65 5.76
C ALA A 67 -0.80 35.30 6.52
N ARG A 68 -0.79 34.13 7.18
CA ARG A 68 -1.98 33.56 7.84
C ARG A 68 -1.99 33.84 9.35
N PRO A 69 -3.18 33.75 9.98
CA PRO A 69 -3.32 34.01 11.43
C PRO A 69 -2.46 33.10 12.31
N GLN A 70 -2.39 31.82 11.96
CA GLN A 70 -1.62 30.85 12.75
C GLN A 70 -0.15 30.77 12.36
N ALA A 71 0.24 31.50 11.30
CA ALA A 71 1.60 31.46 10.75
C ALA A 71 1.89 32.74 9.97
N PRO A 72 1.98 33.89 10.68
CA PRO A 72 2.10 35.21 10.05
C PRO A 72 3.45 35.50 9.43
N ALA A 73 3.47 36.36 8.42
CA ALA A 73 4.72 36.75 7.76
C ALA A 73 5.47 37.79 8.58
N THR A 74 6.78 37.81 8.41
CA THR A 74 7.66 38.72 9.15
C THR A 74 8.05 39.94 8.32
N VAL A 75 7.99 41.10 8.95
CA VAL A 75 8.39 42.36 8.35
C VAL A 75 9.41 43.03 9.24
N GLY A 76 10.63 43.24 8.72
CA GLY A 76 11.73 43.85 9.47
C GLY A 76 11.51 45.34 9.70
N LEU A 77 12.03 45.86 10.81
CA LEU A 77 11.90 47.28 11.15
C LEU A 77 13.23 47.79 11.68
N ALA A 78 13.59 49.01 11.28
CA ALA A 78 14.83 49.68 11.71
C ALA A 78 14.59 51.18 11.93
N PHE A 79 15.19 51.75 12.97
CA PHE A 79 15.03 53.18 13.29
C PHE A 79 16.24 54.04 12.95
N ARG A 80 15.98 55.33 12.74
CA ARG A 80 17.00 56.34 12.60
C ARG A 80 17.16 57.07 13.94
N ALA A 81 18.40 57.13 14.43
CA ALA A 81 18.76 57.99 15.55
C ALA A 81 19.63 59.12 14.99
N ASP A 82 19.21 60.37 15.20
CA ASP A 82 19.89 61.56 14.66
C ASP A 82 20.00 61.55 13.12
N ASP A 83 21.21 61.35 12.59
CA ASP A 83 21.50 61.50 11.17
C ASP A 83 21.26 60.22 10.35
N THR A 84 21.65 59.07 10.91
CA THR A 84 21.75 57.81 10.16
C THR A 84 20.91 56.65 10.73
N PHE A 85 20.47 55.76 9.85
CA PHE A 85 19.70 54.59 10.25
C PHE A 85 20.61 53.53 10.86
N GLU A 86 20.14 52.88 11.92
CA GLU A 86 20.80 51.71 12.47
C GLU A 86 20.73 50.58 11.42
N ALA A 87 21.55 49.55 11.62
CA ALA A 87 21.48 48.35 10.79
C ALA A 87 20.31 47.48 11.26
N LEU A 88 19.63 46.83 10.32
CA LEU A 88 18.52 45.92 10.63
C LEU A 88 18.99 44.80 11.54
N ILE A 90 17.47 41.69 14.23
CA ILE A 90 16.36 40.92 14.81
C ILE A 90 16.92 39.83 15.71
N GLU A 91 16.66 39.92 17.01
CA GLU A 91 17.04 38.87 17.94
C GLU A 91 16.22 37.61 17.67
N PRO A 92 16.87 36.44 17.55
CA PRO A 92 16.06 35.23 17.39
C PRO A 92 15.31 34.87 18.67
N PHE A 93 14.33 33.97 18.55
CA PHE A 93 13.65 33.46 19.73
C PHE A 93 14.50 32.42 20.45
N SER A 94 14.06 32.03 21.64
CA SER A 94 14.78 31.04 22.44
C SER A 94 14.77 29.67 21.74
N SER A 95 15.70 28.81 22.14
CA SER A 95 15.82 27.48 21.57
C SER A 95 15.04 26.49 22.42
N PRO A 96 14.29 25.58 21.77
CA PRO A 96 13.62 24.53 22.51
C PRO A 96 14.62 23.54 23.10
N PRO A 97 14.27 22.91 24.23
CA PRO A 97 15.17 21.90 24.76
C PRO A 97 15.08 20.63 23.91
N GLU A 98 15.95 19.67 24.22
CA GLU A 98 15.89 18.36 23.58
C GLU A 98 14.59 17.63 23.92
N LEU A 99 14.05 16.91 22.94
CA LEU A 99 12.90 16.04 23.16
C LEU A 99 13.24 14.98 24.21
N PRO A 100 12.40 14.84 25.24
CA PRO A 100 12.56 13.75 26.22
C PRO A 100 12.57 12.38 25.56
N ASP A 101 13.07 11.37 26.27
CA ASP A 101 13.17 10.00 25.73
C ASP A 101 11.84 9.48 25.23
N VAL A 102 10.77 9.75 25.99
CA VAL A 102 9.46 9.18 25.67
C VAL A 102 8.78 9.80 24.45
N MET A 103 9.31 10.91 23.94
CA MET A 103 8.78 11.54 22.71
C MET A 103 9.60 11.21 21.45
N LYS A 104 10.81 10.68 21.62
CA LYS A 104 11.64 10.24 20.48
C LYS A 104 11.13 8.92 19.90
N MET B 1 -7.18 51.84 18.59
CA MET B 1 -6.90 50.39 18.84
C MET B 1 -5.92 50.28 20.00
N MET B 2 -6.40 49.71 21.11
CA MET B 2 -5.56 49.53 22.29
C MET B 2 -4.72 48.28 22.12
N TYR B 3 -3.47 48.34 22.58
CA TYR B 3 -2.56 47.20 22.58
C TYR B 3 -2.02 46.97 24.01
N VAL B 4 -1.38 45.82 24.21
CA VAL B 4 -0.73 45.50 25.48
C VAL B 4 0.56 44.79 25.20
N LYS B 5 1.43 44.75 26.21
CA LYS B 5 2.73 44.16 26.08
C LYS B 5 2.86 42.91 26.96
N LEU B 6 3.15 41.79 26.34
CA LEU B 6 3.43 40.55 27.05
C LEU B 6 4.91 40.27 26.92
N ILE B 7 5.59 40.02 28.03
CA ILE B 7 7.05 39.86 28.03
C ILE B 7 7.49 38.47 28.50
N SER B 8 8.31 37.81 27.69
CA SER B 8 8.81 36.46 27.97
C SER B 8 9.89 36.43 29.06
N SER B 9 10.28 35.24 29.48
CA SER B 9 11.29 35.09 30.53
C SER B 9 12.66 35.59 30.08
N ASP B 10 12.92 35.50 28.77
CA ASP B 10 14.17 35.92 28.16
C ASP B 10 14.15 37.36 27.59
N GLY B 11 13.15 38.16 27.97
CA GLY B 11 13.13 39.58 27.62
C GLY B 11 12.45 39.99 26.31
N HIS B 12 12.02 39.03 25.49
CA HIS B 12 11.28 39.37 24.26
C HIS B 12 9.94 40.01 24.60
N GLU B 13 9.62 41.09 23.89
CA GLU B 13 8.43 41.90 24.16
C GLU B 13 7.45 41.82 23.00
N PHE B 14 6.33 41.14 23.21
CA PHE B 14 5.33 40.94 22.18
C PHE B 14 4.18 41.91 22.39
N ILE B 15 3.74 42.54 21.30
CA ILE B 15 2.73 43.58 21.37
C ILE B 15 1.49 43.19 20.57
N VAL B 16 0.38 42.97 21.28
CA VAL B 16 -0.87 42.50 20.68
C VAL B 16 -2.08 43.34 21.08
N LYS B 17 -3.18 43.19 20.34
CA LYS B 17 -4.41 43.91 20.66
C LYS B 17 -4.93 43.51 22.03
N ARG B 18 -5.51 44.46 22.75
CA ARG B 18 -6.04 44.20 24.09
C ARG B 18 -7.17 43.17 24.05
N GLU B 19 -8.05 43.29 23.05
CA GLU B 19 -9.14 42.34 22.79
C GLU B 19 -8.63 40.90 22.64
N HIS B 20 -7.54 40.71 21.90
CA HIS B 20 -6.96 39.39 21.69
C HIS B 20 -6.41 38.79 22.99
N ALA B 21 -5.69 39.60 23.76
CA ALA B 21 -5.04 39.12 24.97
C ALA B 21 -6.05 38.64 25.99
N LEU B 22 -7.21 39.29 26.03
CA LEU B 22 -8.27 38.96 27.00
C LEU B 22 -8.95 37.60 26.73
N THR B 23 -8.63 36.96 25.61
CA THR B 23 -8.87 35.52 25.44
C THR B 23 -8.48 34.72 26.69
N SER B 24 -7.33 35.05 27.29
CA SER B 24 -6.88 34.41 28.52
C SER B 24 -7.48 35.10 29.74
N GLY B 25 -8.22 34.32 30.54
CA GLY B 25 -8.76 34.81 31.81
C GLY B 25 -7.68 35.16 32.81
N THR B 26 -6.56 34.44 32.72
CA THR B 26 -5.41 34.70 33.58
C THR B 26 -4.78 36.08 33.31
N ILE B 27 -4.58 36.40 32.03
CA ILE B 27 -4.05 37.72 31.65
C ILE B 27 -5.05 38.83 31.95
N LYS B 28 -6.34 38.56 31.74
CA LYS B 28 -7.36 39.54 32.07
C LYS B 28 -7.22 39.99 33.53
N ALA B 29 -6.93 39.04 34.41
CA ALA B 29 -6.76 39.31 35.84
C ALA B 29 -5.48 40.06 36.17
N MET B 30 -4.38 39.67 35.53
CA MET B 30 -3.10 40.36 35.72
C MET B 30 -3.11 41.80 35.21
N LEU B 31 -4.11 42.15 34.40
CA LEU B 31 -4.33 43.56 34.02
C LEU B 31 -5.34 44.24 34.96
N SER B 32 -6.57 43.73 35.04
CA SER B 32 -7.58 44.27 35.98
C SER B 32 -7.33 43.80 37.42
N ASN B 43 -0.83 47.70 31.64
CA ASN B 43 -0.59 47.57 30.20
C ASN B 43 0.68 46.77 29.81
N GLU B 44 1.40 46.23 30.80
CA GLU B 44 2.46 45.26 30.57
C GLU B 44 2.32 44.10 31.55
N VAL B 45 2.76 42.92 31.13
CA VAL B 45 2.77 41.71 31.98
C VAL B 45 4.03 40.89 31.74
N ASN B 46 4.79 40.64 32.80
CA ASN B 46 5.98 39.79 32.71
C ASN B 46 5.66 38.34 33.04
N PHE B 47 6.17 37.42 32.23
CA PHE B 47 6.04 35.98 32.47
C PHE B 47 7.43 35.42 32.73
N ARG B 48 7.70 35.05 33.97
CA ARG B 48 9.02 34.52 34.33
C ARG B 48 9.25 33.06 33.99
N GLU B 49 8.22 32.31 33.60
CA GLU B 49 8.38 30.88 33.28
C GLU B 49 8.35 30.57 31.79
N ILE B 50 7.92 31.52 30.98
CA ILE B 50 7.57 31.25 29.58
C ILE B 50 8.59 31.83 28.60
N PRO B 51 9.41 30.97 27.98
CA PRO B 51 10.36 31.46 26.99
C PRO B 51 9.66 31.99 25.73
N SER B 52 10.39 32.78 24.94
CA SER B 52 9.84 33.44 23.76
C SER B 52 9.39 32.46 22.68
N HIS B 53 10.03 31.30 22.57
CA HIS B 53 9.63 30.30 21.57
C HIS B 53 8.25 29.70 21.87
N VAL B 54 7.80 29.81 23.11
CA VAL B 54 6.45 29.42 23.50
C VAL B 54 5.48 30.62 23.42
N LEU B 55 5.88 31.77 23.95
CA LEU B 55 4.97 32.93 24.00
C LEU B 55 4.58 33.48 22.61
N SER B 56 5.43 33.28 21.62
CA SER B 56 5.11 33.65 20.24
C SER B 56 3.96 32.80 19.71
N LYS B 57 4.01 31.50 19.99
CA LYS B 57 2.94 30.58 19.57
C LYS B 57 1.61 30.89 20.26
N VAL B 58 1.67 31.28 21.54
CA VAL B 58 0.49 31.71 22.27
C VAL B 58 -0.16 32.92 21.59
N CYS B 59 0.67 33.91 21.22
CA CYS B 59 0.16 35.09 20.52
C CYS B 59 -0.49 34.75 19.15
N MET B 60 0.08 33.77 18.44
CA MET B 60 -0.48 33.31 17.15
C MET B 60 -1.81 32.60 17.35
N TYR B 61 -1.97 31.93 18.49
CA TYR B 61 -3.24 31.29 18.79
C TYR B 61 -4.34 32.31 18.98
N PHE B 62 -4.05 33.41 19.67
CA PHE B 62 -5.03 34.48 19.80
C PHE B 62 -5.58 34.88 18.43
N THR B 63 -4.66 35.17 17.51
CA THR B 63 -5.03 35.66 16.18
C THR B 63 -5.94 34.64 15.48
N TYR B 64 -5.53 33.37 15.57
CA TYR B 64 -6.25 32.22 15.01
C TYR B 64 -7.65 32.09 15.59
N LYS B 65 -7.77 32.12 16.91
CA LYS B 65 -9.06 31.94 17.56
C LYS B 65 -10.09 33.00 17.14
N VAL B 66 -9.64 34.25 17.08
CA VAL B 66 -10.50 35.41 16.79
C VAL B 66 -10.91 35.46 15.31
N ARG B 67 -10.07 34.91 14.45
CA ARG B 67 -10.36 34.83 13.04
C ARG B 67 -11.33 33.68 12.71
N TYR B 68 -11.25 32.56 13.43
CA TYR B 68 -12.03 31.38 13.09
C TYR B 68 -13.17 31.03 14.04
N THR B 69 -13.24 31.65 15.21
CA THR B 69 -14.39 31.44 16.08
C THR B 69 -15.67 31.80 15.33
N ASN B 70 -16.63 30.87 15.34
CA ASN B 70 -17.95 31.03 14.70
C ASN B 70 -17.89 31.48 13.23
N SER B 71 -17.09 30.77 12.43
CA SER B 71 -16.98 31.03 11.00
C SER B 71 -17.45 29.79 10.25
N SER B 72 -18.28 30.00 9.23
CA SER B 72 -18.82 28.88 8.44
C SER B 72 -17.85 28.36 7.37
N THR B 73 -16.78 29.13 7.10
CA THR B 73 -15.71 28.67 6.21
C THR B 73 -14.99 27.47 6.82
N GLU B 74 -14.17 26.81 6.02
CA GLU B 74 -13.36 25.71 6.52
C GLU B 74 -12.30 26.24 7.48
N ILE B 75 -11.93 25.41 8.46
CA ILE B 75 -10.95 25.78 9.47
C ILE B 75 -9.69 24.91 9.31
N PRO B 76 -8.52 25.55 9.22
CA PRO B 76 -7.30 24.78 9.16
C PRO B 76 -6.83 24.39 10.55
N GLU B 77 -5.99 23.36 10.62
CA GLU B 77 -5.43 22.88 11.87
C GLU B 77 -4.44 23.92 12.41
N PHE B 78 -4.49 24.17 13.71
CA PHE B 78 -3.47 24.98 14.38
C PHE B 78 -2.22 24.12 14.62
N PRO B 79 -1.08 24.50 13.99
CA PRO B 79 0.10 23.64 13.99
C PRO B 79 0.97 23.78 15.24
N ILE B 80 1.52 22.67 15.72
CA ILE B 80 2.41 22.65 16.87
C ILE B 80 3.56 21.69 16.64
N ALA B 81 4.79 22.21 16.61
CA ALA B 81 5.99 21.38 16.47
C ALA B 81 6.20 20.52 17.73
N PRO B 82 6.63 19.26 17.54
CA PRO B 82 6.89 18.37 18.69
C PRO B 82 7.86 18.92 19.74
N GLU B 83 8.82 19.73 19.33
CA GLU B 83 9.83 20.28 20.25
C GLU B 83 9.19 21.14 21.34
N ILE B 84 8.13 21.85 20.98
CA ILE B 84 7.52 22.85 21.85
C ILE B 84 6.21 22.41 22.51
N ALA B 85 5.77 21.19 22.25
CA ALA B 85 4.45 20.74 22.70
C ALA B 85 4.31 20.69 24.21
N LEU B 86 5.33 20.21 24.90
CA LEU B 86 5.24 20.07 26.35
C LEU B 86 5.22 21.43 27.05
N GLU B 87 6.12 22.32 26.65
CA GLU B 87 6.20 23.63 27.28
C GLU B 87 4.95 24.46 26.98
N LEU B 88 4.41 24.32 25.78
CA LEU B 88 3.20 25.02 25.36
C LEU B 88 1.98 24.53 26.16
N LEU B 89 1.89 23.20 26.36
CA LEU B 89 0.85 22.59 27.17
C LEU B 89 0.79 23.23 28.55
N MET B 90 1.95 23.33 29.19
CA MET B 90 2.04 23.88 30.53
C MET B 90 1.59 25.33 30.57
N ALA B 91 1.98 26.12 29.56
CA ALA B 91 1.61 27.54 29.50
C ALA B 91 0.11 27.76 29.22
N ALA B 92 -0.48 26.91 28.37
CA ALA B 92 -1.93 26.96 28.11
C ALA B 92 -2.76 26.55 29.34
N ASN B 93 -2.26 25.59 30.11
CA ASN B 93 -2.89 25.22 31.37
C ASN B 93 -2.91 26.40 32.35
N PHE B 94 -1.77 27.09 32.44
CA PHE B 94 -1.62 28.25 33.32
C PHE B 94 -2.50 29.43 32.88
N LEU B 95 -2.51 29.70 31.58
CA LEU B 95 -3.24 30.85 31.02
C LEU B 95 -4.72 30.57 30.80
N ASP B 96 -5.13 29.31 30.90
CA ASP B 96 -6.52 28.91 30.70
C ASP B 96 -7.01 29.31 29.30
N CYS B 97 -6.28 28.91 28.26
CA CYS B 97 -6.75 29.10 26.88
C CYS B 97 -6.67 27.80 26.05
N VAL C 11 -32.47 8.17 26.62
CA VAL C 11 -32.84 9.55 26.18
C VAL C 11 -32.41 9.81 24.73
N LEU C 12 -31.10 9.95 24.49
CA LEU C 12 -30.61 10.20 23.12
C LEU C 12 -30.66 8.96 22.25
N ARG C 13 -31.59 8.94 21.30
CA ARG C 13 -31.74 7.81 20.39
C ARG C 13 -32.51 8.16 19.10
N SER C 14 -32.19 7.44 18.04
CA SER C 14 -32.93 7.60 16.79
C SER C 14 -34.39 7.19 17.00
N VAL C 15 -35.25 7.84 16.26
CA VAL C 15 -36.64 7.48 16.15
C VAL C 15 -36.80 6.48 15.01
N ASN C 16 -37.51 5.39 15.22
CA ASN C 16 -37.74 4.42 14.16
C ASN C 16 -38.90 4.89 13.26
N SER C 17 -38.60 5.85 12.39
CA SER C 17 -39.61 6.49 11.54
C SER C 17 -39.88 5.71 10.25
N ARG C 18 -38.88 4.95 9.79
CA ARG C 18 -38.95 4.25 8.50
C ARG C 18 -39.24 5.17 7.30
N GLU C 19 -38.93 6.47 7.41
CA GLU C 19 -39.11 7.43 6.30
C GLU C 19 -37.75 7.87 5.75
N PRO C 20 -37.39 7.46 4.53
CA PRO C 20 -36.04 7.68 3.99
C PRO C 20 -35.62 9.14 3.89
N SER C 21 -34.33 9.38 4.03
CA SER C 21 -33.72 10.69 3.84
C SER C 21 -32.33 10.51 3.26
N GLN C 22 -32.12 11.03 2.06
CA GLN C 22 -30.82 10.98 1.39
C GLN C 22 -29.95 12.12 1.93
N VAL C 23 -28.70 11.81 2.26
CA VAL C 23 -27.75 12.77 2.86
C VAL C 23 -26.37 12.70 2.20
N ILE C 24 -25.65 13.82 2.18
CA ILE C 24 -24.22 13.83 1.77
C ILE C 24 -23.34 14.07 2.98
N PHE C 25 -22.48 13.10 3.29
CA PHE C 25 -21.44 13.31 4.31
C PHE C 25 -20.24 13.88 3.59
N ASN C 27 -16.55 15.57 4.20
CA ASN C 27 -15.48 15.75 5.18
C ASN C 27 -14.56 16.91 4.77
N ARG C 28 -14.81 18.07 5.34
CA ARG C 28 -13.98 19.23 5.13
C ARG C 28 -13.02 19.42 6.31
N SER C 29 -12.46 18.32 6.78
CA SER C 29 -11.44 18.36 7.82
C SER C 29 -10.18 17.66 7.29
N PRO C 30 -9.05 17.81 8.00
CA PRO C 30 -7.85 17.07 7.62
C PRO C 30 -7.74 15.69 8.29
N ARG C 31 -8.74 15.32 9.11
CA ARG C 31 -8.72 14.04 9.82
C ARG C 31 -9.47 12.93 9.05
N VAL C 32 -9.18 11.68 9.39
CA VAL C 32 -9.96 10.54 8.90
C VAL C 32 -11.20 10.44 9.77
N VAL C 33 -12.38 10.43 9.16
CA VAL C 33 -13.63 10.63 9.91
C VAL C 33 -14.40 9.32 10.14
N LEU C 34 -14.97 9.19 11.34
CA LEU C 34 -15.78 8.03 11.74
C LEU C 34 -17.20 8.49 12.06
N PRO C 35 -18.16 8.15 11.19
CA PRO C 35 -19.54 8.45 11.50
C PRO C 35 -20.12 7.44 12.49
N VAL C 36 -20.91 7.94 13.43
CA VAL C 36 -21.50 7.14 14.51
C VAL C 36 -23.02 7.33 14.56
N TRP C 37 -23.77 6.27 14.28
CA TRP C 37 -25.23 6.28 14.32
C TRP C 37 -25.69 5.83 15.71
N LEU C 38 -26.57 6.62 16.33
CA LEU C 38 -27.14 6.24 17.61
C LEU C 38 -28.40 5.45 17.33
N ASN C 39 -28.38 4.18 17.67
CA ASN C 39 -29.49 3.28 17.32
C ASN C 39 -30.67 3.41 18.28
N PHE C 40 -31.67 2.54 18.11
CA PHE C 40 -32.94 2.72 18.77
C PHE C 40 -32.90 2.51 20.28
N ASP C 41 -31.80 1.96 20.80
CA ASP C 41 -31.60 1.84 22.25
C ASP C 41 -30.57 2.82 22.77
N GLY C 42 -30.10 3.73 21.90
CA GLY C 42 -29.10 4.73 22.30
C GLY C 42 -27.66 4.28 22.20
N GLU C 43 -27.43 3.07 21.69
CA GLU C 43 -26.07 2.54 21.53
C GLU C 43 -25.38 3.14 20.30
N PRO C 44 -24.11 3.55 20.46
CA PRO C 44 -23.36 4.07 19.33
C PRO C 44 -22.92 2.95 18.39
N GLN C 45 -23.19 3.14 17.11
CA GLN C 45 -22.83 2.16 16.08
C GLN C 45 -21.93 2.80 15.01
N PRO C 46 -20.67 2.33 14.90
CA PRO C 46 -19.74 2.88 13.92
C PRO C 46 -20.04 2.43 12.48
N TYR C 47 -19.73 3.31 11.53
CA TYR C 47 -19.93 3.08 10.09
C TYR C 47 -18.60 3.30 9.37
N PRO C 48 -18.52 2.96 8.07
CA PRO C 48 -17.20 3.06 7.42
C PRO C 48 -16.65 4.49 7.41
N THR C 49 -15.32 4.61 7.36
CA THR C 49 -14.66 5.90 7.49
C THR C 49 -14.58 6.69 6.17
N LEU C 50 -14.43 8.02 6.33
CA LEU C 50 -14.16 8.93 5.21
C LEU C 50 -12.75 9.51 5.31
N PRO C 51 -11.96 9.35 4.25
CA PRO C 51 -10.69 10.09 4.19
C PRO C 51 -10.90 11.61 4.12
N PRO C 52 -9.88 12.41 4.49
CA PRO C 52 -9.97 13.89 4.41
C PRO C 52 -10.33 14.39 3.03
N GLY C 53 -11.26 15.35 2.94
CA GLY C 53 -11.66 15.95 1.67
C GLY C 53 -12.53 15.10 0.76
N THR C 54 -13.13 14.03 1.29
CA THR C 54 -13.96 13.14 0.50
C THR C 54 -15.43 13.20 0.95
N GLY C 55 -16.30 12.61 0.15
CA GLY C 55 -17.72 12.54 0.47
C GLY C 55 -18.42 11.25 0.09
N ARG C 56 -19.59 11.02 0.67
CA ARG C 56 -20.40 9.83 0.37
C ARG C 56 -21.87 10.23 0.36
N ARG C 57 -22.61 9.72 -0.61
CA ARG C 57 -24.05 9.89 -0.62
C ARG C 57 -24.62 8.67 0.04
N ILE C 58 -25.37 8.84 1.12
CA ILE C 58 -25.89 7.71 1.85
C ILE C 58 -27.36 7.86 2.14
N HIS C 59 -27.99 6.71 2.37
CA HIS C 59 -29.42 6.63 2.67
C HIS C 59 -29.61 6.45 4.17
N SER C 60 -30.10 7.51 4.83
CA SER C 60 -30.47 7.46 6.25
C SER C 60 -31.99 7.63 6.35
N TYR C 61 -32.51 8.01 7.51
CA TYR C 61 -33.95 8.16 7.70
C TYR C 61 -34.25 9.38 8.57
N ARG C 62 -35.43 9.97 8.35
CA ARG C 62 -35.87 11.12 9.15
C ARG C 62 -35.90 10.79 10.64
N GLY C 63 -35.36 11.68 11.46
CA GLY C 63 -35.38 11.51 12.91
C GLY C 63 -34.21 10.73 13.49
N HIS C 64 -33.27 10.29 12.64
CA HIS C 64 -32.11 9.56 13.12
C HIS C 64 -31.01 10.51 13.61
N LEU C 65 -30.22 10.04 14.57
CA LEU C 65 -29.15 10.84 15.16
C LEU C 65 -27.78 10.35 14.75
N TRP C 66 -26.92 11.29 14.33
CA TRP C 66 -25.52 11.01 14.01
C TRP C 66 -24.58 11.98 14.71
N LEU C 67 -23.38 11.51 15.05
CA LEU C 67 -22.27 12.40 15.40
C LEU C 67 -20.99 11.91 14.74
N PHE C 68 -19.95 12.74 14.75
CA PHE C 68 -18.74 12.49 13.95
C PHE C 68 -17.46 12.67 14.76
N ARG C 69 -16.49 11.80 14.51
CA ARG C 69 -15.24 11.71 15.28
C ARG C 69 -14.02 11.49 14.40
N ASP C 70 -12.84 11.81 14.93
CA ASP C 70 -11.58 11.35 14.35
C ASP C 70 -11.47 9.85 14.57
N ALA C 71 -11.29 9.10 13.50
CA ALA C 71 -11.36 7.64 13.53
C ALA C 71 -10.25 6.98 14.34
N GLY C 72 -9.12 7.69 14.51
CA GLY C 72 -7.94 7.15 15.18
C GLY C 72 -7.74 7.62 16.62
N THR C 73 -8.13 8.86 16.90
CA THR C 73 -7.97 9.41 18.25
C THR C 73 -9.29 9.66 18.97
N HIS C 74 -10.41 9.58 18.25
CA HIS C 74 -11.75 9.85 18.79
C HIS C 74 -12.01 11.31 19.21
N ASP C 75 -11.13 12.22 18.82
CA ASP C 75 -11.36 13.65 18.99
C ASP C 75 -12.70 14.00 18.35
N GLY C 76 -13.44 14.91 18.95
CA GLY C 76 -14.76 15.29 18.49
C GLY C 76 -14.70 16.27 17.34
N LEU C 77 -15.62 16.11 16.39
CA LEU C 77 -15.75 17.02 15.25
C LEU C 77 -17.13 17.66 15.23
N LEU C 78 -17.29 18.71 14.43
CA LEU C 78 -18.57 19.40 14.30
C LEU C 78 -19.22 19.04 12.98
N VAL C 79 -20.55 19.13 12.94
CA VAL C 79 -21.31 18.88 11.73
C VAL C 79 -22.34 19.99 11.60
N ASN C 80 -22.36 20.64 10.43
CA ASN C 80 -23.06 21.90 10.25
C ASN C 80 -23.00 22.74 11.51
N GLN C 81 -21.78 22.99 11.98
CA GLN C 81 -21.50 23.92 13.09
C GLN C 81 -21.89 23.45 14.49
N THR C 82 -22.29 22.19 14.65
CA THR C 82 -22.82 21.74 15.94
C THR C 82 -22.47 20.27 16.21
N GLU C 83 -22.91 19.76 17.36
CA GLU C 83 -22.56 18.41 17.82
C GLU C 83 -23.30 17.31 17.08
N LEU C 84 -24.62 17.41 17.03
CA LEU C 84 -25.48 16.36 16.50
C LEU C 84 -26.12 16.74 15.16
N PHE C 85 -26.31 15.74 14.31
CA PHE C 85 -26.96 15.91 13.01
C PHE C 85 -28.18 14.98 12.88
N VAL C 86 -29.32 15.56 12.51
CA VAL C 86 -30.58 14.82 12.39
C VAL C 86 -31.19 15.02 11.00
N PRO C 87 -31.19 13.97 10.16
CA PRO C 87 -31.75 14.11 8.80
C PRO C 87 -33.21 14.58 8.77
N SER C 88 -33.52 15.52 7.88
CA SER C 88 -34.85 16.10 7.74
C SER C 88 -35.51 15.71 6.39
N LEU C 89 -36.69 16.28 6.13
CA LEU C 89 -37.41 16.05 4.87
C LEU C 89 -36.62 16.60 3.67
N ASN C 90 -36.51 15.79 2.61
CA ASN C 90 -35.89 16.22 1.35
C ASN C 90 -36.87 17.01 0.48
N VAL C 91 -36.51 18.25 0.16
CA VAL C 91 -37.33 19.13 -0.69
C VAL C 91 -36.81 19.13 -2.15
N ASP C 92 -37.71 18.83 -3.08
CA ASP C 92 -37.40 18.75 -4.53
C ASP C 92 -36.46 17.59 -4.92
N GLY C 93 -36.40 16.56 -4.08
CA GLY C 93 -35.49 15.43 -4.29
C GLY C 93 -34.02 15.80 -4.15
N GLN C 94 -33.72 16.82 -3.35
CA GLN C 94 -32.34 17.23 -3.12
C GLN C 94 -31.86 16.63 -1.78
N PRO C 95 -30.61 16.13 -1.74
CA PRO C 95 -30.08 15.63 -0.47
C PRO C 95 -29.79 16.75 0.53
N ILE C 96 -29.77 16.38 1.81
CA ILE C 96 -29.41 17.29 2.90
C ILE C 96 -27.90 17.25 3.03
N PHE C 97 -27.27 18.41 3.11
CA PHE C 97 -25.83 18.46 3.22
C PHE C 97 -25.40 18.35 4.69
N ALA C 98 -24.34 17.59 4.93
CA ALA C 98 -23.76 17.47 6.26
C ALA C 98 -22.27 17.78 6.21
N ASN C 99 -21.96 19.04 6.48
CA ASN C 99 -20.60 19.55 6.51
C ASN C 99 -19.84 19.24 7.78
N ILE C 100 -18.82 18.39 7.67
CA ILE C 100 -18.01 17.98 8.80
C ILE C 100 -16.69 18.75 8.82
N THR C 101 -16.44 19.46 9.92
CA THR C 101 -15.32 20.39 10.05
C THR C 101 -14.55 20.20 11.37
N LEU C 102 -13.37 20.82 11.44
CA LEU C 102 -12.65 20.94 12.72
C LEU C 102 -13.32 21.99 13.57
N PRO C 103 -13.42 21.72 14.87
CA PRO C 103 -13.75 22.82 15.77
C PRO C 103 -12.51 23.67 16.07
N VAL C 104 -12.72 24.86 16.61
CA VAL C 104 -11.62 25.65 17.15
C VAL C 104 -11.35 25.08 18.54
N TYR C 105 -10.49 24.06 18.62
CA TYR C 105 -10.12 23.49 19.91
C TYR C 105 -9.48 24.57 20.76
N THR C 106 -9.58 24.44 22.08
CA THR C 106 -8.80 25.29 22.97
C THR C 106 -7.35 24.92 22.70
N LEU C 107 -6.43 25.83 23.00
CA LEU C 107 -5.01 25.56 22.86
C LEU C 107 -4.55 24.41 23.78
N LYS C 108 -5.12 24.35 24.98
CA LYS C 108 -4.85 23.23 25.91
C LYS C 108 -5.20 21.86 25.31
N GLU C 109 -6.39 21.74 24.74
CA GLU C 109 -6.84 20.46 24.21
C GLU C 109 -6.04 20.05 22.98
N ARG C 110 -5.63 21.04 22.20
CA ARG C 110 -4.78 20.80 21.04
C ARG C 110 -3.40 20.27 21.50
N CYS C 111 -2.81 20.93 22.48
CA CYS C 111 -1.54 20.47 23.05
C CYS C 111 -1.62 19.01 23.53
N LEU C 112 -2.72 18.64 24.18
CA LEU C 112 -2.93 17.26 24.61
C LEU C 112 -2.97 16.30 23.42
N GLN C 113 -3.67 16.69 22.34
CA GLN C 113 -3.75 15.85 21.13
C GLN C 113 -2.35 15.49 20.63
N VAL C 114 -1.50 16.50 20.47
CA VAL C 114 -0.17 16.31 19.89
C VAL C 114 0.68 15.43 20.80
N VAL C 115 0.64 15.70 22.11
CA VAL C 115 1.39 14.92 23.10
C VAL C 115 0.93 13.47 23.10
N ARG C 116 -0.38 13.23 23.14
CA ARG C 116 -0.91 11.86 23.05
C ARG C 116 -0.39 11.13 21.80
N SER C 117 -0.26 11.85 20.70
CA SER C 117 0.22 11.27 19.44
C SER C 117 1.72 11.01 19.41
N LEU C 118 2.45 11.56 20.39
CA LEU C 118 3.89 11.37 20.49
C LEU C 118 4.33 10.43 21.59
N VAL C 119 3.56 10.35 22.67
CA VAL C 119 3.91 9.54 23.84
C VAL C 119 2.97 8.36 23.94
N LYS C 120 3.53 7.18 24.16
CA LYS C 120 2.71 5.97 24.35
C LYS C 120 2.12 6.01 25.76
N PRO C 121 0.82 5.66 25.89
CA PRO C 121 0.09 5.81 27.17
C PRO C 121 0.80 5.30 28.42
N GLU C 122 1.69 4.31 28.26
CA GLU C 122 2.45 3.75 29.39
C GLU C 122 3.44 4.77 29.96
N ASN C 123 3.83 5.75 29.16
CA ASN C 123 4.86 6.72 29.54
C ASN C 123 4.35 8.12 29.94
N TYR C 124 3.03 8.31 29.95
CA TYR C 124 2.45 9.60 30.40
C TYR C 124 3.02 10.00 31.77
N ARG C 125 3.18 9.03 32.66
CA ARG C 125 3.66 9.26 34.04
C ARG C 125 5.15 9.62 34.14
N ARG C 126 5.96 9.17 33.18
CA ARG C 126 7.38 9.49 33.15
C ARG C 126 7.65 10.95 32.70
N LEU C 127 6.64 11.61 32.15
CA LEU C 127 6.74 13.03 31.78
C LEU C 127 6.86 13.93 33.02
N ASP C 128 7.55 15.06 32.86
CA ASP C 128 7.76 16.00 33.95
C ASP C 128 6.69 17.10 33.96
N ILE C 129 5.54 16.77 34.54
CA ILE C 129 4.39 17.68 34.63
C ILE C 129 3.54 17.36 35.86
N VAL C 130 2.68 18.29 36.26
CA VAL C 130 1.83 18.09 37.45
C VAL C 130 0.82 16.94 37.26
N ARG C 131 0.54 16.24 38.35
CA ARG C 131 -0.31 15.05 38.29
C ARG C 131 -1.62 15.28 37.54
N SER C 132 -2.23 16.46 37.69
CA SER C 132 -3.53 16.75 37.04
C SER C 132 -3.45 16.84 35.51
N LEU C 133 -2.24 17.02 34.97
CA LEU C 133 -2.01 16.92 33.52
C LEU C 133 -1.86 15.47 33.06
N TYR C 134 -1.29 14.62 33.92
CA TYR C 134 -1.29 13.18 33.70
C TYR C 134 -2.75 12.69 33.59
N GLU C 135 -3.62 13.17 34.46
CA GLU C 135 -5.04 12.82 34.41
C GLU C 135 -5.71 13.35 33.15
N ASP C 136 -5.36 14.59 32.75
CA ASP C 136 -5.91 15.18 31.52
C ASP C 136 -5.50 14.40 30.26
N LEU C 137 -4.26 13.90 30.23
CA LEU C 137 -3.79 13.00 29.14
C LEU C 137 -4.48 11.64 29.10
N GLU C 138 -4.67 11.02 30.27
CA GLU C 138 -5.29 9.69 30.36
C GLU C 138 -6.79 9.74 30.07
N ASP C 139 -7.40 10.91 30.24
CA ASP C 139 -8.82 11.09 30.00
C ASP C 139 -9.11 11.36 28.53
N HIS C 140 -8.68 10.48 27.63
CA HIS C 140 -8.82 10.78 26.20
C HIS C 140 -10.29 10.82 25.75
N PRO C 141 -10.55 11.51 24.62
CA PRO C 141 -11.92 11.67 24.22
C PRO C 141 -12.59 10.31 24.00
N ASN C 142 -13.85 10.23 24.40
CA ASN C 142 -14.60 8.99 24.45
C ASN C 142 -16.06 9.31 24.14
N VAL C 143 -16.69 8.50 23.28
CA VAL C 143 -18.07 8.76 22.83
C VAL C 143 -19.10 8.54 23.95
N GLN C 144 -18.90 7.52 24.77
CA GLN C 144 -19.79 7.27 25.90
C GLN C 144 -19.87 8.49 26.81
N LYS C 145 -18.73 9.05 27.20
CA LYS C 145 -18.71 10.20 28.12
C LYS C 145 -19.48 11.39 27.54
N ASP C 146 -19.25 11.68 26.26
CA ASP C 146 -19.89 12.81 25.60
C ASP C 146 -21.41 12.64 25.47
N LEU C 147 -21.88 11.40 25.40
CA LEU C 147 -23.32 11.13 25.42
C LEU C 147 -23.91 11.42 26.81
N GLU C 148 -23.22 10.96 27.85
CA GLU C 148 -23.63 11.22 29.23
C GLU C 148 -23.66 12.73 29.50
N ARG C 149 -22.61 13.41 29.07
CA ARG C 149 -22.54 14.88 29.17
C ARG C 149 -23.80 15.51 28.54
N LEU C 150 -24.02 15.22 27.25
CA LEU C 150 -25.15 15.81 26.51
C LEU C 150 -26.51 15.23 26.92
N THR C 151 -26.66 14.86 28.19
CA THR C 151 -27.92 14.36 28.72
C THR C 151 -28.13 14.91 30.14
N MET D 1 21.30 4.05 6.15
CA MET D 1 21.84 2.91 6.97
C MET D 1 22.82 3.43 8.02
N ASP D 2 22.74 2.88 9.23
CA ASP D 2 23.59 3.29 10.34
C ASP D 2 24.92 2.56 10.32
N VAL D 3 25.95 3.22 10.85
CA VAL D 3 27.23 2.57 11.10
C VAL D 3 27.56 2.77 12.57
N PHE D 4 28.33 1.83 13.12
CA PHE D 4 28.66 1.85 14.55
C PHE D 4 30.18 1.88 14.75
N LEU D 5 30.66 2.85 15.52
CA LEU D 5 32.07 3.21 15.53
C LEU D 5 32.69 3.27 16.93
N MET D 6 33.99 2.99 16.98
CA MET D 6 34.86 3.37 18.10
C MET D 6 35.84 4.44 17.63
N ILE D 7 35.82 5.61 18.26
CA ILE D 7 36.77 6.67 17.94
C ILE D 7 37.84 6.74 19.02
N ARG D 8 39.07 6.41 18.64
CA ARG D 8 40.12 6.12 19.61
C ARG D 8 41.34 7.05 19.54
N ARG D 9 41.72 7.59 20.70
CA ARG D 9 42.93 8.38 20.87
C ARG D 9 43.60 7.99 22.19
N HIS D 10 44.88 7.60 22.13
CA HIS D 10 45.66 7.26 23.33
C HIS D 10 44.96 6.20 24.18
N LYS D 11 44.28 6.60 25.27
CA LYS D 11 43.51 5.69 26.12
C LYS D 11 42.04 6.10 26.21
N THR D 12 41.57 6.85 25.21
CA THR D 12 40.18 7.27 25.11
C THR D 12 39.49 6.51 23.96
N THR D 13 38.32 5.92 24.25
CA THR D 13 37.52 5.22 23.26
C THR D 13 36.06 5.65 23.36
N ILE D 14 35.55 6.28 22.31
CA ILE D 14 34.16 6.77 22.29
C ILE D 14 33.28 5.85 21.45
N PHE D 15 32.12 5.48 22.00
CA PHE D 15 31.15 4.63 21.31
C PHE D 15 30.00 5.48 20.81
N THR D 16 29.82 5.54 19.50
CA THR D 16 28.73 6.31 18.91
C THR D 16 28.33 5.69 17.57
N ASP D 17 27.25 6.18 16.99
CA ASP D 17 26.80 5.74 15.66
C ASP D 17 26.61 6.95 14.74
N ALA D 18 26.31 6.67 13.49
CA ALA D 18 26.13 7.70 12.46
C ALA D 18 25.56 7.10 11.18
N LYS D 19 24.92 7.93 10.36
CA LYS D 19 24.40 7.49 9.09
C LYS D 19 25.55 7.38 8.05
N GLU D 20 25.41 6.43 7.14
CA GLU D 20 26.44 6.13 6.13
C GLU D 20 26.76 7.32 5.23
N SER D 21 25.76 8.14 4.96
CA SER D 21 25.89 9.30 4.09
C SER D 21 26.29 10.60 4.82
N SER D 22 26.50 10.54 6.14
CA SER D 22 27.01 11.68 6.90
C SER D 22 28.49 11.89 6.60
N THR D 23 28.98 13.11 6.81
CA THR D 23 30.33 13.47 6.42
C THR D 23 31.32 13.40 7.57
N VAL D 24 32.60 13.43 7.21
CA VAL D 24 33.68 13.41 8.20
C VAL D 24 33.63 14.64 9.12
N PHE D 25 33.31 15.79 8.54
CA PHE D 25 33.18 17.03 9.31
C PHE D 25 32.08 16.87 10.34
N GLU D 26 30.93 16.40 9.90
CA GLU D 26 29.79 16.18 10.80
C GLU D 26 30.14 15.24 11.97
N LEU D 27 31.06 14.31 11.73
CA LEU D 27 31.59 13.42 12.80
C LEU D 27 32.53 14.15 13.78
N LYS D 28 33.32 15.10 13.28
CA LYS D 28 34.15 15.96 14.16
C LYS D 28 33.29 16.85 15.08
N ARG D 29 32.13 17.28 14.60
CA ARG D 29 31.22 18.06 15.44
C ARG D 29 30.78 17.27 16.67
N ILE D 30 30.59 15.97 16.51
CA ILE D 30 30.17 15.10 17.61
C ILE D 30 31.28 14.89 18.63
N VAL D 31 32.50 14.69 18.14
CA VAL D 31 33.68 14.59 19.01
C VAL D 31 33.84 15.87 19.82
N GLU D 32 33.64 17.01 19.16
CA GLU D 32 33.69 18.34 19.79
C GLU D 32 32.75 18.43 20.98
N GLY D 33 31.51 17.95 20.81
CA GLY D 33 30.52 17.92 21.89
C GLY D 33 30.98 17.15 23.10
N ILE D 34 31.69 16.04 22.87
CA ILE D 34 32.16 15.17 23.93
C ILE D 34 33.48 15.67 24.57
N LEU D 35 34.53 15.80 23.76
CA LEU D 35 35.87 16.13 24.27
C LEU D 35 36.26 17.62 24.19
N LYS D 36 35.31 18.48 23.85
CA LYS D 36 35.47 19.93 23.94
C LYS D 36 36.59 20.48 23.06
N ARG D 37 36.79 19.89 21.89
CA ARG D 37 37.79 20.38 20.93
C ARG D 37 37.15 20.67 19.56
N PRO D 38 37.36 21.89 19.03
CA PRO D 38 36.77 22.24 17.74
C PRO D 38 37.38 21.47 16.54
N PRO D 39 36.60 21.26 15.47
CA PRO D 39 37.00 20.47 14.29
C PRO D 39 38.40 20.74 13.75
N ASP D 40 38.78 22.01 13.64
CA ASP D 40 40.08 22.38 13.07
C ASP D 40 41.29 21.91 13.91
N GLU D 41 41.07 21.55 15.18
CA GLU D 41 42.11 20.94 16.01
C GLU D 41 42.00 19.41 16.05
N GLN D 42 41.35 18.82 15.06
CA GLN D 42 41.15 17.37 14.99
C GLN D 42 41.58 16.80 13.66
N ARG D 43 42.15 15.58 13.69
CA ARG D 43 42.37 14.78 12.48
C ARG D 43 41.78 13.38 12.70
N LEU D 44 41.01 12.90 11.73
CA LEU D 44 40.44 11.55 11.80
C LEU D 44 41.09 10.64 10.79
N TYR D 45 41.27 9.38 11.17
CA TYR D 45 41.96 8.38 10.35
C TYR D 45 41.15 7.10 10.19
N LYS D 46 41.37 6.43 9.06
CA LYS D 46 41.05 5.01 8.92
C LYS D 46 42.38 4.31 8.72
N ASP D 47 42.82 3.55 9.71
CA ASP D 47 44.18 3.01 9.75
C ASP D 47 45.23 4.16 9.66
N ASP D 48 46.06 4.17 8.61
CA ASP D 48 47.08 5.21 8.44
C ASP D 48 46.69 6.35 7.49
N GLN D 49 45.43 6.38 7.04
CA GLN D 49 44.96 7.35 6.03
C GLN D 49 44.15 8.49 6.67
N LEU D 50 44.55 9.73 6.36
CA LEU D 50 43.84 10.92 6.81
C LEU D 50 42.57 11.12 6.00
N LEU D 51 41.49 11.48 6.69
CA LEU D 51 40.16 11.59 6.09
C LEU D 51 39.77 13.05 5.84
N ASP D 52 39.34 13.35 4.60
CA ASP D 52 38.90 14.69 4.21
C ASP D 52 37.55 15.05 4.84
N ASP D 53 37.39 16.31 5.23
CA ASP D 53 36.15 16.81 5.84
C ASP D 53 34.92 16.58 4.96
N GLY D 54 35.06 16.83 3.67
CA GLY D 54 33.92 16.80 2.75
C GLY D 54 33.33 15.42 2.46
N LYS D 55 34.13 14.37 2.63
CA LYS D 55 33.72 13.02 2.20
C LYS D 55 32.75 12.34 3.17
N THR D 56 31.90 11.46 2.64
CA THR D 56 30.97 10.69 3.47
C THR D 56 31.69 9.48 4.05
N LEU D 57 31.14 8.93 5.12
CA LEU D 57 31.70 7.77 5.79
C LEU D 57 31.64 6.51 4.90
N GLY D 58 30.57 6.43 4.10
CA GLY D 58 30.40 5.34 3.12
C GLY D 58 31.47 5.33 2.06
N GLU D 59 31.84 6.53 1.59
CA GLU D 59 32.94 6.72 0.62
C GLU D 59 34.29 6.28 1.19
N GLY D 61 34.77 4.00 3.37
CA GLY D 61 34.79 2.56 3.68
C GLY D 61 34.13 2.10 4.97
N PHE D 62 33.36 2.98 5.60
CA PHE D 62 32.53 2.59 6.76
C PHE D 62 31.13 2.30 6.29
N THR D 63 30.79 1.02 6.23
CA THR D 63 29.48 0.56 5.76
C THR D 63 28.75 -0.17 6.88
N SER D 64 27.43 -0.19 6.78
CA SER D 64 26.57 -0.78 7.81
C SER D 64 26.95 -2.22 8.08
N GLN D 65 27.45 -2.91 7.06
CA GLN D 65 27.77 -4.32 7.19
C GLN D 65 29.18 -4.66 7.70
N THR D 66 30.06 -3.66 7.84
CA THR D 66 31.36 -3.84 8.51
C THR D 66 31.43 -3.13 9.87
N ALA D 67 30.82 -1.95 9.93
CA ALA D 67 30.69 -1.21 11.19
C ALA D 67 29.39 -1.62 11.93
N ARG D 68 29.43 -2.79 12.58
CA ARG D 68 28.25 -3.37 13.22
C ARG D 68 28.16 -3.04 14.71
N PRO D 69 26.96 -3.19 15.30
CA PRO D 69 26.80 -2.85 16.71
C PRO D 69 27.69 -3.67 17.64
N GLN D 70 27.81 -4.96 17.36
CA GLN D 70 28.56 -5.88 18.21
C GLN D 70 30.02 -6.03 17.79
N ALA D 71 30.44 -5.28 16.78
CA ALA D 71 31.82 -5.31 16.29
C ALA D 71 32.02 -4.05 15.47
N PRO D 72 32.16 -2.91 16.16
CA PRO D 72 32.20 -1.60 15.51
C PRO D 72 33.54 -1.29 14.86
N ALA D 73 33.51 -0.43 13.84
CA ALA D 73 34.71 -0.05 13.10
C ALA D 73 35.47 1.05 13.84
N THR D 74 36.79 0.93 13.88
CA THR D 74 37.64 1.91 14.58
C THR D 74 37.94 3.15 13.71
N VAL D 75 38.00 4.31 14.35
CA VAL D 75 38.40 5.56 13.70
C VAL D 75 39.47 6.22 14.54
N GLY D 76 40.57 6.63 13.92
CA GLY D 76 41.69 7.26 14.63
C GLY D 76 41.47 8.73 14.95
N LEU D 77 42.10 9.21 16.02
CA LEU D 77 42.01 10.62 16.41
C LEU D 77 43.35 11.12 16.94
N ALA D 78 43.72 12.32 16.51
CA ALA D 78 44.93 13.02 16.93
C ALA D 78 44.62 14.50 17.05
N PHE D 79 44.99 15.11 18.17
CA PHE D 79 44.74 16.53 18.42
C PHE D 79 45.93 17.42 18.03
N ARG D 80 45.68 18.73 18.00
CA ARG D 80 46.73 19.74 17.76
C ARG D 80 47.01 20.54 19.04
N ALA D 81 48.29 20.58 19.45
CA ALA D 81 48.74 21.42 20.56
C ALA D 81 49.74 22.46 20.04
N ASP D 82 49.42 23.73 20.21
CA ASP D 82 50.21 24.86 19.68
C ASP D 82 50.20 24.84 18.15
N ASP D 83 51.39 24.84 17.54
CA ASP D 83 51.53 24.94 16.08
C ASP D 83 51.14 23.66 15.32
N THR D 84 51.63 22.50 15.77
CA THR D 84 51.58 21.26 14.99
C THR D 84 50.76 20.14 15.64
N PHE D 85 50.26 19.21 14.83
CA PHE D 85 49.51 18.03 15.30
C PHE D 85 50.43 16.98 15.90
N GLU D 86 49.94 16.24 16.89
CA GLU D 86 50.66 15.09 17.42
C GLU D 86 50.58 13.93 16.43
N ALA D 87 51.44 12.93 16.61
CA ALA D 87 51.37 11.69 15.84
C ALA D 87 50.19 10.83 16.33
N LEU D 88 49.59 10.07 15.43
CA LEU D 88 48.48 9.17 15.79
C LEU D 88 48.94 8.06 16.74
N ILE D 90 47.37 5.07 19.49
CA ILE D 90 46.24 4.33 20.05
C ILE D 90 46.81 3.24 20.94
N GLU D 91 46.52 3.31 22.24
CA GLU D 91 47.00 2.31 23.18
C GLU D 91 46.17 1.05 23.01
N PRO D 92 46.83 -0.12 22.96
CA PRO D 92 46.08 -1.37 22.86
C PRO D 92 45.40 -1.72 24.17
N PHE D 93 44.39 -2.58 24.10
CA PHE D 93 43.73 -3.11 25.30
C PHE D 93 44.61 -4.18 25.93
N SER D 94 44.24 -4.60 27.14
CA SER D 94 45.01 -5.61 27.89
C SER D 94 44.94 -7.00 27.26
N SER D 95 45.82 -7.88 27.73
CA SER D 95 45.93 -9.23 27.18
C SER D 95 45.13 -10.25 27.99
N PRO D 96 44.32 -11.07 27.30
CA PRO D 96 43.67 -12.19 27.97
C PRO D 96 44.69 -13.17 28.55
N PRO D 97 44.34 -13.85 29.66
CA PRO D 97 45.24 -14.83 30.27
C PRO D 97 45.27 -16.14 29.52
N GLU D 98 46.17 -17.05 29.91
CA GLU D 98 46.21 -18.38 29.35
C GLU D 98 44.91 -19.14 29.70
N LEU D 99 44.37 -19.87 28.73
CA LEU D 99 43.18 -20.70 28.94
C LEU D 99 43.44 -21.78 29.98
N PRO D 100 42.65 -21.80 31.08
CA PRO D 100 42.76 -22.87 32.07
C PRO D 100 42.59 -24.28 31.47
N ASP D 101 43.20 -25.28 32.09
CA ASP D 101 43.17 -26.67 31.59
C ASP D 101 41.79 -27.12 31.12
N VAL D 102 40.74 -26.82 31.89
CA VAL D 102 39.40 -27.32 31.62
C VAL D 102 38.75 -26.80 30.33
N MET D 103 39.35 -25.80 29.70
CA MET D 103 38.86 -25.22 28.45
C MET D 103 39.78 -25.54 27.27
N MET E 1 22.53 15.12 23.98
CA MET E 1 22.82 13.70 24.27
C MET E 1 23.78 13.59 25.45
N MET E 2 23.35 12.91 26.51
CA MET E 2 24.16 12.77 27.72
C MET E 2 25.10 11.57 27.58
N TYR E 3 26.38 11.77 27.92
CA TYR E 3 27.37 10.69 27.94
C TYR E 3 27.92 10.49 29.34
N VAL E 4 28.45 9.28 29.57
CA VAL E 4 29.09 8.94 30.84
C VAL E 4 30.44 8.28 30.53
N LYS E 5 31.29 8.15 31.55
CA LYS E 5 32.63 7.60 31.36
C LYS E 5 32.84 6.37 32.23
N LEU E 6 33.32 5.30 31.62
CA LEU E 6 33.61 4.07 32.33
C LEU E 6 35.09 3.74 32.21
N ILE E 7 35.77 3.65 33.34
CA ILE E 7 37.21 3.47 33.36
C ILE E 7 37.59 2.06 33.86
N SER E 8 38.41 1.36 33.08
CA SER E 8 38.83 0.00 33.41
C SER E 8 39.91 -0.02 34.50
N SER E 9 40.26 -1.22 34.96
CA SER E 9 41.31 -1.39 35.96
C SER E 9 42.65 -0.90 35.44
N ASP E 10 42.91 -1.13 34.15
CA ASP E 10 44.18 -0.71 33.51
C ASP E 10 44.15 0.70 32.88
N GLY E 11 43.24 1.56 33.34
CA GLY E 11 43.27 2.99 32.96
C GLY E 11 42.60 3.44 31.66
N HIS E 12 42.02 2.51 30.90
CA HIS E 12 41.31 2.87 29.65
C HIS E 12 39.96 3.51 29.95
N GLU E 13 39.68 4.63 29.28
CA GLU E 13 38.45 5.39 29.48
C GLU E 13 37.47 5.23 28.29
N PHE E 14 36.36 4.54 28.52
CA PHE E 14 35.35 4.33 27.48
C PHE E 14 34.18 5.29 27.70
N ILE E 15 33.78 6.00 26.65
CA ILE E 15 32.73 7.00 26.75
C ILE E 15 31.50 6.55 25.98
N VAL E 16 30.40 6.35 26.69
CA VAL E 16 29.17 5.81 26.11
C VAL E 16 27.96 6.69 26.42
N LYS E 17 26.86 6.44 25.72
CA LYS E 17 25.59 7.12 25.99
C LYS E 17 25.05 6.79 27.39
N ARG E 18 24.47 7.78 28.06
CA ARG E 18 23.90 7.58 29.38
C ARG E 18 22.80 6.52 29.32
N GLU E 19 21.93 6.63 28.32
CA GLU E 19 20.85 5.66 28.08
C GLU E 19 21.35 4.22 28.07
N HIS E 20 22.34 3.94 27.24
CA HIS E 20 22.92 2.60 27.08
C HIS E 20 23.49 2.04 28.37
N ALA E 21 24.19 2.90 29.11
CA ALA E 21 24.86 2.50 30.35
C ALA E 21 23.89 2.12 31.47
N LEU E 22 22.72 2.73 31.50
CA LEU E 22 21.71 2.44 32.51
C LEU E 22 21.06 1.04 32.33
N THR E 23 21.25 0.41 31.18
CA THR E 23 21.01 -1.03 31.02
C THR E 23 21.36 -1.78 32.33
N SER E 24 22.58 -1.56 32.81
CA SER E 24 23.05 -2.16 34.06
C SER E 24 22.54 -1.38 35.24
N GLY E 25 21.77 -2.06 36.09
CA GLY E 25 21.26 -1.47 37.33
C GLY E 25 22.35 -1.18 38.36
N THR E 26 23.44 -1.93 38.30
CA THR E 26 24.61 -1.65 39.15
C THR E 26 25.24 -0.29 38.84
N ILE E 27 25.52 -0.04 37.56
CA ILE E 27 26.07 1.24 37.15
C ILE E 27 25.12 2.40 37.49
N LYS E 28 23.82 2.19 37.31
CA LYS E 28 22.81 3.19 37.64
C LYS E 28 22.95 3.65 39.10
N ALA E 29 23.18 2.72 40.02
CA ALA E 29 23.34 3.03 41.46
C ALA E 29 24.67 3.72 41.76
N MET E 30 25.70 3.35 40.99
CA MET E 30 27.01 3.98 41.10
C MET E 30 27.03 5.43 40.59
N LEU E 31 26.11 5.78 39.69
CA LEU E 31 25.97 7.14 39.18
C LEU E 31 25.11 8.02 40.08
N SER E 32 23.91 7.52 40.41
CA SER E 32 22.97 8.23 41.28
C SER E 32 23.04 7.70 42.70
N GLY E 33 24.10 8.06 43.43
CA GLY E 33 24.27 7.66 44.82
C GLY E 33 25.61 7.01 45.08
N ASN E 40 35.44 8.22 41.74
CA ASN E 40 34.39 8.56 40.78
C ASN E 40 33.96 10.03 40.89
N GLU E 41 34.31 10.82 39.88
CA GLU E 41 33.81 12.20 39.74
C GLU E 41 32.36 12.19 39.21
N THR E 42 31.82 13.37 38.91
CA THR E 42 30.47 13.46 38.35
C THR E 42 30.46 12.80 36.96
N ASN E 43 29.58 11.81 36.78
CA ASN E 43 29.44 11.08 35.50
C ASN E 43 30.59 10.15 35.12
N GLU E 44 31.39 9.74 36.09
CA GLU E 44 32.47 8.78 35.88
C GLU E 44 32.36 7.63 36.87
N VAL E 45 32.70 6.42 36.41
CA VAL E 45 32.72 5.23 37.26
C VAL E 45 34.02 4.45 37.04
N ASN E 46 34.63 4.01 38.14
CA ASN E 46 35.87 3.23 38.11
C ASN E 46 35.65 1.77 38.48
N PHE E 47 36.31 0.88 37.74
CA PHE E 47 36.20 -0.57 37.96
C PHE E 47 37.57 -1.16 38.24
N ARG E 48 37.86 -1.40 39.51
CA ARG E 48 39.17 -1.90 39.91
C ARG E 48 39.43 -3.35 39.49
N GLU E 49 38.38 -4.12 39.24
CA GLU E 49 38.52 -5.52 38.89
C GLU E 49 38.48 -5.81 37.39
N ILE E 50 37.82 -4.94 36.63
CA ILE E 50 37.50 -5.23 35.24
C ILE E 50 38.51 -4.59 34.25
N PRO E 51 39.33 -5.43 33.58
CA PRO E 51 40.27 -4.86 32.61
C PRO E 51 39.58 -4.35 31.34
N SER E 52 40.36 -3.68 30.47
CA SER E 52 39.85 -3.06 29.24
C SER E 52 39.41 -4.07 28.19
N HIS E 53 40.10 -5.20 28.09
CA HIS E 53 39.73 -6.22 27.13
C HIS E 53 38.36 -6.83 27.46
N VAL E 54 37.99 -6.84 28.74
CA VAL E 54 36.66 -7.24 29.16
C VAL E 54 35.66 -6.10 29.07
N LEU E 55 36.04 -4.90 29.54
CA LEU E 55 35.12 -3.75 29.56
C LEU E 55 34.69 -3.28 28.15
N SER E 56 35.63 -3.27 27.20
CA SER E 56 35.29 -2.87 25.83
C SER E 56 34.17 -3.74 25.25
N LYS E 57 34.19 -5.04 25.58
CA LYS E 57 33.15 -5.97 25.15
C LYS E 57 31.81 -5.64 25.79
N VAL E 58 31.85 -5.24 27.06
CA VAL E 58 30.62 -4.85 27.76
C VAL E 58 29.95 -3.69 27.04
N CYS E 59 30.75 -2.71 26.63
CA CYS E 59 30.23 -1.53 25.93
C CYS E 59 29.62 -1.89 24.56
N MET E 60 30.16 -2.90 23.90
CA MET E 60 29.63 -3.36 22.61
C MET E 60 28.30 -4.08 22.80
N TYR E 61 28.16 -4.77 23.93
CA TYR E 61 26.90 -5.41 24.27
C TYR E 61 25.77 -4.40 24.43
N PHE E 62 26.05 -3.29 25.13
CA PHE E 62 25.07 -2.22 25.27
C PHE E 62 24.52 -1.80 23.90
N THR E 63 25.42 -1.61 22.94
CA THR E 63 25.02 -1.15 21.60
C THR E 63 24.18 -2.24 20.89
N TYR E 64 24.63 -3.49 21.03
CA TYR E 64 23.93 -4.66 20.51
C TYR E 64 22.48 -4.75 21.02
N LYS E 65 22.31 -4.69 22.34
CA LYS E 65 21.01 -4.85 22.98
C LYS E 65 20.02 -3.78 22.54
N VAL E 66 20.46 -2.52 22.59
CA VAL E 66 19.63 -1.36 22.26
C VAL E 66 19.25 -1.36 20.76
N ARG E 67 20.11 -1.93 19.93
CA ARG E 67 19.86 -1.96 18.50
C ARG E 67 18.90 -3.10 18.14
N TYR E 68 19.01 -4.21 18.85
CA TYR E 68 18.30 -5.43 18.44
C TYR E 68 17.09 -5.82 19.31
N THR E 69 16.92 -5.17 20.47
CA THR E 69 15.77 -5.44 21.34
C THR E 69 14.45 -5.11 20.63
N ASN E 70 13.52 -6.05 20.69
CA ASN E 70 12.20 -5.95 20.04
C ASN E 70 12.28 -5.46 18.59
N SER E 71 13.14 -6.12 17.83
CA SER E 71 13.39 -5.79 16.43
C SER E 71 12.65 -6.79 15.55
N SER E 72 12.11 -6.31 14.44
CA SER E 72 11.43 -7.17 13.46
C SER E 72 12.44 -8.00 12.65
N THR E 73 13.64 -7.46 12.46
CA THR E 73 14.67 -8.08 11.61
C THR E 73 15.39 -9.27 12.27
N GLU E 74 16.17 -9.98 11.46
CA GLU E 74 16.99 -11.09 11.93
C GLU E 74 18.12 -10.60 12.82
N ILE E 75 18.41 -11.36 13.86
CA ILE E 75 19.37 -10.98 14.89
C ILE E 75 20.65 -11.84 14.81
N PRO E 76 21.83 -11.20 14.83
CA PRO E 76 23.06 -11.98 14.79
C PRO E 76 23.55 -12.38 16.17
N GLU E 77 24.44 -13.36 16.19
CA GLU E 77 24.95 -13.91 17.43
C GLU E 77 25.92 -12.92 18.05
N PHE E 78 25.75 -12.63 19.34
CA PHE E 78 26.76 -11.85 20.05
C PHE E 78 28.06 -12.69 20.20
N PRO E 79 29.19 -12.18 19.68
CA PRO E 79 30.42 -12.97 19.68
C PRO E 79 31.25 -12.84 20.97
N ILE E 80 31.66 -13.96 21.54
CA ILE E 80 32.56 -13.96 22.68
C ILE E 80 33.73 -14.90 22.43
N ALA E 81 34.94 -14.34 22.38
CA ALA E 81 36.16 -15.12 22.27
C ALA E 81 36.34 -16.03 23.50
N PRO E 82 36.68 -17.31 23.28
CA PRO E 82 36.92 -18.24 24.40
C PRO E 82 37.86 -17.74 25.50
N GLU E 83 38.84 -16.92 25.13
CA GLU E 83 39.87 -16.43 26.07
C GLU E 83 39.30 -15.46 27.12
N ILE E 84 38.22 -14.75 26.77
CA ILE E 84 37.65 -13.73 27.67
C ILE E 84 36.34 -14.14 28.36
N ALA E 85 35.82 -15.32 28.02
CA ALA E 85 34.50 -15.74 28.50
C ALA E 85 34.37 -15.79 30.02
N LEU E 86 35.37 -16.36 30.69
CA LEU E 86 35.31 -16.48 32.16
C LEU E 86 35.25 -15.13 32.84
N GLU E 87 36.09 -14.20 32.43
CA GLU E 87 36.12 -12.89 33.06
C GLU E 87 34.84 -12.14 32.72
N LEU E 88 34.36 -12.30 31.50
CA LEU E 88 33.17 -11.59 31.05
C LEU E 88 31.93 -12.09 31.81
N LEU E 89 31.89 -13.39 32.08
CA LEU E 89 30.84 -13.97 32.92
C LEU E 89 30.81 -13.27 34.28
N MET E 90 31.98 -13.18 34.92
CA MET E 90 32.09 -12.56 36.24
C MET E 90 31.66 -11.09 36.19
N ALA E 91 32.11 -10.34 35.18
CA ALA E 91 31.71 -8.94 35.04
C ALA E 91 30.18 -8.79 34.86
N ALA E 92 29.59 -9.65 34.03
CA ALA E 92 28.15 -9.59 33.75
C ALA E 92 27.31 -9.96 34.97
N ASN E 93 27.86 -10.80 35.84
CA ASN E 93 27.22 -11.17 37.12
C ASN E 93 27.18 -9.98 38.08
N PHE E 94 28.29 -9.23 38.13
CA PHE E 94 28.41 -8.04 38.95
C PHE E 94 27.53 -6.89 38.46
N LEU E 95 27.54 -6.64 37.16
CA LEU E 95 26.79 -5.52 36.56
C LEU E 95 25.28 -5.82 36.34
N ASP E 96 24.90 -7.09 36.44
CA ASP E 96 23.51 -7.54 36.26
C ASP E 96 22.95 -7.23 34.88
N CYS E 97 23.74 -7.47 33.82
CA CYS E 97 23.26 -7.25 32.45
C CYS E 97 23.27 -8.52 31.60
N VAL F 11 -2.61 -27.20 32.05
CA VAL F 11 -2.88 -25.81 31.52
C VAL F 11 -2.41 -25.69 30.07
N LEU F 12 -1.10 -25.78 29.85
CA LEU F 12 -0.53 -25.69 28.51
C LEU F 12 -0.63 -27.01 27.75
N ARG F 13 -1.58 -27.07 26.82
CA ARG F 13 -1.83 -28.26 26.02
C ARG F 13 -2.38 -27.81 24.67
N SER F 14 -2.23 -28.63 23.63
CA SER F 14 -2.88 -28.34 22.36
C SER F 14 -4.38 -28.63 22.46
N VAL F 15 -5.17 -27.89 21.68
CA VAL F 15 -6.60 -28.18 21.55
C VAL F 15 -6.80 -29.20 20.42
N ASN F 16 -7.55 -30.26 20.68
CA ASN F 16 -7.87 -31.24 19.64
C ASN F 16 -8.94 -30.73 18.66
N SER F 17 -8.59 -29.73 17.86
CA SER F 17 -9.55 -29.04 17.00
C SER F 17 -9.91 -29.81 15.75
N ARG F 18 -8.97 -30.61 15.25
CA ARG F 18 -9.14 -31.30 13.97
C ARG F 18 -9.40 -30.31 12.82
N GLU F 19 -8.84 -29.11 12.95
CA GLU F 19 -9.03 -28.05 11.96
C GLU F 19 -7.68 -27.68 11.32
N PRO F 20 -7.43 -28.11 10.07
CA PRO F 20 -6.09 -27.93 9.47
C PRO F 20 -5.60 -26.48 9.37
N SER F 21 -4.30 -26.30 9.53
CA SER F 21 -3.68 -24.99 9.43
C SER F 21 -2.26 -25.18 8.91
N GLN F 22 -1.99 -24.71 7.70
CA GLN F 22 -0.66 -24.84 7.10
C GLN F 22 0.29 -23.76 7.61
N VAL F 23 1.54 -24.14 7.85
CA VAL F 23 2.53 -23.25 8.44
C VAL F 23 3.87 -23.37 7.71
N ILE F 24 4.62 -22.28 7.67
CA ILE F 24 6.01 -22.31 7.24
C ILE F 24 6.86 -22.07 8.47
N PHE F 25 7.67 -23.06 8.82
CA PHE F 25 8.69 -22.89 9.84
C PHE F 25 9.92 -22.38 9.12
N ASN F 27 13.66 -20.86 9.68
CA ASN F 27 14.74 -20.70 10.67
C ASN F 27 15.72 -19.59 10.32
N ARG F 28 15.46 -18.38 10.84
CA ARG F 28 16.37 -17.24 10.67
C ARG F 28 17.30 -17.09 11.88
N SER F 29 17.95 -18.18 12.26
CA SER F 29 18.92 -18.18 13.34
C SER F 29 20.14 -18.95 12.86
N PRO F 30 21.26 -18.81 13.57
CA PRO F 30 22.44 -19.59 13.20
C PRO F 30 22.43 -20.98 13.85
N ARG F 31 21.46 -21.24 14.73
CA ARG F 31 21.39 -22.52 15.44
C ARG F 31 20.62 -23.56 14.63
N VAL F 32 20.94 -24.83 14.89
CA VAL F 32 20.13 -25.95 14.43
C VAL F 32 18.91 -26.02 15.32
N VAL F 33 17.72 -25.98 14.72
CA VAL F 33 16.46 -25.84 15.47
C VAL F 33 15.72 -27.16 15.72
N LEU F 34 15.20 -27.31 16.94
CA LEU F 34 14.30 -28.40 17.31
C LEU F 34 12.91 -27.83 17.60
N PRO F 35 11.91 -28.13 16.75
CA PRO F 35 10.54 -27.76 17.06
C PRO F 35 9.87 -28.77 17.98
N VAL F 36 9.15 -28.26 18.98
CA VAL F 36 8.53 -29.07 20.04
C VAL F 36 7.03 -28.79 20.11
N TRP F 37 6.23 -29.82 19.88
CA TRP F 37 4.78 -29.72 19.91
C TRP F 37 4.32 -30.18 21.29
N LEU F 38 3.46 -29.40 21.92
CA LEU F 38 2.83 -29.81 23.17
C LEU F 38 1.54 -30.59 22.85
N ASN F 39 1.49 -31.86 23.24
CA ASN F 39 0.36 -32.69 22.87
C ASN F 39 -0.85 -32.47 23.79
N PHE F 40 -1.89 -33.28 23.61
CA PHE F 40 -3.17 -33.06 24.30
C PHE F 40 -3.10 -33.27 25.83
N ASP F 41 -2.11 -34.01 26.31
CA ASP F 41 -1.81 -34.11 27.75
C ASP F 41 -0.74 -33.13 28.21
N GLY F 42 -0.30 -32.22 27.33
CA GLY F 42 0.75 -31.27 27.65
C GLY F 42 2.16 -31.84 27.67
N GLU F 43 2.34 -33.04 27.12
CA GLU F 43 3.67 -33.65 27.01
C GLU F 43 4.44 -33.10 25.80
N PRO F 44 5.67 -32.59 26.02
CA PRO F 44 6.41 -32.09 24.86
C PRO F 44 6.82 -33.22 23.92
N GLN F 45 6.52 -33.06 22.64
CA GLN F 45 6.86 -34.03 21.62
C GLN F 45 7.78 -33.39 20.58
N PRO F 46 9.04 -33.88 20.47
CA PRO F 46 9.98 -33.33 19.49
C PRO F 46 9.72 -33.82 18.06
N TYR F 47 9.95 -32.92 17.09
CA TYR F 47 9.79 -33.18 15.65
C TYR F 47 11.14 -32.98 14.96
N PRO F 48 11.25 -33.37 13.67
CA PRO F 48 12.54 -33.26 12.95
C PRO F 48 13.18 -31.85 12.95
N THR F 49 14.51 -31.80 12.87
CA THR F 49 15.24 -30.54 13.03
C THR F 49 15.39 -29.74 11.73
N LEU F 50 15.63 -28.44 11.89
CA LEU F 50 15.88 -27.53 10.78
C LEU F 50 17.30 -26.94 10.86
N PRO F 51 18.10 -27.12 9.79
CA PRO F 51 19.38 -26.42 9.77
C PRO F 51 19.18 -24.91 9.62
N PRO F 52 20.22 -24.10 9.95
CA PRO F 52 20.20 -22.62 9.82
C PRO F 52 19.79 -22.14 8.45
N GLY F 53 18.96 -21.10 8.39
CA GLY F 53 18.58 -20.48 7.13
C GLY F 53 17.70 -21.30 6.22
N THR F 54 17.14 -22.39 6.72
CA THR F 54 16.25 -23.25 5.94
C THR F 54 14.80 -23.11 6.44
N GLY F 55 13.87 -23.58 5.59
CA GLY F 55 12.44 -23.51 5.87
C GLY F 55 11.68 -24.71 5.37
N ARG F 56 10.55 -25.02 6.01
CA ARG F 56 9.71 -26.14 5.61
C ARG F 56 8.22 -25.79 5.74
N ARG F 57 7.44 -26.30 4.78
CA ARG F 57 5.99 -26.11 4.79
C ARG F 57 5.38 -27.34 5.42
N ILE F 58 4.68 -27.15 6.54
CA ILE F 58 4.16 -28.28 7.35
C ILE F 58 2.64 -28.25 7.58
N HIS F 59 2.06 -29.42 7.83
CA HIS F 59 0.61 -29.56 8.08
C HIS F 59 0.30 -29.70 9.59
N SER F 60 -0.24 -28.63 10.18
CA SER F 60 -0.58 -28.57 11.60
C SER F 60 -2.07 -28.32 11.73
N TYR F 61 -2.51 -27.85 12.90
CA TYR F 61 -3.94 -27.62 13.19
C TYR F 61 -4.18 -26.41 14.10
N ARG F 62 -5.35 -25.80 13.95
CA ARG F 62 -5.72 -24.62 14.75
C ARG F 62 -5.76 -24.91 16.24
N GLY F 63 -5.21 -24.01 17.05
CA GLY F 63 -5.20 -24.15 18.50
C GLY F 63 -4.06 -24.99 19.09
N HIS F 64 -3.20 -25.56 18.23
CA HIS F 64 -2.04 -26.32 18.70
C HIS F 64 -0.89 -25.39 19.15
N LEU F 65 -0.14 -25.83 20.16
CA LEU F 65 0.97 -25.04 20.72
C LEU F 65 2.32 -25.61 20.27
N TRP F 66 3.24 -24.70 19.93
CA TRP F 66 4.61 -25.07 19.55
C TRP F 66 5.60 -24.15 20.24
N LEU F 67 6.78 -24.68 20.54
CA LEU F 67 7.92 -23.82 20.89
C LEU F 67 9.19 -24.35 20.23
N PHE F 68 10.26 -23.57 20.26
CA PHE F 68 11.45 -23.87 19.46
C PHE F 68 12.74 -23.70 20.25
N ARG F 69 13.68 -24.63 20.08
CA ARG F 69 14.94 -24.64 20.83
C ARG F 69 16.16 -24.90 19.94
N ASP F 70 17.34 -24.67 20.50
CA ASP F 70 18.59 -25.18 19.92
C ASP F 70 18.62 -26.69 20.13
N ALA F 71 18.78 -27.43 19.04
CA ALA F 71 18.75 -28.90 19.09
C ALA F 71 19.88 -29.54 19.89
N GLY F 72 21.00 -28.85 20.04
CA GLY F 72 22.16 -29.40 20.74
C GLY F 72 22.23 -29.03 22.21
N THR F 73 21.89 -27.78 22.52
CA THR F 73 22.05 -27.25 23.85
C THR F 73 20.73 -27.01 24.59
N HIS F 74 19.63 -26.94 23.84
CA HIS F 74 18.29 -26.65 24.37
C HIS F 74 18.07 -25.19 24.77
N ASP F 75 18.99 -24.31 24.41
CA ASP F 75 18.77 -22.87 24.53
C ASP F 75 17.42 -22.51 23.92
N GLY F 76 16.77 -21.50 24.48
CA GLY F 76 15.45 -21.07 24.01
C GLY F 76 15.53 -20.11 22.83
N LEU F 77 14.62 -20.29 21.87
CA LEU F 77 14.51 -19.39 20.73
C LEU F 77 13.15 -18.69 20.72
N LEU F 78 13.04 -17.59 19.98
CA LEU F 78 11.76 -16.91 19.78
C LEU F 78 11.10 -17.36 18.48
N VAL F 79 9.78 -17.26 18.44
CA VAL F 79 9.02 -17.45 17.21
C VAL F 79 8.05 -16.26 17.09
N ASN F 80 8.11 -15.56 15.96
CA ASN F 80 7.38 -14.29 15.79
C ASN F 80 7.45 -13.41 17.04
N GLN F 81 8.68 -13.17 17.52
CA GLN F 81 8.97 -12.26 18.64
C GLN F 81 8.61 -12.76 20.05
N THR F 82 8.06 -13.96 20.17
CA THR F 82 7.62 -14.44 21.48
C THR F 82 7.92 -15.93 21.66
N GLU F 83 7.46 -16.50 22.78
CA GLU F 83 7.84 -17.85 23.16
C GLU F 83 7.02 -18.96 22.53
N LEU F 84 5.70 -18.80 22.54
CA LEU F 84 4.80 -19.83 22.03
C LEU F 84 4.20 -19.46 20.68
N PHE F 85 3.98 -20.47 19.83
CA PHE F 85 3.33 -20.28 18.55
C PHE F 85 2.06 -21.13 18.42
N VAL F 86 0.98 -20.47 18.04
CA VAL F 86 -0.32 -21.09 17.86
C VAL F 86 -0.84 -20.85 16.44
N PRO F 87 -0.82 -21.89 15.59
CA PRO F 87 -1.34 -21.70 14.24
C PRO F 87 -2.76 -21.16 14.27
N SER F 88 -3.08 -20.29 13.32
CA SER F 88 -4.41 -19.70 13.20
C SER F 88 -4.97 -19.93 11.80
N LEU F 89 -6.16 -19.40 11.57
CA LEU F 89 -6.84 -19.46 10.28
C LEU F 89 -5.98 -18.93 9.10
N ASN F 90 -5.92 -19.74 8.04
CA ASN F 90 -5.29 -19.35 6.77
C ASN F 90 -6.25 -18.56 5.90
N VAL F 91 -5.93 -17.29 5.68
CA VAL F 91 -6.78 -16.42 4.89
C VAL F 91 -6.43 -16.57 3.40
N ASP F 92 -7.46 -16.84 2.60
CA ASP F 92 -7.33 -17.04 1.14
C ASP F 92 -6.37 -18.18 0.74
N GLY F 93 -6.08 -19.10 1.66
CA GLY F 93 -5.15 -20.21 1.43
C GLY F 93 -3.71 -20.01 1.88
N GLN F 94 -3.34 -18.77 2.23
CA GLN F 94 -1.93 -18.45 2.54
C GLN F 94 -1.49 -19.03 3.90
N PRO F 95 -0.36 -19.77 3.92
CA PRO F 95 0.11 -20.38 5.16
C PRO F 95 0.59 -19.35 6.18
N ILE F 96 0.49 -19.67 7.47
CA ILE F 96 0.96 -18.75 8.49
C ILE F 96 2.49 -18.80 8.47
N PHE F 97 3.14 -17.68 8.77
CA PHE F 97 4.60 -17.64 8.80
C PHE F 97 5.13 -17.71 10.23
N ALA F 98 5.99 -18.69 10.50
CA ALA F 98 6.61 -18.84 11.82
C ALA F 98 8.11 -18.52 11.76
N ASN F 99 8.44 -17.30 12.16
CA ASN F 99 9.77 -16.74 12.00
C ASN F 99 10.59 -17.00 13.25
N ILE F 100 11.59 -17.86 13.13
CA ILE F 100 12.36 -18.34 14.27
C ILE F 100 13.70 -17.63 14.31
N THR F 101 13.99 -16.99 15.44
CA THR F 101 15.17 -16.15 15.57
C THR F 101 15.79 -16.30 16.95
N LEU F 102 17.04 -15.86 17.10
CA LEU F 102 17.64 -15.73 18.40
C LEU F 102 16.92 -14.62 19.14
N PRO F 103 16.75 -14.78 20.46
CA PRO F 103 16.41 -13.62 21.28
C PRO F 103 17.68 -12.83 21.54
N VAL F 104 17.55 -11.63 22.08
CA VAL F 104 18.67 -10.95 22.68
C VAL F 104 18.85 -11.56 24.05
N TYR F 105 19.73 -12.55 24.15
CA TYR F 105 20.10 -13.12 25.45
C TYR F 105 20.69 -12.01 26.33
N THR F 106 20.59 -12.17 27.65
CA THR F 106 21.38 -11.33 28.55
C THR F 106 22.83 -11.67 28.29
N LEU F 107 23.72 -10.75 28.66
CA LEU F 107 25.17 -10.99 28.54
C LEU F 107 25.60 -12.13 29.45
N LYS F 108 25.10 -12.14 30.68
CA LYS F 108 25.34 -13.26 31.58
C LYS F 108 24.99 -14.59 30.92
N GLU F 109 23.75 -14.72 30.45
CA GLU F 109 23.28 -15.98 29.92
C GLU F 109 24.10 -16.42 28.72
N ARG F 110 24.54 -15.44 27.92
CA ARG F 110 25.35 -15.71 26.74
C ARG F 110 26.76 -16.19 27.10
N CYS F 111 27.33 -15.65 28.18
CA CYS F 111 28.61 -16.14 28.70
C CYS F 111 28.47 -17.60 29.18
N LEU F 112 27.35 -17.93 29.80
CA LEU F 112 27.11 -19.29 30.28
C LEU F 112 27.02 -20.29 29.13
N GLN F 113 26.39 -19.88 28.02
CA GLN F 113 26.33 -20.73 26.83
C GLN F 113 27.74 -21.10 26.34
N VAL F 114 28.62 -20.11 26.28
CA VAL F 114 29.97 -20.33 25.73
C VAL F 114 30.81 -21.23 26.63
N VAL F 115 30.70 -21.03 27.95
CA VAL F 115 31.43 -21.86 28.91
C VAL F 115 30.88 -23.28 28.93
N ARG F 116 29.57 -23.43 28.95
CA ARG F 116 28.94 -24.75 28.82
C ARG F 116 29.40 -25.50 27.57
N SER F 117 29.59 -24.79 26.46
CA SER F 117 30.08 -25.41 25.22
C SER F 117 31.52 -25.95 25.37
N LEU F 118 32.36 -25.19 26.06
CA LEU F 118 33.76 -25.58 26.23
C LEU F 118 33.93 -26.63 27.32
N VAL F 119 33.70 -26.25 28.57
CA VAL F 119 34.02 -27.09 29.72
C VAL F 119 33.04 -28.25 29.83
N LYS F 120 33.57 -29.45 30.06
CA LYS F 120 32.75 -30.63 30.28
C LYS F 120 32.08 -30.53 31.64
N PRO F 121 30.80 -30.89 31.74
CA PRO F 121 30.06 -30.69 32.99
C PRO F 121 30.76 -31.22 34.26
N GLU F 122 31.53 -32.29 34.10
CA GLU F 122 32.27 -32.89 35.23
C GLU F 122 33.39 -31.99 35.76
N ASN F 123 33.73 -30.92 35.05
CA ASN F 123 34.81 -30.02 35.48
C ASN F 123 34.36 -28.60 35.82
N TYR F 124 33.05 -28.33 35.81
CA TYR F 124 32.52 -27.02 36.21
C TYR F 124 33.09 -26.64 37.56
N ARG F 125 33.08 -27.61 38.48
CA ARG F 125 33.48 -27.37 39.86
C ARG F 125 34.97 -27.00 40.02
N ARG F 126 35.79 -27.23 38.99
CA ARG F 126 37.22 -26.86 39.03
C ARG F 126 37.49 -25.40 38.65
N LEU F 127 36.47 -24.72 38.10
CA LEU F 127 36.59 -23.31 37.67
C LEU F 127 36.65 -22.35 38.86
N ASP F 128 37.59 -21.41 38.84
CA ASP F 128 37.79 -20.49 39.95
C ASP F 128 36.74 -19.36 39.96
N ILE F 129 35.54 -19.69 40.42
CA ILE F 129 34.42 -18.77 40.46
C ILE F 129 33.52 -19.07 41.66
N VAL F 130 32.64 -18.13 42.02
CA VAL F 130 31.77 -18.28 43.19
C VAL F 130 30.74 -19.41 43.01
N ARG F 131 30.33 -20.02 44.12
CA ARG F 131 29.44 -21.19 44.09
C ARG F 131 28.16 -20.97 43.30
N SER F 132 27.55 -19.79 43.40
CA SER F 132 26.30 -19.52 42.68
C SER F 132 26.50 -19.58 41.17
N LEU F 133 27.74 -19.36 40.71
CA LEU F 133 28.07 -19.56 39.30
C LEU F 133 28.12 -21.04 38.91
N TYR F 134 28.61 -21.93 39.78
CA TYR F 134 28.51 -23.38 39.51
C TYR F 134 27.05 -23.74 39.29
N GLU F 135 26.20 -23.33 40.21
CA GLU F 135 24.77 -23.66 40.16
C GLU F 135 24.11 -23.06 38.93
N ASP F 136 24.56 -21.88 38.51
CA ASP F 136 24.02 -21.22 37.33
C ASP F 136 24.36 -22.00 36.06
N LEU F 137 25.60 -22.51 35.98
CA LEU F 137 26.03 -23.37 34.87
C LEU F 137 25.31 -24.71 34.87
N GLU F 138 25.19 -25.31 36.05
CA GLU F 138 24.57 -26.64 36.19
C GLU F 138 23.08 -26.65 35.83
N ASP F 139 22.40 -25.52 36.02
CA ASP F 139 20.99 -25.43 35.71
C ASP F 139 20.78 -25.19 34.20
N HIS F 140 21.26 -26.10 33.34
CA HIS F 140 21.19 -25.81 31.91
C HIS F 140 19.76 -25.85 31.38
N PRO F 141 19.48 -25.04 30.33
CA PRO F 141 18.13 -24.84 29.83
C PRO F 141 17.37 -26.15 29.64
N ASN F 142 16.08 -26.10 29.91
CA ASN F 142 15.26 -27.30 30.03
C ASN F 142 13.81 -26.94 29.70
N VAL F 143 13.17 -27.77 28.88
CA VAL F 143 11.81 -27.48 28.38
C VAL F 143 10.76 -27.65 29.47
N GLN F 144 10.92 -28.69 30.28
CA GLN F 144 10.03 -28.89 31.42
C GLN F 144 10.06 -27.68 32.36
N LYS F 145 11.26 -27.26 32.76
CA LYS F 145 11.43 -26.08 33.61
C LYS F 145 10.61 -24.90 33.09
N ASP F 146 10.78 -24.60 31.81
CA ASP F 146 10.15 -23.43 31.22
C ASP F 146 8.62 -23.55 31.15
N LEU F 147 8.12 -24.78 30.97
CA LEU F 147 6.68 -25.03 31.01
C LEU F 147 6.08 -24.76 32.40
N GLU F 148 6.76 -25.23 33.43
CA GLU F 148 6.37 -24.95 34.82
C GLU F 148 6.45 -23.44 35.08
N ARG F 149 7.44 -22.78 34.48
CA ARG F 149 7.63 -21.34 34.61
C ARG F 149 6.48 -20.58 33.96
N LEU F 150 6.18 -20.92 32.70
CA LEU F 150 5.11 -20.27 31.95
C LEU F 150 3.71 -20.55 32.53
N THR F 151 3.59 -21.66 33.27
CA THR F 151 2.34 -21.97 33.98
C THR F 151 2.21 -21.10 35.23
N GLN F 152 3.31 -20.89 35.96
CA GLN F 152 3.32 -20.01 37.12
C GLN F 152 3.09 -18.54 36.73
N GLU F 153 3.38 -18.20 35.48
CA GLU F 153 3.05 -16.89 34.90
C GLU F 153 1.57 -16.84 34.51
N MET G 1 3.88 -14.27 -31.89
CA MET G 1 4.51 -15.49 -31.33
C MET G 1 5.42 -15.13 -30.17
N ASP G 2 5.11 -15.62 -28.98
CA ASP G 2 5.92 -15.35 -27.80
C ASP G 2 7.23 -16.16 -27.85
N VAL G 3 8.31 -15.58 -27.35
CA VAL G 3 9.55 -16.34 -27.10
C VAL G 3 9.93 -16.18 -25.63
N PHE G 4 10.64 -17.18 -25.09
CA PHE G 4 10.96 -17.20 -23.66
C PHE G 4 12.45 -17.30 -23.44
N LEU G 5 13.00 -16.42 -22.60
CA LEU G 5 14.44 -16.20 -22.54
C LEU G 5 15.06 -16.17 -21.13
N MET G 6 16.28 -16.70 -21.03
CA MET G 6 17.18 -16.41 -19.91
C MET G 6 18.25 -15.44 -20.41
N ILE G 7 18.37 -14.30 -19.74
CA ILE G 7 19.47 -13.36 -20.01
C ILE G 7 20.50 -13.54 -18.91
N ARG G 8 21.74 -13.81 -19.31
CA ARG G 8 22.72 -14.31 -18.34
C ARG G 8 24.06 -13.59 -18.35
N ARG G 9 24.51 -13.20 -17.16
CA ARG G 9 25.81 -12.54 -16.94
C ARG G 9 26.42 -13.02 -15.61
N HIS G 10 27.62 -13.59 -15.67
CA HIS G 10 28.37 -14.08 -14.50
C HIS G 10 27.48 -15.07 -13.73
N LYS G 11 26.98 -14.66 -12.55
CA LYS G 11 26.10 -15.50 -11.72
C LYS G 11 24.66 -14.93 -11.61
N THR G 12 24.27 -14.17 -12.63
CA THR G 12 22.97 -13.53 -12.71
C THR G 12 22.21 -14.13 -13.90
N THR G 13 21.01 -14.63 -13.66
CA THR G 13 20.14 -15.15 -14.72
C THR G 13 18.75 -14.47 -14.65
N ILE G 14 18.41 -13.65 -15.63
CA ILE G 14 17.04 -13.09 -15.69
C ILE G 14 16.12 -14.02 -16.51
N PHE G 15 14.89 -14.21 -16.05
CA PHE G 15 13.86 -14.94 -16.80
C PHE G 15 12.80 -13.94 -17.30
N THR G 16 12.63 -13.86 -18.63
CA THR G 16 11.59 -13.01 -19.22
C THR G 16 11.18 -13.47 -20.63
N ASP G 17 10.22 -12.76 -21.21
CA ASP G 17 9.70 -13.10 -22.52
C ASP G 17 9.49 -11.87 -23.40
N ALA G 18 9.24 -12.12 -24.68
CA ALA G 18 9.03 -11.09 -25.68
C ALA G 18 8.35 -11.69 -26.94
N LYS G 19 8.12 -10.86 -27.95
CA LYS G 19 7.61 -11.33 -29.24
C LYS G 19 8.77 -11.60 -30.21
N GLU G 20 8.55 -12.50 -31.16
CA GLU G 20 9.51 -12.73 -32.25
C GLU G 20 9.82 -11.44 -33.02
N SER G 21 8.81 -10.58 -33.16
CA SER G 21 8.91 -9.37 -33.97
C SER G 21 9.63 -8.19 -33.29
N SER G 22 9.84 -8.27 -31.97
CA SER G 22 10.45 -7.17 -31.21
C SER G 22 11.97 -7.12 -31.40
N THR G 23 12.56 -5.94 -31.16
CA THR G 23 13.97 -5.67 -31.45
C THR G 23 14.89 -5.93 -30.27
N VAL G 24 16.19 -6.01 -30.56
CA VAL G 24 17.22 -6.20 -29.52
C VAL G 24 17.26 -5.04 -28.53
N PHE G 25 17.04 -3.82 -29.04
CA PHE G 25 17.02 -2.61 -28.20
C PHE G 25 15.90 -2.71 -27.16
N GLU G 26 14.70 -3.08 -27.61
CA GLU G 26 13.53 -3.18 -26.73
C GLU G 26 13.74 -4.17 -25.60
N LEU G 27 14.56 -5.18 -25.88
CA LEU G 27 15.00 -6.15 -24.87
C LEU G 27 16.07 -5.54 -23.91
N LYS G 28 16.90 -4.64 -24.42
CA LYS G 28 17.87 -3.92 -23.57
C LYS G 28 17.21 -2.91 -22.60
N ARG G 29 16.02 -2.42 -22.96
CA ARG G 29 15.22 -1.58 -22.05
C ARG G 29 14.72 -2.37 -20.85
N ILE G 30 14.45 -3.64 -21.07
CA ILE G 30 13.95 -4.53 -20.02
C ILE G 30 15.06 -4.86 -19.01
N VAL G 31 16.28 -5.03 -19.51
CA VAL G 31 17.47 -5.19 -18.65
C VAL G 31 17.70 -3.93 -17.81
N GLU G 32 17.52 -2.76 -18.43
CA GLU G 32 17.71 -1.47 -17.76
C GLU G 32 16.79 -1.30 -16.56
N GLY G 33 15.54 -1.74 -16.71
CA GLY G 33 14.56 -1.65 -15.63
C GLY G 33 14.96 -2.48 -14.43
N ILE G 34 15.62 -3.61 -14.70
CA ILE G 34 16.01 -4.57 -13.68
C ILE G 34 17.39 -4.25 -13.07
N LEU G 35 18.42 -4.23 -13.91
CA LEU G 35 19.80 -4.05 -13.43
C LEU G 35 20.31 -2.60 -13.38
N LYS G 36 19.48 -1.65 -13.82
CA LYS G 36 19.78 -0.19 -13.73
C LYS G 36 20.98 0.27 -14.58
N ARG G 37 21.06 -0.24 -15.82
CA ARG G 37 22.10 0.15 -16.77
C ARG G 37 21.47 0.47 -18.14
N PRO G 38 21.83 1.63 -18.74
CA PRO G 38 21.25 2.01 -20.03
C PRO G 38 21.69 1.12 -21.21
N PRO G 39 20.91 1.13 -22.33
CA PRO G 39 21.23 0.33 -23.53
C PRO G 39 22.66 0.45 -24.06
N ASP G 40 23.21 1.66 -24.01
CA ASP G 40 24.55 1.93 -24.58
C ASP G 40 25.72 1.43 -23.71
N GLU G 41 25.42 0.83 -22.55
CA GLU G 41 26.43 0.18 -21.72
C GLU G 41 26.27 -1.33 -21.68
N GLN G 42 25.41 -1.86 -22.55
CA GLN G 42 25.11 -3.30 -22.60
C GLN G 42 25.48 -3.91 -23.94
N ARG G 43 26.03 -5.10 -23.92
CA ARG G 43 26.13 -5.92 -25.12
C ARG G 43 25.34 -7.21 -24.93
N LEU G 44 24.58 -7.61 -25.96
CA LEU G 44 23.88 -8.88 -25.97
C LEU G 44 24.42 -9.83 -27.04
N TYR G 45 24.36 -11.12 -26.74
CA TYR G 45 24.97 -12.15 -27.58
C TYR G 45 24.01 -13.31 -27.84
N LYS G 46 24.06 -13.86 -29.05
CA LYS G 46 23.58 -15.22 -29.30
C LYS G 46 24.82 -16.12 -29.44
N ASP G 47 25.09 -16.92 -28.41
CA ASP G 47 26.39 -17.59 -28.26
C ASP G 47 27.53 -16.53 -28.30
N ASP G 48 28.40 -16.59 -29.31
CA ASP G 48 29.50 -15.63 -29.46
C ASP G 48 29.15 -14.45 -30.39
N GLN G 49 28.00 -14.52 -31.06
CA GLN G 49 27.59 -13.48 -32.02
C GLN G 49 26.97 -12.26 -31.35
N LEU G 50 27.58 -11.09 -31.60
CA LEU G 50 27.06 -9.81 -31.09
C LEU G 50 25.77 -9.44 -31.80
N LEU G 51 24.76 -9.07 -31.03
CA LEU G 51 23.42 -8.81 -31.54
C LEU G 51 23.24 -7.32 -31.83
N ASP G 52 22.78 -7.00 -33.04
CA ASP G 52 22.58 -5.61 -33.46
C ASP G 52 21.24 -5.06 -32.98
N ASP G 53 21.23 -3.80 -32.52
CA ASP G 53 20.05 -3.16 -31.93
C ASP G 53 18.80 -3.17 -32.82
N GLY G 54 18.98 -2.99 -34.13
CA GLY G 54 17.86 -2.86 -35.05
C GLY G 54 17.19 -4.17 -35.49
N LYS G 55 17.79 -5.30 -35.15
CA LYS G 55 17.30 -6.60 -35.61
C LYS G 55 16.24 -7.22 -34.69
N THR G 56 15.27 -7.92 -35.29
CA THR G 56 14.22 -8.61 -34.54
C THR G 56 14.75 -9.92 -34.02
N LEU G 57 14.15 -10.39 -32.92
CA LEU G 57 14.57 -11.64 -32.29
C LEU G 57 14.37 -12.85 -33.21
N GLY G 58 13.33 -12.78 -34.05
CA GLY G 58 13.08 -13.80 -35.07
C GLY G 58 14.21 -13.92 -36.08
N GLU G 59 14.68 -12.77 -36.59
CA GLU G 59 15.82 -12.70 -37.51
C GLU G 59 17.06 -13.38 -36.95
N GLY G 61 17.24 -15.69 -35.01
CA GLY G 61 17.03 -17.12 -34.80
C GLY G 61 16.42 -17.58 -33.49
N PHE G 62 15.83 -16.67 -32.71
CA PHE G 62 15.04 -17.07 -31.54
C PHE G 62 13.61 -17.24 -32.03
N THR G 63 13.13 -18.49 -32.08
CA THR G 63 11.74 -18.78 -32.48
C THR G 63 10.96 -19.42 -31.35
N SER G 64 9.64 -19.33 -31.43
CA SER G 64 8.77 -19.80 -30.35
C SER G 64 8.92 -21.29 -30.06
N GLN G 65 9.30 -22.05 -31.08
CA GLN G 65 9.51 -23.50 -30.90
C GLN G 65 10.90 -23.88 -30.37
N THR G 66 11.86 -22.95 -30.30
CA THR G 66 13.16 -23.21 -29.64
C THR G 66 13.24 -22.51 -28.29
N ALA G 67 12.82 -21.26 -28.24
CA ALA G 67 12.78 -20.52 -26.98
C ALA G 67 11.43 -20.74 -26.31
N ARG G 68 11.32 -21.84 -25.57
CA ARG G 68 10.05 -22.29 -24.98
C ARG G 68 9.98 -22.01 -23.47
N PRO G 69 8.75 -21.92 -22.90
CA PRO G 69 8.57 -21.66 -21.47
C PRO G 69 9.33 -22.61 -20.54
N GLN G 70 9.24 -23.90 -20.82
CA GLN G 70 9.88 -24.93 -20.00
C GLN G 70 11.30 -25.25 -20.42
N ALA G 71 11.79 -24.57 -21.46
CA ALA G 71 13.20 -24.66 -21.92
C ALA G 71 13.58 -23.40 -22.72
N PRO G 72 13.78 -22.26 -22.04
CA PRO G 72 14.00 -20.98 -22.70
C PRO G 72 15.40 -20.87 -23.28
N ALA G 73 15.58 -19.94 -24.21
CA ALA G 73 16.86 -19.75 -24.90
C ALA G 73 17.74 -18.74 -24.19
N THR G 74 19.04 -19.00 -24.20
CA THR G 74 20.01 -18.19 -23.47
C THR G 74 20.50 -17.02 -24.35
N VAL G 75 20.41 -15.81 -23.79
CA VAL G 75 21.02 -14.63 -24.41
C VAL G 75 22.14 -14.15 -23.47
N GLY G 76 23.32 -13.89 -24.05
CA GLY G 76 24.48 -13.44 -23.26
C GLY G 76 24.48 -11.94 -22.98
N LEU G 77 25.08 -11.55 -21.86
CA LEU G 77 25.13 -10.15 -21.43
C LEU G 77 26.52 -9.76 -20.93
N ALA G 78 27.00 -8.60 -21.35
CA ALA G 78 28.25 -8.02 -20.88
C ALA G 78 28.06 -6.50 -20.71
N PHE G 79 28.61 -5.97 -19.60
CA PHE G 79 28.54 -4.53 -19.30
C PHE G 79 29.79 -3.77 -19.71
N ARG G 80 29.60 -2.48 -19.97
CA ARG G 80 30.71 -1.56 -20.08
C ARG G 80 31.02 -1.03 -18.68
N ALA G 81 32.31 -0.99 -18.35
CA ALA G 81 32.79 -0.45 -17.08
C ALA G 81 33.88 0.55 -17.40
N ASP G 82 33.61 1.82 -17.14
CA ASP G 82 34.50 2.91 -17.53
C ASP G 82 34.67 2.92 -19.08
N ASP G 83 35.87 3.20 -19.58
CA ASP G 83 36.08 3.39 -21.04
C ASP G 83 35.67 2.21 -21.94
N THR G 84 36.07 0.99 -21.55
CA THR G 84 35.93 -0.22 -22.41
C THR G 84 34.95 -1.26 -21.86
N PHE G 85 34.58 -2.23 -22.71
CA PHE G 85 33.65 -3.31 -22.34
C PHE G 85 34.34 -4.51 -21.69
N GLU G 86 33.62 -5.20 -20.82
CA GLU G 86 34.10 -6.45 -20.24
C GLU G 86 33.83 -7.58 -21.24
N ALA G 87 34.53 -8.69 -21.05
CA ALA G 87 34.32 -9.88 -21.88
C ALA G 87 33.09 -10.65 -21.38
N LEU G 88 32.42 -11.33 -22.30
CA LEU G 88 31.28 -12.19 -21.98
C LEU G 88 31.72 -13.36 -21.10
N ILE G 90 29.94 -16.36 -18.40
CA ILE G 90 28.71 -16.98 -17.89
C ILE G 90 29.02 -18.19 -16.97
N GLU G 91 28.89 -18.00 -15.67
CA GLU G 91 29.20 -19.05 -14.71
C GLU G 91 28.19 -20.18 -14.87
N PRO G 92 28.67 -21.44 -14.98
CA PRO G 92 27.74 -22.57 -15.08
C PRO G 92 27.02 -22.86 -13.76
N PHE G 93 25.84 -23.47 -13.84
CA PHE G 93 25.12 -23.93 -12.66
C PHE G 93 25.88 -25.12 -12.05
N SER G 94 25.50 -25.51 -10.84
CA SER G 94 26.27 -26.56 -10.14
C SER G 94 26.05 -27.92 -10.78
N SER G 95 27.00 -28.83 -10.53
CA SER G 95 26.93 -30.20 -11.07
C SER G 95 26.04 -31.12 -10.23
N PRO G 96 25.16 -31.90 -10.90
CA PRO G 96 24.46 -32.94 -10.17
C PRO G 96 25.43 -34.03 -9.73
N PRO G 97 25.17 -34.68 -8.59
CA PRO G 97 26.00 -35.81 -8.21
C PRO G 97 25.73 -36.99 -9.12
N GLU G 98 26.47 -38.07 -8.94
CA GLU G 98 26.22 -39.32 -9.67
C GLU G 98 24.89 -39.93 -9.22
N LEU G 99 24.15 -40.50 -10.15
CA LEU G 99 22.92 -41.20 -9.83
C LEU G 99 23.21 -42.26 -8.77
N PRO G 100 22.39 -42.32 -7.71
CA PRO G 100 22.56 -43.42 -6.74
C PRO G 100 22.43 -44.79 -7.40
N ASP G 101 23.02 -45.82 -6.78
CA ASP G 101 23.05 -47.19 -7.35
C ASP G 101 21.68 -47.74 -7.79
N VAL G 102 20.60 -47.31 -7.12
CA VAL G 102 19.24 -47.80 -7.43
C VAL G 102 18.55 -47.10 -8.62
N MET G 103 19.30 -46.33 -9.41
CA MET G 103 18.73 -45.57 -10.54
C MET G 103 19.55 -45.76 -11.82
N MET H 1 7.07 -3.50 -14.96
CA MET H 1 6.41 -4.54 -14.13
C MET H 1 7.41 -5.12 -13.14
N MET H 2 6.92 -5.56 -11.98
CA MET H 2 7.78 -5.88 -10.85
C MET H 2 8.52 -7.21 -11.00
N TYR H 3 9.70 -7.26 -10.38
CA TYR H 3 10.54 -8.47 -10.35
C TYR H 3 10.91 -8.82 -8.92
N VAL H 4 11.47 -10.00 -8.73
CA VAL H 4 11.96 -10.45 -7.42
C VAL H 4 13.18 -11.33 -7.67
N LYS H 5 13.93 -11.60 -6.60
CA LYS H 5 15.24 -12.25 -6.72
C LYS H 5 15.29 -13.49 -5.85
N LEU H 6 15.72 -14.61 -6.44
CA LEU H 6 15.81 -15.88 -5.75
C LEU H 6 17.26 -16.32 -5.81
N ILE H 7 17.87 -16.62 -4.66
CA ILE H 7 19.28 -16.95 -4.63
C ILE H 7 19.48 -18.39 -4.18
N SER H 8 20.26 -19.15 -4.96
CA SER H 8 20.54 -20.55 -4.64
C SER H 8 21.62 -20.66 -3.55
N SER H 9 21.86 -21.89 -3.09
CA SER H 9 22.86 -22.15 -2.04
C SER H 9 24.28 -21.85 -2.52
N ASP H 10 24.55 -22.11 -3.80
CA ASP H 10 25.87 -21.80 -4.41
C ASP H 10 25.98 -20.37 -5.00
N GLY H 11 25.03 -19.50 -4.66
CA GLY H 11 25.16 -18.06 -4.89
C GLY H 11 24.56 -17.53 -6.18
N HIS H 12 23.95 -18.43 -6.97
CA HIS H 12 23.33 -18.01 -8.23
C HIS H 12 22.06 -17.20 -7.97
N GLU H 13 21.99 -16.01 -8.57
CA GLU H 13 20.83 -15.12 -8.43
C GLU H 13 19.92 -15.24 -9.66
N PHE H 14 18.65 -15.53 -9.42
CA PHE H 14 17.65 -15.68 -10.49
C PHE H 14 16.58 -14.60 -10.32
N ILE H 15 16.36 -13.80 -11.35
CA ILE H 15 15.38 -12.71 -11.28
C ILE H 15 14.16 -13.06 -12.14
N VAL H 16 12.97 -13.07 -11.52
CA VAL H 16 11.71 -13.49 -12.17
C VAL H 16 10.59 -12.48 -11.94
N LYS H 17 9.54 -12.55 -12.76
CA LYS H 17 8.39 -11.67 -12.59
C LYS H 17 7.65 -12.00 -11.31
N ARG H 18 7.25 -10.97 -10.57
CA ARG H 18 6.52 -11.16 -9.32
C ARG H 18 5.28 -12.03 -9.54
N GLU H 19 4.50 -11.71 -10.57
CA GLU H 19 3.27 -12.47 -10.86
C GLU H 19 3.53 -13.98 -11.03
N HIS H 20 4.61 -14.31 -11.73
CA HIS H 20 4.99 -15.69 -11.96
C HIS H 20 5.46 -16.39 -10.69
N ALA H 21 6.17 -15.67 -9.82
CA ALA H 21 6.65 -16.22 -8.56
C ALA H 21 5.53 -16.41 -7.53
N LEU H 22 4.49 -15.57 -7.59
CA LEU H 22 3.33 -15.72 -6.70
C LEU H 22 2.51 -16.98 -6.98
N THR H 23 2.85 -17.70 -8.06
CA THR H 23 2.40 -19.07 -8.31
C THR H 23 2.56 -19.94 -7.07
N SER H 24 3.74 -19.90 -6.47
CA SER H 24 4.02 -20.56 -5.19
C SER H 24 3.39 -19.80 -4.04
N GLY H 25 2.50 -20.48 -3.31
CA GLY H 25 1.94 -19.95 -2.07
C GLY H 25 3.00 -19.73 -1.00
N THR H 26 4.04 -20.55 -0.99
CA THR H 26 5.12 -20.42 -0.02
C THR H 26 5.89 -19.13 -0.28
N ILE H 27 6.29 -18.93 -1.53
CA ILE H 27 7.03 -17.72 -1.91
C ILE H 27 6.18 -16.47 -1.75
N LYS H 28 4.87 -16.60 -1.99
CA LYS H 28 3.98 -15.48 -1.78
C LYS H 28 4.04 -15.06 -0.32
N ALA H 29 4.10 -16.04 0.59
CA ALA H 29 4.24 -15.78 2.02
C ALA H 29 5.63 -15.25 2.38
N MET H 30 6.68 -15.89 1.85
CA MET H 30 8.07 -15.48 2.11
C MET H 30 8.30 -14.00 1.82
N LEU H 31 7.74 -13.53 0.70
CA LEU H 31 7.83 -12.12 0.33
C LEU H 31 6.92 -11.23 1.17
N SER H 32 5.79 -11.77 1.63
CA SER H 32 4.95 -11.05 2.58
C SER H 32 5.56 -11.03 3.99
N GLY H 33 6.49 -11.96 4.26
CA GLY H 33 7.15 -12.04 5.56
C GLY H 33 6.28 -12.73 6.60
N THR H 42 10.54 -8.38 1.95
CA THR H 42 11.74 -8.29 1.13
C THR H 42 11.41 -8.65 -0.32
N ASN H 43 12.23 -8.15 -1.26
CA ASN H 43 12.17 -8.56 -2.67
C ASN H 43 13.17 -9.65 -3.03
N GLU H 44 13.96 -10.09 -2.04
CA GLU H 44 14.95 -11.16 -2.21
C GLU H 44 14.58 -12.36 -1.32
N VAL H 45 15.00 -13.56 -1.71
CA VAL H 45 14.83 -14.78 -0.90
C VAL H 45 16.02 -15.72 -1.05
N ASN H 46 16.61 -16.13 0.07
CA ASN H 46 17.78 -17.02 0.09
C ASN H 46 17.41 -18.45 0.40
N PHE H 47 17.75 -19.36 -0.50
CA PHE H 47 17.53 -20.79 -0.30
C PHE H 47 18.85 -21.50 -0.03
N ARG H 48 19.33 -21.45 1.21
CA ARG H 48 20.59 -22.12 1.56
C ARG H 48 20.61 -23.64 1.27
N GLU H 49 19.44 -24.28 1.11
CA GLU H 49 19.39 -25.70 0.77
C GLU H 49 19.35 -26.02 -0.73
N ILE H 50 18.96 -25.06 -1.55
CA ILE H 50 18.62 -25.38 -2.94
C ILE H 50 19.70 -24.87 -3.92
N PRO H 51 20.46 -25.79 -4.55
CA PRO H 51 21.48 -25.38 -5.50
C PRO H 51 20.91 -24.87 -6.83
N SER H 52 21.76 -24.23 -7.63
CA SER H 52 21.38 -23.61 -8.91
C SER H 52 20.78 -24.58 -9.93
N HIS H 53 21.29 -25.80 -9.99
CA HIS H 53 20.78 -26.77 -10.96
C HIS H 53 19.39 -27.28 -10.60
N VAL H 54 18.97 -27.05 -9.35
CA VAL H 54 17.59 -27.33 -8.94
C VAL H 54 16.72 -26.07 -9.05
N LEU H 55 17.25 -24.93 -8.58
CA LEU H 55 16.46 -23.70 -8.48
C LEU H 55 16.07 -23.14 -9.84
N SER H 56 16.98 -23.31 -10.81
CA SER H 56 16.75 -22.83 -12.17
C SER H 56 15.58 -23.54 -12.83
N LYS H 57 15.41 -24.81 -12.49
CA LYS H 57 14.28 -25.57 -13.01
C LYS H 57 12.98 -25.07 -12.38
N VAL H 58 13.03 -24.71 -11.10
CA VAL H 58 11.86 -24.12 -10.44
C VAL H 58 11.37 -22.86 -11.15
N CYS H 59 12.29 -22.03 -11.62
CA CYS H 59 11.91 -20.81 -12.33
C CYS H 59 11.29 -21.15 -13.68
N MET H 60 11.74 -22.23 -14.30
CA MET H 60 11.20 -22.63 -15.59
C MET H 60 9.75 -23.10 -15.38
N TYR H 61 9.51 -23.84 -14.31
CA TYR H 61 8.17 -24.30 -13.99
C TYR H 61 7.16 -23.16 -13.88
N PHE H 62 7.54 -22.08 -13.20
CA PHE H 62 6.67 -20.88 -13.09
C PHE H 62 6.19 -20.40 -14.46
N THR H 63 7.12 -20.34 -15.39
CA THR H 63 6.85 -19.85 -16.74
C THR H 63 5.87 -20.80 -17.43
N TYR H 64 6.15 -22.10 -17.32
CA TYR H 64 5.32 -23.17 -17.88
C TYR H 64 3.88 -23.09 -17.38
N LYS H 65 3.72 -22.88 -16.07
CA LYS H 65 2.40 -22.87 -15.43
C LYS H 65 1.51 -21.69 -15.83
N VAL H 66 2.08 -20.49 -15.83
CA VAL H 66 1.35 -19.29 -16.19
C VAL H 66 0.92 -19.34 -17.66
N ARG H 67 1.80 -19.85 -18.52
CA ARG H 67 1.49 -19.95 -19.94
C ARG H 67 0.37 -20.95 -20.19
N TYR H 68 0.45 -22.12 -19.57
CA TYR H 68 -0.42 -23.25 -19.93
C TYR H 68 -1.64 -23.51 -19.03
N THR H 69 -1.76 -22.81 -17.91
CA THR H 69 -2.95 -22.96 -17.05
C THR H 69 -4.21 -22.38 -17.73
N ASN H 70 -5.23 -23.22 -17.89
CA ASN H 70 -6.50 -22.84 -18.53
C ASN H 70 -6.31 -22.53 -20.01
N SER H 71 -5.62 -23.43 -20.72
CA SER H 71 -5.25 -23.21 -22.11
C SER H 71 -5.95 -24.21 -23.04
N SER H 72 -6.47 -23.71 -24.15
CA SER H 72 -7.11 -24.55 -25.16
C SER H 72 -6.03 -25.26 -25.99
N THR H 73 -4.97 -24.54 -26.32
CA THR H 73 -3.86 -25.09 -27.11
C THR H 73 -3.18 -26.23 -26.35
N GLU H 74 -2.80 -27.27 -27.10
CA GLU H 74 -2.18 -28.47 -26.55
C GLU H 74 -0.98 -28.16 -25.64
N ILE H 75 -0.86 -28.94 -24.57
CA ILE H 75 0.13 -28.73 -23.54
C ILE H 75 1.26 -29.74 -23.70
N PRO H 76 2.53 -29.28 -23.64
CA PRO H 76 3.65 -30.21 -23.74
C PRO H 76 4.10 -30.65 -22.36
N GLU H 77 4.89 -31.72 -22.31
CA GLU H 77 5.41 -32.25 -21.05
C GLU H 77 6.43 -31.31 -20.45
N PHE H 78 6.42 -31.19 -19.13
CA PHE H 78 7.49 -30.52 -18.39
C PHE H 78 8.62 -31.53 -18.17
N PRO H 79 9.79 -31.31 -18.78
CA PRO H 79 10.91 -32.24 -18.70
C PRO H 79 11.72 -32.08 -17.41
N ILE H 80 12.25 -33.20 -16.91
CA ILE H 80 13.10 -33.20 -15.73
C ILE H 80 14.20 -34.25 -15.94
N ALA H 81 15.46 -33.81 -15.85
CA ALA H 81 16.59 -34.73 -16.01
C ALA H 81 16.67 -35.69 -14.83
N PRO H 82 16.97 -36.96 -15.11
CA PRO H 82 17.06 -37.97 -14.03
C PRO H 82 18.03 -37.59 -12.90
N GLU H 83 19.13 -36.90 -13.24
CA GLU H 83 20.17 -36.58 -12.27
C GLU H 83 19.72 -35.52 -11.25
N ILE H 84 18.75 -34.69 -11.62
CA ILE H 84 18.24 -33.66 -10.72
C ILE H 84 16.87 -33.99 -10.11
N ALA H 85 16.27 -35.09 -10.56
CA ALA H 85 14.92 -35.47 -10.13
C ALA H 85 14.78 -35.53 -8.62
N LEU H 86 15.72 -36.20 -7.96
CA LEU H 86 15.65 -36.41 -6.52
C LEU H 86 15.72 -35.13 -5.71
N GLU H 87 16.62 -34.24 -6.10
CA GLU H 87 16.78 -32.95 -5.42
C GLU H 87 15.61 -32.01 -5.70
N LEU H 88 15.11 -32.01 -6.92
CA LEU H 88 13.99 -31.14 -7.28
C LEU H 88 12.70 -31.54 -6.55
N LEU H 89 12.57 -32.83 -6.26
CA LEU H 89 11.45 -33.35 -5.47
C LEU H 89 11.47 -32.79 -4.05
N MET H 90 12.64 -32.82 -3.40
CA MET H 90 12.81 -32.30 -2.02
C MET H 90 12.48 -30.83 -1.95
N ALA H 91 12.89 -30.08 -2.96
CA ALA H 91 12.62 -28.65 -3.02
C ALA H 91 11.12 -28.44 -3.19
N ALA H 92 10.50 -29.23 -4.05
CA ALA H 92 9.09 -29.05 -4.40
C ALA H 92 8.14 -29.31 -3.22
N ASN H 93 8.56 -30.15 -2.29
CA ASN H 93 7.81 -30.32 -1.05
C ASN H 93 7.61 -28.95 -0.39
N PHE H 94 8.71 -28.28 -0.09
CA PHE H 94 8.70 -27.01 0.66
C PHE H 94 7.92 -25.90 -0.03
N LEU H 95 8.28 -25.61 -1.28
CA LEU H 95 7.74 -24.43 -1.97
C LEU H 95 6.22 -24.44 -2.24
N ASP H 96 5.59 -25.62 -2.27
CA ASP H 96 4.18 -25.75 -2.66
C ASP H 96 3.97 -25.36 -4.13
N CYS H 97 4.98 -25.61 -4.99
CA CYS H 97 4.82 -25.44 -6.44
C CYS H 97 4.13 -26.71 -7.01
N VAL I 11 -23.19 -44.30 -6.93
CA VAL I 11 -23.39 -42.90 -7.44
C VAL I 11 -22.78 -42.71 -8.83
N LEU I 12 -21.45 -42.70 -8.94
CA LEU I 12 -20.78 -42.58 -10.25
C LEU I 12 -20.87 -43.87 -11.08
N ARG I 13 -21.84 -43.92 -11.98
CA ARG I 13 -21.97 -45.03 -12.93
C ARG I 13 -22.68 -44.58 -14.19
N SER I 14 -22.65 -45.44 -15.21
CA SER I 14 -23.30 -45.17 -16.48
C SER I 14 -24.78 -45.51 -16.41
N VAL I 15 -25.55 -44.83 -17.24
CA VAL I 15 -26.98 -45.08 -17.37
C VAL I 15 -27.20 -46.07 -18.50
N ASN I 16 -28.01 -47.09 -18.27
CA ASN I 16 -28.27 -48.05 -19.33
C ASN I 16 -29.38 -47.53 -20.25
N SER I 17 -29.03 -46.50 -21.03
CA SER I 17 -29.98 -45.84 -21.91
C SER I 17 -30.31 -46.67 -23.15
N ARG I 18 -29.30 -47.35 -23.70
CA ARG I 18 -29.41 -48.00 -25.01
C ARG I 18 -29.63 -46.98 -26.11
N GLU I 19 -29.04 -45.79 -25.97
CA GLU I 19 -29.11 -44.74 -26.98
C GLU I 19 -27.74 -44.52 -27.58
N PRO I 20 -27.52 -44.95 -28.83
CA PRO I 20 -26.19 -44.78 -29.45
C PRO I 20 -25.75 -43.33 -29.48
N SER I 21 -24.44 -43.13 -29.32
CA SER I 21 -23.80 -41.83 -29.50
C SER I 21 -22.40 -42.05 -30.07
N GLN I 22 -22.11 -41.43 -31.21
CA GLN I 22 -20.78 -41.52 -31.83
C GLN I 22 -19.83 -40.47 -31.26
N VAL I 23 -18.58 -40.89 -31.02
CA VAL I 23 -17.60 -40.08 -30.28
C VAL I 23 -16.21 -40.18 -30.93
N ILE I 24 -15.45 -39.08 -30.91
CA ILE I 24 -14.04 -39.12 -31.31
C ILE I 24 -13.11 -39.00 -30.09
N PHE I 25 -12.38 -40.08 -29.79
CA PHE I 25 -11.31 -40.05 -28.80
C PHE I 25 -10.07 -39.52 -29.50
N ASN I 27 -6.28 -38.07 -29.02
CA ASN I 27 -5.18 -38.03 -28.03
C ASN I 27 -4.18 -36.90 -28.27
N ARG I 28 -4.49 -35.72 -27.74
CA ARG I 28 -3.60 -34.57 -27.84
C ARG I 28 -2.66 -34.48 -26.63
N SER I 29 -2.02 -35.59 -26.31
CA SER I 29 -1.02 -35.65 -25.24
C SER I 29 0.17 -36.47 -25.73
N PRO I 30 1.28 -36.46 -24.99
CA PRO I 30 2.41 -37.32 -25.32
C PRO I 30 2.39 -38.68 -24.60
N ARG I 31 1.32 -38.98 -23.85
CA ARG I 31 1.18 -40.27 -23.14
C ARG I 31 0.39 -41.27 -23.97
N VAL I 32 0.68 -42.55 -23.77
CA VAL I 32 -0.15 -43.62 -24.32
C VAL I 32 -1.36 -43.59 -23.41
N VAL I 33 -2.56 -43.52 -23.98
CA VAL I 33 -3.77 -43.30 -23.19
C VAL I 33 -4.60 -44.58 -22.99
N LEU I 34 -5.20 -44.70 -21.80
CA LEU I 34 -6.10 -45.78 -21.47
C LEU I 34 -7.49 -45.16 -21.21
N PRO I 35 -8.44 -45.40 -22.12
CA PRO I 35 -9.82 -45.02 -21.84
C PRO I 35 -10.48 -46.01 -20.88
N VAL I 36 -11.27 -45.50 -19.92
CA VAL I 36 -11.85 -46.30 -18.87
C VAL I 36 -13.35 -46.02 -18.79
N TRP I 37 -14.17 -47.04 -19.08
CA TRP I 37 -15.63 -46.89 -19.01
C TRP I 37 -16.13 -47.27 -17.61
N LEU I 38 -16.97 -46.43 -17.01
CA LEU I 38 -17.63 -46.80 -15.76
C LEU I 38 -18.90 -47.57 -16.10
N ASN I 39 -18.99 -48.80 -15.62
CA ASN I 39 -20.05 -49.70 -16.03
C ASN I 39 -21.25 -49.51 -15.12
N PHE I 40 -22.28 -50.33 -15.31
CA PHE I 40 -23.57 -50.09 -14.67
C PHE I 40 -23.57 -50.25 -13.16
N ASP I 41 -22.60 -51.00 -12.62
CA ASP I 41 -22.39 -51.08 -11.18
C ASP I 41 -21.36 -50.06 -10.67
N GLY I 42 -20.79 -49.26 -11.56
CA GLY I 42 -19.82 -48.24 -11.20
C GLY I 42 -18.39 -48.73 -11.16
N GLU I 43 -18.20 -49.96 -11.64
CA GLU I 43 -16.88 -50.59 -11.70
C GLU I 43 -16.13 -50.11 -12.95
N PRO I 44 -14.91 -49.56 -12.78
CA PRO I 44 -14.18 -49.13 -13.96
C PRO I 44 -13.81 -50.28 -14.88
N GLN I 45 -13.87 -50.03 -16.18
CA GLN I 45 -13.61 -51.03 -17.20
C GLN I 45 -12.65 -50.47 -18.25
N PRO I 46 -11.43 -51.06 -18.36
CA PRO I 46 -10.48 -50.61 -19.37
C PRO I 46 -10.84 -51.02 -20.81
N TYR I 47 -10.62 -50.08 -21.73
CA TYR I 47 -10.79 -50.28 -23.17
C TYR I 47 -9.42 -50.13 -23.84
N PRO I 48 -9.32 -50.43 -25.15
CA PRO I 48 -8.02 -50.40 -25.85
C PRO I 48 -7.30 -49.04 -25.82
N THR I 49 -5.97 -49.08 -25.87
CA THR I 49 -5.16 -47.85 -25.70
C THR I 49 -4.97 -47.06 -26.99
N LEU I 50 -4.71 -45.76 -26.86
CA LEU I 50 -4.39 -44.88 -27.98
C LEU I 50 -2.95 -44.37 -27.88
N PRO I 51 -2.12 -44.65 -28.89
CA PRO I 51 -0.80 -44.01 -28.89
C PRO I 51 -0.90 -42.46 -28.97
N PRO I 52 0.18 -41.76 -28.57
CA PRO I 52 0.20 -40.28 -28.64
C PRO I 52 -0.07 -39.73 -30.04
N GLY I 53 -0.90 -38.69 -30.10
CA GLY I 53 -1.22 -38.02 -31.37
C GLY I 53 -2.20 -38.75 -32.29
N THR I 54 -2.87 -39.79 -31.80
CA THR I 54 -3.81 -40.54 -32.63
C THR I 54 -5.26 -40.30 -32.22
N GLY I 55 -6.17 -40.66 -33.11
CA GLY I 55 -7.62 -40.55 -32.87
C GLY I 55 -8.41 -41.72 -33.45
N ARG I 56 -9.54 -42.04 -32.81
CA ARG I 56 -10.45 -43.13 -33.26
C ARG I 56 -11.92 -42.73 -33.10
N ARG I 57 -12.73 -43.10 -34.07
CA ARG I 57 -14.19 -42.94 -33.98
C ARG I 57 -14.77 -44.19 -33.36
N ILE I 58 -15.54 -44.03 -32.29
CA ILE I 58 -16.01 -45.17 -31.48
C ILE I 58 -17.50 -45.07 -31.15
N HIS I 59 -18.16 -46.22 -31.02
CA HIS I 59 -19.61 -46.29 -30.77
C HIS I 59 -19.93 -46.49 -29.28
N SER I 60 -20.37 -45.41 -28.62
CA SER I 60 -20.76 -45.43 -27.20
C SER I 60 -22.24 -45.14 -27.05
N TYR I 61 -22.65 -44.69 -25.87
CA TYR I 61 -24.08 -44.51 -25.57
C TYR I 61 -24.35 -43.30 -24.67
N ARG I 62 -25.50 -42.68 -24.84
CA ARG I 62 -25.80 -41.46 -24.10
C ARG I 62 -25.93 -41.75 -22.59
N GLY I 63 -25.38 -40.85 -21.78
CA GLY I 63 -25.38 -41.00 -20.34
C GLY I 63 -24.24 -41.83 -19.76
N HIS I 64 -23.39 -42.40 -20.60
CA HIS I 64 -22.26 -43.20 -20.13
C HIS I 64 -21.14 -42.29 -19.59
N LEU I 65 -20.38 -42.81 -18.64
CA LEU I 65 -19.28 -42.06 -18.02
C LEU I 65 -17.94 -42.64 -18.47
N TRP I 66 -17.00 -41.76 -18.78
CA TRP I 66 -15.65 -42.16 -19.18
C TRP I 66 -14.64 -41.32 -18.42
N LEU I 67 -13.46 -41.88 -18.20
CA LEU I 67 -12.30 -41.06 -17.85
C LEU I 67 -11.04 -41.61 -18.48
N PHE I 68 -9.95 -40.86 -18.39
CA PHE I 68 -8.74 -41.20 -19.16
C PHE I 68 -7.45 -41.10 -18.34
N ARG I 69 -6.55 -42.06 -18.56
CA ARG I 69 -5.31 -42.20 -17.79
C ARG I 69 -4.12 -42.55 -18.67
N ASP I 70 -2.93 -42.37 -18.12
CA ASP I 70 -1.71 -42.92 -18.70
C ASP I 70 -1.78 -44.45 -18.58
N ALA I 71 -1.50 -45.15 -19.67
CA ALA I 71 -1.70 -46.61 -19.74
C ALA I 71 -0.71 -47.41 -18.91
N GLY I 72 0.49 -46.87 -18.71
CA GLY I 72 1.53 -47.57 -17.96
C GLY I 72 1.61 -47.18 -16.49
N THR I 73 1.37 -45.90 -16.19
CA THR I 73 1.48 -45.37 -14.82
C THR I 73 0.18 -45.01 -14.13
N HIS I 74 -0.92 -44.83 -14.88
CA HIS I 74 -2.22 -44.39 -14.33
C HIS I 74 -2.28 -42.92 -13.85
N ASP I 75 -1.29 -42.11 -14.24
CA ASP I 75 -1.38 -40.66 -14.06
C ASP I 75 -2.70 -40.18 -14.68
N GLY I 76 -3.35 -39.23 -14.02
CA GLY I 76 -4.65 -38.76 -14.47
C GLY I 76 -4.52 -37.77 -15.60
N LEU I 77 -5.47 -37.83 -16.54
CA LEU I 77 -5.51 -36.96 -17.69
C LEU I 77 -6.83 -36.20 -17.74
N LEU I 78 -6.86 -35.10 -18.51
CA LEU I 78 -8.09 -34.32 -18.67
C LEU I 78 -8.77 -34.64 -19.99
N VAL I 79 -10.09 -34.46 -20.04
CA VAL I 79 -10.87 -34.59 -21.28
C VAL I 79 -11.84 -33.42 -21.39
N ASN I 80 -11.66 -32.62 -22.44
CA ASN I 80 -12.38 -31.36 -22.61
C ASN I 80 -12.27 -30.47 -21.37
N GLN I 81 -11.06 -30.39 -20.84
CA GLN I 81 -10.70 -29.54 -19.68
C GLN I 81 -11.17 -30.04 -18.29
N THR I 82 -11.71 -31.24 -18.19
CA THR I 82 -12.28 -31.72 -16.93
C THR I 82 -12.01 -33.22 -16.69
N GLU I 83 -12.53 -33.74 -15.58
CA GLU I 83 -12.27 -35.13 -15.16
C GLU I 83 -13.06 -36.16 -15.94
N LEU I 84 -14.38 -36.00 -15.96
CA LEU I 84 -15.29 -36.98 -16.55
C LEU I 84 -15.82 -36.58 -17.93
N PHE I 85 -16.03 -37.55 -18.81
CA PHE I 85 -16.69 -37.32 -20.11
C PHE I 85 -17.97 -38.15 -20.23
N VAL I 86 -19.03 -37.50 -20.73
CA VAL I 86 -20.38 -38.08 -20.89
C VAL I 86 -20.90 -37.83 -22.30
N PRO I 87 -20.95 -38.88 -23.14
CA PRO I 87 -21.48 -38.73 -24.49
C PRO I 87 -22.90 -38.17 -24.50
N SER I 88 -23.14 -37.19 -25.36
CA SER I 88 -24.47 -36.62 -25.49
C SER I 88 -25.05 -36.94 -26.88
N LEU I 89 -26.16 -36.28 -27.19
CA LEU I 89 -26.86 -36.44 -28.46
C LEU I 89 -26.08 -35.90 -29.66
N ASN I 90 -25.90 -36.71 -30.70
CA ASN I 90 -25.33 -36.26 -31.98
C ASN I 90 -26.35 -35.47 -32.83
N VAL I 91 -26.03 -34.23 -33.16
CA VAL I 91 -26.89 -33.44 -34.03
C VAL I 91 -26.41 -33.45 -35.48
N ASP I 92 -27.31 -33.82 -36.40
CA ASP I 92 -27.03 -33.88 -37.82
C ASP I 92 -25.83 -34.78 -38.14
N GLY I 93 -25.75 -35.92 -37.46
CA GLY I 93 -24.69 -36.89 -37.68
C GLY I 93 -23.28 -36.50 -37.28
N GLN I 94 -23.15 -35.51 -36.39
CA GLN I 94 -21.83 -35.08 -35.92
C GLN I 94 -21.40 -35.84 -34.67
N PRO I 95 -20.24 -36.51 -34.74
CA PRO I 95 -19.73 -37.15 -33.54
C PRO I 95 -19.24 -36.12 -32.50
N ILE I 96 -19.29 -36.50 -31.23
CA ILE I 96 -18.84 -35.65 -30.14
C ILE I 96 -17.33 -35.78 -30.01
N PHE I 97 -16.65 -34.67 -29.80
CA PHE I 97 -15.20 -34.70 -29.71
C PHE I 97 -14.81 -34.85 -28.26
N ALA I 98 -13.84 -35.73 -28.00
CA ALA I 98 -13.27 -35.89 -26.67
C ALA I 98 -11.76 -35.64 -26.74
N ASN I 99 -11.37 -34.37 -26.56
CA ASN I 99 -9.97 -33.98 -26.56
C ASN I 99 -9.25 -34.34 -25.26
N ILE I 100 -8.27 -35.23 -25.35
CA ILE I 100 -7.51 -35.67 -24.19
C ILE I 100 -6.18 -34.95 -24.17
N THR I 101 -5.86 -34.32 -23.03
CA THR I 101 -4.67 -33.49 -22.86
C THR I 101 -4.05 -33.73 -21.50
N LEU I 102 -2.79 -33.31 -21.35
CA LEU I 102 -2.14 -33.31 -20.04
C LEU I 102 -2.74 -32.18 -19.23
N PRO I 103 -2.94 -32.41 -17.93
CA PRO I 103 -3.19 -31.28 -17.04
C PRO I 103 -1.87 -30.59 -16.74
N VAL I 104 -1.93 -29.47 -16.05
CA VAL I 104 -0.74 -28.86 -15.52
C VAL I 104 -0.49 -29.49 -14.15
N TYR I 105 0.31 -30.56 -14.12
CA TYR I 105 0.69 -31.18 -12.85
C TYR I 105 1.43 -30.19 -11.93
N THR I 106 1.25 -30.34 -10.63
CA THR I 106 2.09 -29.62 -9.67
C THR I 106 3.52 -30.15 -9.82
N LEU I 107 4.49 -29.29 -9.57
CA LEU I 107 5.89 -29.68 -9.69
C LEU I 107 6.16 -30.86 -8.80
N LYS I 108 5.55 -30.86 -7.61
CA LYS I 108 5.68 -31.98 -6.69
C LYS I 108 5.22 -33.28 -7.35
N GLU I 109 4.08 -33.22 -8.03
CA GLU I 109 3.53 -34.40 -8.68
C GLU I 109 4.37 -34.81 -9.90
N ARG I 110 4.84 -33.84 -10.67
CA ARG I 110 5.73 -34.17 -11.80
C ARG I 110 7.01 -34.85 -11.32
N CYS I 111 7.65 -34.27 -10.33
CA CYS I 111 8.83 -34.88 -9.72
C CYS I 111 8.59 -36.30 -9.27
N LEU I 112 7.43 -36.55 -8.65
CA LEU I 112 7.09 -37.89 -8.18
C LEU I 112 6.99 -38.88 -9.34
N GLN I 113 6.30 -38.47 -10.41
CA GLN I 113 6.15 -39.31 -11.62
C GLN I 113 7.50 -39.79 -12.13
N VAL I 114 8.45 -38.87 -12.20
CA VAL I 114 9.77 -39.17 -12.74
C VAL I 114 10.52 -40.18 -11.85
N VAL I 115 10.58 -39.90 -10.55
CA VAL I 115 11.30 -40.75 -9.63
C VAL I 115 10.69 -42.16 -9.58
N ARG I 116 9.36 -42.26 -9.59
CA ARG I 116 8.70 -43.57 -9.68
C ARG I 116 9.17 -44.39 -10.88
N SER I 117 9.40 -43.70 -12.01
CA SER I 117 9.84 -44.35 -13.25
C SER I 117 11.32 -44.74 -13.27
N LEU I 118 12.13 -44.14 -12.40
CA LEU I 118 13.57 -44.45 -12.35
C LEU I 118 13.90 -45.56 -11.34
N VAL I 119 13.17 -45.59 -10.22
CA VAL I 119 13.45 -46.52 -9.12
C VAL I 119 12.43 -47.65 -9.08
N LYS I 120 12.91 -48.87 -8.83
CA LYS I 120 12.03 -50.01 -8.68
C LYS I 120 11.34 -49.93 -7.32
N PRO I 121 10.07 -50.37 -7.23
CA PRO I 121 9.29 -50.23 -5.99
C PRO I 121 9.91 -50.88 -4.74
N GLU I 122 10.82 -51.82 -4.94
CA GLU I 122 11.51 -52.48 -3.85
C GLU I 122 12.53 -51.54 -3.23
N ASN I 123 13.24 -50.80 -4.09
CA ASN I 123 14.37 -49.96 -3.68
C ASN I 123 14.02 -48.49 -3.36
N TYR I 124 12.75 -48.18 -3.13
CA TYR I 124 12.38 -46.84 -2.65
C TYR I 124 13.01 -46.58 -1.28
N ARG I 125 13.13 -47.63 -0.47
CA ARG I 125 13.62 -47.51 0.91
C ARG I 125 15.12 -47.18 1.01
N ARG I 126 15.88 -47.52 -0.03
CA ARG I 126 17.32 -47.21 -0.07
C ARG I 126 17.66 -45.81 -0.65
N LEU I 127 16.64 -44.99 -0.94
CA LEU I 127 16.84 -43.60 -1.35
C LEU I 127 17.12 -42.69 -0.16
N ASP I 128 17.97 -41.69 -0.36
CA ASP I 128 18.32 -40.75 0.70
C ASP I 128 17.42 -39.50 0.69
N ILE I 129 16.26 -39.63 1.33
CA ILE I 129 15.24 -38.58 1.37
C ILE I 129 14.46 -38.73 2.67
N VAL I 130 13.57 -37.78 2.97
CA VAL I 130 12.74 -37.90 4.17
C VAL I 130 11.76 -39.07 4.00
N ARG I 131 11.31 -39.64 5.11
CA ARG I 131 10.47 -40.83 5.04
C ARG I 131 9.03 -40.56 4.63
N SER I 132 8.51 -39.36 4.89
CA SER I 132 7.18 -39.00 4.39
C SER I 132 7.13 -39.14 2.87
N LEU I 133 8.23 -38.83 2.20
CA LEU I 133 8.32 -38.99 0.75
C LEU I 133 8.20 -40.44 0.33
N TYR I 134 8.80 -41.38 1.09
CA TYR I 134 8.60 -42.81 0.81
C TYR I 134 7.11 -43.13 0.67
N GLU I 135 6.29 -42.55 1.55
CA GLU I 135 4.84 -42.74 1.51
C GLU I 135 4.20 -42.11 0.27
N ASP I 136 4.69 -40.95 -0.13
CA ASP I 136 4.18 -40.27 -1.34
C ASP I 136 4.49 -41.07 -2.62
N LEU I 137 5.68 -41.66 -2.69
CA LEU I 137 6.08 -42.46 -3.86
C LEU I 137 5.29 -43.76 -3.97
N GLU I 138 4.88 -44.31 -2.84
CA GLU I 138 4.14 -45.57 -2.81
C GLU I 138 2.64 -45.38 -3.02
N ASP I 139 2.17 -44.14 -2.91
CA ASP I 139 0.77 -43.81 -3.15
C ASP I 139 0.53 -43.60 -4.65
N HIS I 140 0.63 -44.68 -5.42
CA HIS I 140 0.52 -44.59 -6.87
C HIS I 140 -0.85 -44.06 -7.29
N PRO I 141 -0.90 -43.26 -8.37
CA PRO I 141 -2.20 -42.85 -8.83
C PRO I 141 -3.07 -44.08 -9.08
N ASN I 142 -4.35 -43.96 -8.76
CA ASN I 142 -5.21 -45.11 -8.67
C ASN I 142 -6.62 -44.66 -9.01
N VAL I 143 -7.27 -45.37 -9.93
CA VAL I 143 -8.58 -44.97 -10.44
C VAL I 143 -9.70 -45.13 -9.41
N GLN I 144 -9.73 -46.29 -8.74
CA GLN I 144 -10.68 -46.52 -7.65
C GLN I 144 -10.55 -45.40 -6.59
N LYS I 145 -9.32 -45.00 -6.29
CA LYS I 145 -9.08 -43.95 -5.29
C LYS I 145 -9.67 -42.63 -5.72
N ASP I 146 -9.45 -42.26 -6.98
CA ASP I 146 -9.95 -40.97 -7.48
C ASP I 146 -11.47 -40.95 -7.61
N LEU I 147 -12.08 -42.11 -7.84
CA LEU I 147 -13.55 -42.21 -7.81
C LEU I 147 -14.12 -41.97 -6.40
N GLU I 148 -13.42 -42.47 -5.39
CA GLU I 148 -13.77 -42.19 -3.99
C GLU I 148 -13.67 -40.69 -3.67
N ARG I 149 -12.61 -40.03 -4.16
CA ARG I 149 -12.42 -38.57 -4.00
C ARG I 149 -13.53 -37.74 -4.67
N LEU I 150 -13.74 -37.96 -5.96
CA LEU I 150 -14.76 -37.22 -6.70
C LEU I 150 -16.12 -37.29 -6.03
N THR I 151 -16.49 -38.50 -5.58
CA THR I 151 -17.79 -38.74 -4.92
C THR I 151 -18.00 -37.90 -3.65
N GLN I 152 -16.93 -37.64 -2.89
CA GLN I 152 -17.03 -36.85 -1.66
C GLN I 152 -17.38 -35.38 -1.92
N GLU I 153 -16.71 -34.77 -2.89
CA GLU I 153 -16.95 -33.37 -3.24
C GLU I 153 -18.34 -33.19 -3.87
N MET J 1 -26.22 22.39 -37.47
CA MET J 1 -25.79 21.20 -36.69
C MET J 1 -24.94 21.63 -35.51
N ASP J 2 -25.02 20.89 -34.40
CA ASP J 2 -24.23 21.16 -33.21
C ASP J 2 -22.97 20.30 -33.18
N VAL J 3 -21.88 20.89 -32.72
CA VAL J 3 -20.65 20.15 -32.45
C VAL J 3 -20.26 20.36 -31.00
N PHE J 4 -19.58 19.37 -30.42
CA PHE J 4 -19.29 19.35 -28.99
C PHE J 4 -17.80 19.22 -28.74
N LEU J 5 -17.28 20.09 -27.88
CA LEU J 5 -15.85 20.36 -27.81
C LEU J 5 -15.28 20.34 -26.40
N MET J 6 -13.99 20.07 -26.33
CA MET J 6 -13.17 20.30 -25.15
C MET J 6 -12.09 21.29 -25.57
N ILE J 7 -11.97 22.41 -24.86
CA ILE J 7 -10.94 23.40 -25.14
C ILE J 7 -9.88 23.25 -24.05
N ARG J 8 -8.64 22.97 -24.45
CA ARG J 8 -7.64 22.53 -23.50
C ARG J 8 -6.32 23.32 -23.52
N ARG J 9 -5.91 23.77 -22.33
CA ARG J 9 -4.63 24.43 -22.12
C ARG J 9 -4.06 24.01 -20.79
N HIS J 10 -2.84 23.47 -20.80
CA HIS J 10 -2.14 23.04 -19.60
C HIS J 10 -3.02 22.05 -18.81
N LYS J 11 -3.60 22.47 -17.69
CA LYS J 11 -4.47 21.61 -16.88
C LYS J 11 -5.93 22.09 -16.86
N THR J 12 -6.30 22.98 -17.78
CA THR J 12 -7.66 23.47 -17.88
C THR J 12 -8.34 22.75 -19.04
N THR J 13 -9.59 22.34 -18.84
CA THR J 13 -10.41 21.76 -19.91
C THR J 13 -11.84 22.34 -19.89
N ILE J 14 -12.22 23.06 -20.95
CA ILE J 14 -13.56 23.65 -21.03
C ILE J 14 -14.47 22.82 -21.93
N PHE J 15 -15.56 22.31 -21.38
CA PHE J 15 -16.59 21.63 -22.17
C PHE J 15 -17.61 22.65 -22.69
N THR J 16 -17.76 22.74 -24.01
CA THR J 16 -18.79 23.60 -24.58
C THR J 16 -19.21 23.11 -25.96
N ASP J 17 -20.33 23.65 -26.45
CA ASP J 17 -20.79 23.34 -27.79
C ASP J 17 -20.97 24.58 -28.64
N ALA J 18 -21.18 24.36 -29.93
CA ALA J 18 -21.30 25.45 -30.90
C ALA J 18 -21.87 24.89 -32.21
N LYS J 19 -22.13 25.77 -33.17
CA LYS J 19 -22.67 25.38 -34.46
C LYS J 19 -21.56 25.12 -35.48
N GLU J 20 -21.74 24.09 -36.30
CA GLU J 20 -20.83 23.79 -37.41
C GLU J 20 -20.50 25.05 -38.22
N SER J 21 -21.49 25.91 -38.42
CA SER J 21 -21.35 27.14 -39.19
C SER J 21 -20.77 28.35 -38.44
N SER J 22 -20.59 28.24 -37.12
CA SER J 22 -20.04 29.34 -36.33
C SER J 22 -18.52 29.38 -36.49
N THR J 23 -17.90 30.48 -36.07
CA THR J 23 -16.49 30.76 -36.38
C THR J 23 -15.55 30.51 -35.23
N VAL J 24 -14.25 30.52 -35.54
CA VAL J 24 -13.19 30.39 -34.54
C VAL J 24 -13.18 31.59 -33.58
N PHE J 25 -13.45 32.79 -34.08
CA PHE J 25 -13.50 33.97 -33.22
C PHE J 25 -14.60 33.83 -32.17
N GLU J 26 -15.77 33.34 -32.59
CA GLU J 26 -16.92 33.25 -31.68
C GLU J 26 -16.61 32.25 -30.55
N LEU J 27 -15.83 31.24 -30.88
CA LEU J 27 -15.27 30.31 -29.92
C LEU J 27 -14.30 31.00 -28.94
N LYS J 28 -13.52 31.96 -29.44
CA LYS J 28 -12.64 32.76 -28.60
C LYS J 28 -13.40 33.66 -27.64
N ARG J 29 -14.55 34.17 -28.07
CA ARG J 29 -15.41 34.98 -27.19
C ARG J 29 -15.88 34.18 -25.96
N ILE J 30 -16.14 32.90 -26.16
CA ILE J 30 -16.56 32.01 -25.09
C ILE J 30 -15.43 31.82 -24.08
N VAL J 31 -14.21 31.65 -24.58
CA VAL J 31 -13.02 31.55 -23.73
C VAL J 31 -12.85 32.84 -22.90
N GLU J 32 -13.00 33.99 -23.57
CA GLU J 32 -12.90 35.31 -22.93
C GLU J 32 -13.81 35.46 -21.71
N GLY J 33 -15.03 34.94 -21.81
CA GLY J 33 -16.02 35.04 -20.74
C GLY J 33 -15.67 34.17 -19.54
N ILE J 34 -14.98 33.06 -19.80
CA ILE J 34 -14.62 32.11 -18.75
C ILE J 34 -13.25 32.43 -18.16
N LEU J 35 -12.22 32.50 -19.01
CA LEU J 35 -10.84 32.69 -18.54
C LEU J 35 -10.32 34.15 -18.55
N LYS J 36 -11.19 35.09 -18.92
CA LYS J 36 -10.93 36.55 -18.78
C LYS J 36 -9.76 37.08 -19.60
N ARG J 37 -9.62 36.58 -20.82
CA ARG J 37 -8.54 37.00 -21.73
C ARG J 37 -9.10 37.29 -23.11
N PRO J 38 -8.86 38.50 -23.64
CA PRO J 38 -9.45 38.89 -24.93
C PRO J 38 -9.00 37.99 -26.10
N PRO J 39 -9.83 37.92 -27.17
CA PRO J 39 -9.53 37.11 -28.36
C PRO J 39 -8.11 37.29 -28.92
N ASP J 40 -7.63 38.52 -29.01
CA ASP J 40 -6.31 38.79 -29.61
C ASP J 40 -5.13 38.25 -28.80
N GLU J 41 -5.37 37.86 -27.55
CA GLU J 41 -4.33 37.25 -26.70
C GLU J 41 -4.40 35.72 -26.67
N GLN J 42 -5.21 35.14 -27.55
CA GLN J 42 -5.42 33.67 -27.63
C GLN J 42 -4.96 33.09 -28.97
N ARG J 43 -4.48 31.84 -28.92
CA ARG J 43 -4.31 31.05 -30.14
C ARG J 43 -5.03 29.70 -29.98
N LEU J 44 -5.79 29.31 -31.01
CA LEU J 44 -6.49 28.03 -31.03
C LEU J 44 -5.93 27.07 -32.08
N TYR J 45 -5.99 25.78 -31.78
CA TYR J 45 -5.33 24.76 -32.59
C TYR J 45 -6.19 23.51 -32.85
N LYS J 46 -6.20 23.04 -34.09
CA LYS J 46 -6.57 21.65 -34.35
C LYS J 46 -5.26 20.88 -34.47
N ASP J 47 -5.00 20.01 -33.50
CA ASP J 47 -3.71 19.34 -33.33
C ASP J 47 -2.58 20.39 -33.32
N ASP J 48 -1.62 20.32 -34.23
CA ASP J 48 -0.55 21.31 -34.27
C ASP J 48 -0.88 22.52 -35.13
N GLN J 49 -2.02 22.49 -35.83
CA GLN J 49 -2.38 23.52 -36.80
C GLN J 49 -3.10 24.71 -36.20
N LEU J 50 -2.61 25.91 -36.48
CA LEU J 50 -3.23 27.16 -36.07
C LEU J 50 -4.49 27.48 -36.87
N LEU J 51 -5.52 27.95 -36.18
CA LEU J 51 -6.82 28.20 -36.78
C LEU J 51 -7.04 29.70 -37.03
N ASP J 52 -7.73 30.03 -38.11
CA ASP J 52 -7.98 31.43 -38.51
C ASP J 52 -9.34 31.91 -38.01
N ASP J 53 -9.39 33.14 -37.47
CA ASP J 53 -10.63 33.71 -36.91
C ASP J 53 -11.82 33.62 -37.84
N GLY J 54 -11.60 33.83 -39.14
CA GLY J 54 -12.69 33.89 -40.12
C GLY J 54 -13.30 32.55 -40.52
N LYS J 55 -12.54 31.46 -40.33
CA LYS J 55 -12.98 30.14 -40.81
C LYS J 55 -14.07 29.56 -39.92
N THR J 56 -14.94 28.73 -40.51
CA THR J 56 -15.98 28.05 -39.75
C THR J 56 -15.45 26.75 -39.17
N LEU J 57 -16.07 26.30 -38.09
CA LEU J 57 -15.68 25.07 -37.43
C LEU J 57 -15.74 23.88 -38.39
N GLY J 58 -16.74 23.88 -39.27
CA GLY J 58 -16.91 22.82 -40.27
C GLY J 58 -15.75 22.74 -41.24
N GLU J 59 -15.31 23.89 -41.72
CA GLU J 59 -14.14 23.97 -42.61
C GLU J 59 -12.87 23.47 -41.93
N GLY J 61 -12.85 21.16 -39.83
CA GLY J 61 -13.01 19.72 -39.70
C GLY J 61 -13.78 19.25 -38.48
N PHE J 62 -14.32 20.18 -37.70
CA PHE J 62 -15.18 19.82 -36.57
C PHE J 62 -16.62 19.63 -37.05
N THR J 63 -17.03 18.37 -37.18
CA THR J 63 -18.35 18.02 -37.69
C THR J 63 -19.17 17.32 -36.61
N SER J 64 -20.49 17.34 -36.80
CA SER J 64 -21.41 16.85 -35.80
C SER J 64 -21.28 15.36 -35.56
N GLN J 65 -20.72 14.63 -36.53
CA GLN J 65 -20.53 13.19 -36.41
C GLN J 65 -19.14 12.75 -35.94
N THR J 66 -18.23 13.71 -35.77
CA THR J 66 -16.94 13.46 -35.12
C THR J 66 -16.91 14.11 -33.72
N ALA J 67 -17.30 15.39 -33.65
CA ALA J 67 -17.41 16.10 -32.39
C ALA J 67 -18.74 15.78 -31.70
N ARG J 68 -18.80 14.67 -30.99
CA ARG J 68 -20.05 14.16 -30.39
C ARG J 68 -20.17 14.48 -28.90
N PRO J 69 -21.41 14.53 -28.35
CA PRO J 69 -21.59 14.82 -26.92
C PRO J 69 -20.82 13.87 -26.01
N GLN J 70 -20.88 12.58 -26.29
CA GLN J 70 -20.21 11.56 -25.47
C GLN J 70 -18.75 11.33 -25.83
N ALA J 71 -18.26 12.01 -26.88
CA ALA J 71 -16.89 11.86 -27.38
C ALA J 71 -16.49 13.13 -28.12
N PRO J 72 -16.39 14.24 -27.38
CA PRO J 72 -16.18 15.56 -28.00
C PRO J 72 -14.76 15.75 -28.54
N ALA J 73 -14.62 16.60 -29.55
CA ALA J 73 -13.33 16.90 -30.17
C ALA J 73 -12.55 17.88 -29.33
N THR J 74 -11.24 17.89 -29.53
CA THR J 74 -10.31 18.68 -28.73
C THR J 74 -9.76 19.86 -29.53
N VAL J 75 -9.82 21.04 -28.91
CA VAL J 75 -9.26 22.26 -29.50
C VAL J 75 -8.17 22.73 -28.56
N GLY J 76 -6.98 23.00 -29.11
CA GLY J 76 -5.84 23.46 -28.32
C GLY J 76 -5.93 24.95 -28.08
N LEU J 77 -5.34 25.40 -26.97
CA LEU J 77 -5.34 26.81 -26.56
C LEU J 77 -3.99 27.22 -25.98
N ALA J 78 -3.58 28.46 -26.30
CA ALA J 78 -2.29 29.01 -25.90
C ALA J 78 -2.44 30.51 -25.72
N PHE J 79 -1.99 31.03 -24.59
CA PHE J 79 -2.09 32.46 -24.29
C PHE J 79 -0.85 33.25 -24.67
N ARG J 80 -1.01 34.58 -24.73
CA ARG J 80 0.11 35.49 -24.82
C ARG J 80 0.54 35.88 -23.42
N ALA J 81 1.86 36.05 -23.23
CA ALA J 81 2.42 36.50 -21.96
C ALA J 81 3.60 37.42 -22.21
N ASP J 82 3.36 38.74 -22.11
CA ASP J 82 4.37 39.76 -22.44
C ASP J 82 4.90 39.60 -23.87
N ASP J 83 4.29 40.29 -24.82
CA ASP J 83 4.76 40.34 -26.23
C ASP J 83 4.56 39.03 -27.01
N THR J 84 5.27 37.97 -26.60
CA THR J 84 5.27 36.70 -27.35
C THR J 84 4.34 35.65 -26.73
N PHE J 85 3.80 34.78 -27.58
CA PHE J 85 2.91 33.69 -27.15
C PHE J 85 3.69 32.52 -26.59
N GLU J 86 3.10 31.84 -25.62
CA GLU J 86 3.63 30.57 -25.12
C GLU J 86 3.40 29.45 -26.15
N ALA J 87 4.19 28.38 -26.02
CA ALA J 87 3.99 27.18 -26.84
C ALA J 87 2.73 26.42 -26.39
N LEU J 88 2.12 25.70 -27.33
CA LEU J 88 0.93 24.91 -27.06
C LEU J 88 1.26 23.72 -26.16
N ILE J 90 -0.57 20.74 -23.52
CA ILE J 90 -1.77 20.08 -23.00
C ILE J 90 -1.38 18.90 -22.11
N GLU J 91 -1.59 19.02 -20.79
CA GLU J 91 -1.27 17.93 -19.89
C GLU J 91 -2.25 16.79 -20.11
N PRO J 92 -1.75 15.55 -20.27
CA PRO J 92 -2.65 14.42 -20.45
C PRO J 92 -3.35 14.08 -19.14
N PHE J 93 -4.52 13.44 -19.22
CA PHE J 93 -5.22 12.99 -18.02
C PHE J 93 -4.45 11.84 -17.39
N SER J 94 -4.80 11.49 -16.17
CA SER J 94 -4.15 10.41 -15.45
C SER J 94 -4.33 9.03 -16.10
N SER J 95 -3.44 8.11 -15.75
CA SER J 95 -3.50 6.72 -16.25
C SER J 95 -4.33 5.81 -15.33
N PRO J 96 -5.24 5.01 -15.92
CA PRO J 96 -5.92 3.98 -15.18
C PRO J 96 -4.95 2.93 -14.69
N PRO J 97 -5.30 2.21 -13.61
CA PRO J 97 -4.45 1.11 -13.16
C PRO J 97 -4.65 -0.14 -14.02
N GLU J 98 -3.88 -1.18 -13.72
CA GLU J 98 -4.00 -2.46 -14.43
C GLU J 98 -5.37 -3.07 -14.14
N LEU J 99 -5.96 -3.72 -15.14
CA LEU J 99 -7.22 -4.45 -14.93
C LEU J 99 -7.00 -5.56 -13.89
N PRO J 100 -7.80 -5.56 -12.80
CA PRO J 100 -7.68 -6.61 -11.78
C PRO J 100 -7.78 -8.05 -12.32
N ASP J 101 -7.47 -9.02 -11.47
CA ASP J 101 -7.53 -10.42 -11.84
C ASP J 101 -8.86 -10.77 -12.53
N VAL J 102 -9.96 -10.51 -11.84
CA VAL J 102 -11.29 -10.92 -12.31
C VAL J 102 -11.69 -10.37 -13.69
N MET J 103 -11.21 -9.18 -14.05
CA MET J 103 -11.59 -8.52 -15.30
C MET J 103 -10.58 -8.80 -16.41
N MET K 1 -24.37 32.94 -20.05
CA MET K 1 -24.12 31.48 -19.95
C MET K 1 -23.19 31.22 -18.76
N MET K 2 -23.76 30.78 -17.63
CA MET K 2 -22.97 30.53 -16.43
C MET K 2 -22.30 29.16 -16.45
N TYR K 3 -21.06 29.15 -15.98
CA TYR K 3 -20.22 27.95 -15.92
C TYR K 3 -19.83 27.65 -14.46
N VAL K 4 -19.26 26.47 -14.22
CA VAL K 4 -18.75 26.11 -12.90
C VAL K 4 -17.47 25.29 -13.07
N LYS K 5 -16.73 25.10 -11.99
CA LYS K 5 -15.44 24.41 -12.05
C LYS K 5 -15.42 23.13 -11.18
N LEU K 6 -15.03 22.01 -11.76
CA LEU K 6 -14.84 20.75 -11.02
C LEU K 6 -13.38 20.30 -11.08
N ILE K 7 -12.75 20.11 -9.91
CA ILE K 7 -11.33 19.79 -9.85
C ILE K 7 -11.07 18.36 -9.41
N SER K 8 -10.21 17.67 -10.15
CA SER K 8 -9.89 16.27 -9.88
C SER K 8 -8.77 16.14 -8.84
N SER K 9 -8.55 14.92 -8.35
CA SER K 9 -7.52 14.64 -7.33
C SER K 9 -6.11 14.95 -7.81
N ASP K 10 -5.85 14.72 -9.09
CA ASP K 10 -4.57 15.05 -9.70
C ASP K 10 -4.49 16.50 -10.21
N GLY K 11 -5.40 17.36 -9.77
CA GLY K 11 -5.30 18.81 -10.04
C GLY K 11 -5.87 19.36 -11.34
N HIS K 12 -6.50 18.49 -12.16
CA HIS K 12 -7.13 18.92 -13.41
C HIS K 12 -8.44 19.70 -13.18
N GLU K 13 -8.60 20.79 -13.90
CA GLU K 13 -9.73 21.69 -13.69
C GLU K 13 -10.67 21.64 -14.90
N PHE K 14 -11.88 21.13 -14.67
CA PHE K 14 -12.88 20.99 -15.72
C PHE K 14 -13.99 22.02 -15.56
N ILE K 15 -14.31 22.74 -16.63
CA ILE K 15 -15.28 23.84 -16.57
C ILE K 15 -16.47 23.57 -17.49
N VAL K 16 -17.65 23.45 -16.89
CA VAL K 16 -18.87 23.03 -17.59
C VAL K 16 -20.04 24.00 -17.30
N LYS K 17 -21.03 24.03 -18.19
CA LYS K 17 -22.17 24.93 -18.01
C LYS K 17 -22.92 24.52 -16.76
N ARG K 18 -23.44 25.51 -16.03
CA ARG K 18 -24.17 25.26 -14.79
C ARG K 18 -25.36 24.35 -15.05
N GLU K 19 -26.12 24.67 -16.09
CA GLU K 19 -27.28 23.86 -16.49
C GLU K 19 -26.95 22.37 -16.57
N HIS K 20 -25.77 22.03 -17.10
CA HIS K 20 -25.36 20.63 -17.26
C HIS K 20 -24.91 19.98 -15.94
N ALA K 21 -24.23 20.72 -15.08
CA ALA K 21 -23.75 20.18 -13.81
C ALA K 21 -24.91 19.86 -12.86
N LEU K 22 -25.98 20.64 -12.94
CA LEU K 22 -27.18 20.40 -12.13
C LEU K 22 -27.90 19.06 -12.45
N THR K 23 -27.55 18.41 -13.57
CA THR K 23 -27.86 16.99 -13.78
C THR K 23 -27.65 16.15 -12.51
N SER K 24 -26.51 16.37 -11.85
CA SER K 24 -26.18 15.69 -10.62
C SER K 24 -26.85 16.40 -9.46
N GLY K 25 -27.64 15.66 -8.69
CA GLY K 25 -28.30 16.23 -7.51
C GLY K 25 -27.29 16.57 -6.41
N THR K 26 -26.25 15.74 -6.32
CA THR K 26 -25.19 15.96 -5.36
C THR K 26 -24.51 17.31 -5.63
N ILE K 27 -24.12 17.53 -6.89
CA ILE K 27 -23.50 18.78 -7.27
C ILE K 27 -24.46 19.94 -7.07
N LYS K 28 -25.73 19.72 -7.38
CA LYS K 28 -26.74 20.77 -7.22
C LYS K 28 -26.83 21.28 -5.78
N ALA K 29 -26.82 20.35 -4.83
CA ALA K 29 -26.84 20.70 -3.42
C ALA K 29 -25.52 21.38 -3.02
N MET K 30 -24.40 20.79 -3.44
CA MET K 30 -23.06 21.30 -3.14
C MET K 30 -22.94 22.79 -3.39
N LEU K 31 -23.40 23.22 -4.57
CA LEU K 31 -23.29 24.63 -4.95
C LEU K 31 -24.24 25.49 -4.13
N SER K 32 -25.47 25.02 -3.95
CA SER K 32 -26.47 25.73 -3.14
C SER K 32 -26.19 25.51 -1.65
N THR K 42 -21.06 29.03 -3.76
CA THR K 42 -19.84 28.46 -4.33
C THR K 42 -19.95 28.28 -5.86
N ASN K 43 -18.85 28.52 -6.57
CA ASN K 43 -18.73 28.23 -8.02
C ASN K 43 -17.70 27.15 -8.38
N GLU K 44 -16.91 26.73 -7.39
CA GLU K 44 -15.90 25.67 -7.56
C GLU K 44 -16.23 24.51 -6.63
N VAL K 45 -15.78 23.31 -7.02
CA VAL K 45 -15.98 22.11 -6.20
C VAL K 45 -14.78 21.18 -6.34
N ASN K 46 -14.29 20.65 -5.23
CA ASN K 46 -13.08 19.83 -5.22
C ASN K 46 -13.39 18.37 -4.94
N PHE K 47 -12.91 17.47 -5.80
CA PHE K 47 -13.13 16.04 -5.63
C PHE K 47 -11.80 15.32 -5.37
N ARG K 48 -11.38 15.30 -4.12
CA ARG K 48 -10.06 14.77 -3.78
C ARG K 48 -9.86 13.26 -4.00
N GLU K 49 -10.91 12.49 -4.31
CA GLU K 49 -10.70 11.06 -4.63
C GLU K 49 -11.15 10.66 -6.04
N ILE K 50 -11.37 11.63 -6.93
CA ILE K 50 -11.74 11.33 -8.31
C ILE K 50 -10.66 11.87 -9.25
N PRO K 51 -9.90 10.97 -9.89
CA PRO K 51 -8.86 11.41 -10.81
C PRO K 51 -9.45 11.89 -12.14
N SER K 52 -8.61 12.51 -12.97
CA SER K 52 -9.04 13.17 -14.20
C SER K 52 -9.55 12.21 -15.28
N HIS K 53 -8.99 11.00 -15.34
CA HIS K 53 -9.43 10.02 -16.32
C HIS K 53 -10.84 9.49 -16.03
N VAL K 54 -11.31 9.72 -14.80
CA VAL K 54 -12.69 9.43 -14.42
C VAL K 54 -13.58 10.67 -14.58
N LEU K 55 -13.16 11.78 -13.97
CA LEU K 55 -13.99 12.98 -13.92
C LEU K 55 -14.25 13.57 -15.30
N SER K 56 -13.34 13.34 -16.25
CA SER K 56 -13.55 13.82 -17.61
C SER K 56 -14.75 13.15 -18.24
N LYS K 57 -14.87 11.84 -18.04
CA LYS K 57 -16.04 11.08 -18.51
C LYS K 57 -17.35 11.50 -17.83
N VAL K 58 -17.30 11.80 -16.54
CA VAL K 58 -18.45 12.36 -15.84
C VAL K 58 -18.97 13.60 -16.58
N CYS K 59 -18.05 14.51 -16.92
CA CYS K 59 -18.41 15.71 -17.65
C CYS K 59 -19.02 15.35 -19.01
N MET K 60 -18.40 14.42 -19.72
CA MET K 60 -18.98 13.98 -21.00
C MET K 60 -20.44 13.52 -20.86
N TYR K 61 -20.74 12.78 -19.78
CA TYR K 61 -22.08 12.26 -19.52
C TYR K 61 -23.13 13.37 -19.36
N PHE K 62 -22.81 14.42 -18.60
CA PHE K 62 -23.70 15.59 -18.52
C PHE K 62 -24.12 16.06 -19.91
N THR K 63 -23.14 16.20 -20.79
CA THR K 63 -23.37 16.67 -22.16
C THR K 63 -24.35 15.71 -22.84
N TYR K 64 -24.04 14.42 -22.75
CA TYR K 64 -24.85 13.36 -23.38
C TYR K 64 -26.30 13.37 -22.93
N LYS K 65 -26.51 13.53 -21.63
CA LYS K 65 -27.85 13.53 -21.06
C LYS K 65 -28.70 14.72 -21.49
N VAL K 66 -28.14 15.92 -21.38
CA VAL K 66 -28.87 17.13 -21.73
C VAL K 66 -29.30 17.11 -23.21
N ARG K 67 -28.44 16.54 -24.06
CA ARG K 67 -28.71 16.42 -25.48
C ARG K 67 -29.83 15.42 -25.76
N TYR K 68 -29.78 14.24 -25.15
CA TYR K 68 -30.67 13.14 -25.54
C TYR K 68 -31.90 12.94 -24.69
N THR K 69 -31.97 13.60 -23.54
CA THR K 69 -33.16 13.54 -22.71
C THR K 69 -34.39 14.06 -23.48
N ASN K 70 -35.46 13.27 -23.48
CA ASN K 70 -36.67 13.51 -24.30
C ASN K 70 -36.38 13.99 -25.73
N SER K 71 -35.86 13.08 -26.54
CA SER K 71 -35.48 13.38 -27.92
C SER K 71 -36.13 12.37 -28.88
N SER K 72 -36.52 12.86 -30.06
CA SER K 72 -37.10 12.02 -31.11
C SER K 72 -36.00 11.29 -31.91
N THR K 73 -34.83 11.94 -32.06
CA THR K 73 -33.70 11.34 -32.77
C THR K 73 -33.08 10.18 -32.00
N GLU K 74 -32.77 9.11 -32.73
CA GLU K 74 -32.26 7.86 -32.16
C GLU K 74 -31.07 8.11 -31.24
N ILE K 75 -31.05 7.41 -30.11
CA ILE K 75 -30.06 7.64 -29.08
C ILE K 75 -28.92 6.64 -29.23
N PRO K 76 -27.67 7.12 -29.21
CA PRO K 76 -26.52 6.22 -29.22
C PRO K 76 -26.10 5.78 -27.82
N GLU K 77 -25.30 4.72 -27.76
CA GLU K 77 -24.82 4.17 -26.51
C GLU K 77 -23.76 5.09 -25.92
N PHE K 78 -23.77 5.22 -24.60
CA PHE K 78 -22.69 5.91 -23.89
C PHE K 78 -21.55 4.93 -23.63
N PRO K 79 -20.38 5.16 -24.26
CA PRO K 79 -19.27 4.21 -24.19
C PRO K 79 -18.49 4.32 -22.89
N ILE K 80 -18.00 3.19 -22.40
CA ILE K 80 -17.19 3.16 -21.19
C ILE K 80 -16.14 2.07 -21.33
N ALA K 81 -14.87 2.47 -21.38
CA ALA K 81 -13.76 1.53 -21.51
C ALA K 81 -13.58 0.69 -20.24
N PRO K 82 -13.29 -0.61 -20.41
CA PRO K 82 -13.11 -1.54 -19.27
C PRO K 82 -12.19 -1.05 -18.16
N GLU K 83 -11.15 -0.28 -18.50
CA GLU K 83 -10.11 0.09 -17.53
C GLU K 83 -10.62 1.10 -16.52
N ILE K 84 -11.65 1.87 -16.90
CA ILE K 84 -12.16 2.92 -16.05
C ILE K 84 -13.55 2.64 -15.45
N ALA K 85 -14.12 1.47 -15.75
CA ALA K 85 -15.46 1.11 -15.31
C ALA K 85 -15.65 1.07 -13.79
N LEU K 86 -14.73 0.43 -13.08
CA LEU K 86 -14.89 0.29 -11.64
C LEU K 86 -14.89 1.65 -10.97
N GLU K 87 -13.90 2.47 -11.34
CA GLU K 87 -13.72 3.78 -10.72
C GLU K 87 -14.87 4.73 -11.04
N LEU K 88 -15.39 4.63 -12.25
CA LEU K 88 -16.49 5.49 -12.66
C LEU K 88 -17.79 5.08 -11.98
N LEU K 89 -17.92 3.80 -11.65
CA LEU K 89 -19.05 3.30 -10.86
C LEU K 89 -19.08 3.95 -9.49
N MET K 90 -17.91 4.01 -8.84
CA MET K 90 -17.75 4.63 -7.50
C MET K 90 -18.14 6.11 -7.54
N ALA K 91 -17.67 6.81 -8.55
CA ALA K 91 -17.95 8.22 -8.65
C ALA K 91 -19.44 8.49 -8.86
N ALA K 92 -20.08 7.71 -9.72
CA ALA K 92 -21.49 7.91 -10.08
C ALA K 92 -22.43 7.62 -8.91
N ASN K 93 -22.06 6.69 -8.07
CA ASN K 93 -22.79 6.48 -6.82
C ASN K 93 -22.83 7.77 -6.01
N PHE K 94 -21.64 8.27 -5.68
CA PHE K 94 -21.48 9.48 -4.86
C PHE K 94 -22.26 10.66 -5.44
N LEU K 95 -22.13 10.89 -6.74
CA LEU K 95 -22.69 12.08 -7.40
C LEU K 95 -24.21 12.02 -7.74
N ASP K 96 -24.82 10.84 -7.62
CA ASP K 96 -26.25 10.67 -7.91
C ASP K 96 -26.57 11.09 -9.35
N CYS K 97 -25.73 10.68 -10.30
CA CYS K 97 -26.01 10.88 -11.72
C CYS K 97 -26.29 9.54 -12.43
N VAL L 11 -53.32 -8.71 -12.53
CA VAL L 11 -53.59 -7.32 -12.95
C VAL L 11 -53.04 -7.04 -14.35
N LEU L 12 -51.71 -7.01 -14.50
CA LEU L 12 -51.11 -6.74 -15.83
C LEU L 12 -51.12 -7.98 -16.72
N ARG L 13 -52.06 -8.02 -17.66
CA ARG L 13 -52.10 -9.12 -18.63
C ARG L 13 -52.81 -8.71 -19.90
N SER L 14 -52.67 -9.55 -20.93
CA SER L 14 -53.35 -9.34 -22.20
C SER L 14 -54.82 -9.74 -22.09
N VAL L 15 -55.65 -9.04 -22.86
CA VAL L 15 -57.06 -9.34 -22.96
C VAL L 15 -57.28 -10.20 -24.20
N ASN L 16 -58.06 -11.26 -24.06
CA ASN L 16 -58.31 -12.19 -25.14
C ASN L 16 -59.44 -11.68 -26.04
N SER L 17 -59.10 -10.71 -26.88
CA SER L 17 -60.05 -10.03 -27.77
C SER L 17 -60.35 -10.84 -29.03
N ARG L 18 -59.31 -11.40 -29.63
CA ARG L 18 -59.40 -12.06 -30.93
C ARG L 18 -59.63 -11.07 -32.07
N GLU L 19 -59.39 -9.80 -31.84
CA GLU L 19 -59.50 -8.81 -32.91
C GLU L 19 -58.10 -8.43 -33.39
N PRO L 20 -57.75 -8.81 -34.63
CA PRO L 20 -56.37 -8.60 -35.11
C PRO L 20 -55.92 -7.14 -35.12
N SER L 21 -54.61 -6.96 -35.09
CA SER L 21 -53.97 -5.67 -35.23
C SER L 21 -52.59 -5.89 -35.82
N GLN L 22 -52.30 -5.21 -36.92
CA GLN L 22 -51.00 -5.30 -37.58
C GLN L 22 -50.06 -4.26 -36.99
N VAL L 23 -48.84 -4.66 -36.67
CA VAL L 23 -47.85 -3.82 -35.98
C VAL L 23 -46.48 -3.90 -36.68
N ILE L 24 -45.67 -2.87 -36.53
CA ILE L 24 -44.25 -2.92 -36.94
C ILE L 24 -43.33 -2.85 -35.72
N PHE L 25 -42.54 -3.90 -35.49
CA PHE L 25 -41.49 -3.82 -34.48
C PHE L 25 -40.28 -3.25 -35.19
N ASN L 27 -36.51 -1.74 -34.56
CA ASN L 27 -35.42 -1.64 -33.58
C ASN L 27 -34.47 -0.49 -33.92
N ARG L 28 -34.69 0.64 -33.25
CA ARG L 28 -33.83 1.80 -33.39
C ARG L 28 -32.88 1.89 -32.19
N SER L 29 -32.20 0.78 -31.90
CA SER L 29 -31.21 0.75 -30.84
C SER L 29 -29.99 -0.03 -31.33
N PRO L 30 -28.89 0.00 -30.56
CA PRO L 30 -27.73 -0.81 -30.90
C PRO L 30 -27.73 -2.18 -30.22
N ARG L 31 -28.76 -2.48 -29.44
CA ARG L 31 -28.87 -3.77 -28.75
C ARG L 31 -29.68 -4.76 -29.58
N VAL L 32 -29.42 -6.05 -29.38
CA VAL L 32 -30.23 -7.13 -29.95
C VAL L 32 -31.44 -7.17 -29.06
N VAL L 33 -32.63 -7.16 -29.66
CA VAL L 33 -33.87 -6.93 -28.90
C VAL L 33 -34.70 -8.22 -28.75
N LEU L 34 -35.29 -8.40 -27.58
CA LEU L 34 -36.17 -9.51 -27.26
C LEU L 34 -37.57 -8.93 -26.95
N PRO L 35 -38.55 -9.21 -27.82
CA PRO L 35 -39.92 -8.83 -27.49
C PRO L 35 -40.55 -9.82 -26.49
N VAL L 36 -41.36 -9.32 -25.56
CA VAL L 36 -41.97 -10.15 -24.52
C VAL L 36 -43.46 -9.90 -24.45
N TRP L 37 -44.25 -10.92 -24.81
CA TRP L 37 -45.71 -10.84 -24.78
C TRP L 37 -46.21 -11.28 -23.42
N LEU L 38 -47.06 -10.47 -22.79
CA LEU L 38 -47.71 -10.86 -21.55
C LEU L 38 -48.94 -11.70 -21.87
N ASN L 39 -48.93 -12.96 -21.48
CA ASN L 39 -50.03 -13.85 -21.85
C ASN L 39 -51.27 -13.63 -20.97
N PHE L 40 -52.31 -14.43 -21.21
CA PHE L 40 -53.60 -14.18 -20.58
C PHE L 40 -53.61 -14.35 -19.06
N ASP L 41 -52.53 -14.90 -18.51
CA ASP L 41 -52.36 -15.07 -17.07
C ASP L 41 -51.42 -14.05 -16.46
N GLY L 42 -50.83 -13.20 -17.28
CA GLY L 42 -49.81 -12.24 -16.82
C GLY L 42 -48.38 -12.75 -16.94
N GLU L 43 -48.20 -13.95 -17.53
CA GLU L 43 -46.88 -14.56 -17.62
C GLU L 43 -46.08 -14.01 -18.82
N PRO L 44 -44.80 -13.63 -18.60
CA PRO L 44 -44.03 -13.12 -19.72
C PRO L 44 -43.60 -14.23 -20.69
N GLN L 45 -43.78 -13.98 -21.98
CA GLN L 45 -43.54 -14.97 -23.02
C GLN L 45 -42.61 -14.39 -24.11
N PRO L 46 -41.38 -14.92 -24.21
CA PRO L 46 -40.44 -14.43 -25.24
C PRO L 46 -40.81 -14.82 -26.67
N TYR L 47 -40.47 -13.94 -27.63
CA TYR L 47 -40.67 -14.13 -29.06
C TYR L 47 -39.33 -13.92 -29.77
N PRO L 48 -39.25 -14.19 -31.09
CA PRO L 48 -37.95 -14.09 -31.77
C PRO L 48 -37.29 -12.72 -31.70
N THR L 49 -35.96 -12.70 -31.67
CA THR L 49 -35.20 -11.48 -31.47
C THR L 49 -35.00 -10.67 -32.74
N LEU L 50 -34.80 -9.37 -32.59
CA LEU L 50 -34.49 -8.47 -33.70
C LEU L 50 -33.07 -7.94 -33.58
N PRO L 51 -32.24 -8.13 -34.62
CA PRO L 51 -30.93 -7.46 -34.62
C PRO L 51 -31.04 -5.91 -34.69
N PRO L 52 -29.99 -5.20 -34.23
CA PRO L 52 -29.94 -3.73 -34.31
C PRO L 52 -30.29 -3.20 -35.69
N GLY L 53 -31.05 -2.12 -35.74
CA GLY L 53 -31.42 -1.47 -37.00
C GLY L 53 -32.38 -2.21 -37.93
N THR L 54 -33.02 -3.28 -37.44
CA THR L 54 -33.94 -4.07 -38.26
C THR L 54 -35.39 -3.85 -37.84
N GLY L 55 -36.31 -4.24 -38.71
CA GLY L 55 -37.74 -4.20 -38.38
C GLY L 55 -38.52 -5.35 -38.98
N ARG L 56 -39.63 -5.72 -38.33
CA ARG L 56 -40.53 -6.75 -38.85
C ARG L 56 -42.00 -6.38 -38.65
N ARG L 57 -42.83 -6.85 -39.59
CA ARG L 57 -44.27 -6.67 -39.55
C ARG L 57 -44.88 -7.92 -38.94
N ILE L 58 -45.72 -7.76 -37.93
CA ILE L 58 -46.21 -8.93 -37.20
C ILE L 58 -47.70 -8.88 -36.89
N HIS L 59 -48.30 -10.07 -36.80
CA HIS L 59 -49.74 -10.20 -36.56
C HIS L 59 -50.04 -10.40 -35.08
N SER L 60 -50.53 -9.35 -34.43
CA SER L 60 -50.94 -9.42 -33.02
C SER L 60 -52.45 -9.11 -32.89
N TYR L 61 -52.87 -8.59 -31.73
CA TYR L 61 -54.30 -8.45 -31.44
C TYR L 61 -54.55 -7.29 -30.50
N ARG L 62 -55.70 -6.64 -30.66
CA ARG L 62 -56.06 -5.48 -29.84
C ARG L 62 -56.10 -5.85 -28.37
N GLY L 63 -55.59 -4.96 -27.52
CA GLY L 63 -55.61 -5.17 -26.08
C GLY L 63 -54.50 -6.05 -25.53
N HIS L 64 -53.59 -6.52 -26.39
CA HIS L 64 -52.47 -7.33 -25.92
C HIS L 64 -51.37 -6.44 -25.38
N LEU L 65 -50.60 -6.93 -24.41
CA LEU L 65 -49.52 -6.15 -23.80
C LEU L 65 -48.13 -6.67 -24.22
N TRP L 66 -47.24 -5.74 -24.55
CA TRP L 66 -45.87 -6.09 -24.89
C TRP L 66 -44.87 -5.24 -24.15
N LEU L 67 -43.67 -5.77 -23.96
CA LEU L 67 -42.51 -4.95 -23.58
C LEU L 67 -41.22 -5.49 -24.20
N PHE L 68 -40.13 -4.71 -24.12
CA PHE L 68 -38.92 -4.99 -24.90
C PHE L 68 -37.64 -4.85 -24.09
N ARG L 69 -36.73 -5.83 -24.25
CA ARG L 69 -35.48 -5.94 -23.47
C ARG L 69 -34.28 -6.33 -24.34
N ASP L 70 -33.08 -6.03 -23.85
CA ASP L 70 -31.84 -6.56 -24.42
C ASP L 70 -31.85 -8.08 -24.21
N ALA L 71 -31.55 -8.84 -25.26
CA ALA L 71 -31.70 -10.29 -25.25
C ALA L 71 -30.57 -11.03 -24.53
N GLY L 72 -29.40 -10.42 -24.45
CA GLY L 72 -28.27 -11.02 -23.74
C GLY L 72 -28.25 -10.69 -22.25
N THR L 73 -28.62 -9.47 -21.90
CA THR L 73 -28.55 -9.00 -20.51
C THR L 73 -29.86 -8.63 -19.83
N HIS L 74 -30.96 -8.55 -20.57
CA HIS L 74 -32.28 -8.14 -20.02
C HIS L 74 -32.41 -6.67 -19.56
N ASP L 75 -31.45 -5.82 -19.93
CA ASP L 75 -31.60 -4.40 -19.68
C ASP L 75 -32.93 -3.95 -20.26
N GLY L 76 -33.59 -3.01 -19.60
CA GLY L 76 -34.88 -2.51 -20.06
C GLY L 76 -34.76 -1.52 -21.21
N LEU L 77 -35.67 -1.60 -22.17
CA LEU L 77 -35.73 -0.67 -23.30
C LEU L 77 -37.09 0.03 -23.37
N LEU L 78 -37.17 1.09 -24.19
CA LEU L 78 -38.39 1.88 -24.33
C LEU L 78 -39.08 1.60 -25.65
N VAL L 79 -40.40 1.71 -25.66
CA VAL L 79 -41.19 1.50 -26.86
C VAL L 79 -42.19 2.65 -26.96
N ASN L 80 -42.17 3.34 -28.10
CA ASN L 80 -42.81 4.65 -28.27
C ASN L 80 -42.70 5.53 -27.02
N GLN L 81 -41.48 5.66 -26.52
CA GLN L 81 -41.11 6.52 -25.37
C GLN L 81 -41.52 6.02 -23.98
N THR L 82 -42.13 4.84 -23.88
CA THR L 82 -42.59 4.33 -22.58
C THR L 82 -42.28 2.84 -22.38
N GLU L 83 -42.84 2.26 -21.32
CA GLU L 83 -42.50 0.90 -20.89
C GLU L 83 -43.30 -0.17 -21.60
N LEU L 84 -44.61 0.02 -21.66
CA LEU L 84 -45.54 -0.96 -22.22
C LEU L 84 -46.12 -0.48 -23.55
N PHE L 85 -46.34 -1.41 -24.46
CA PHE L 85 -46.97 -1.13 -25.76
C PHE L 85 -48.23 -1.98 -25.93
N VAL L 86 -49.30 -1.35 -26.40
CA VAL L 86 -50.63 -2.01 -26.55
C VAL L 86 -51.21 -1.75 -27.94
N PRO L 87 -51.29 -2.79 -28.79
CA PRO L 87 -51.85 -2.67 -30.15
C PRO L 87 -53.28 -2.14 -30.18
N SER L 88 -53.52 -1.21 -31.09
CA SER L 88 -54.81 -0.57 -31.24
C SER L 88 -55.44 -0.93 -32.60
N LEU L 89 -56.57 -0.31 -32.90
CA LEU L 89 -57.26 -0.48 -34.18
C LEU L 89 -56.52 0.18 -35.34
N ASN L 90 -56.42 -0.51 -36.47
CA ASN L 90 -55.78 0.04 -37.67
C ASN L 90 -56.70 1.03 -38.40
N VAL L 91 -56.14 2.15 -38.85
CA VAL L 91 -56.96 3.21 -39.45
C VAL L 91 -57.31 2.95 -40.94
N ASP L 92 -56.31 2.77 -41.80
CA ASP L 92 -56.57 2.67 -43.25
C ASP L 92 -55.73 1.55 -43.86
N GLY L 93 -55.89 0.34 -43.30
CA GLY L 93 -54.99 -0.77 -43.60
C GLY L 93 -53.56 -0.37 -43.28
N GLN L 94 -53.41 0.41 -42.21
CA GLN L 94 -52.15 1.07 -41.86
C GLN L 94 -51.65 0.51 -40.53
N PRO L 95 -50.43 -0.07 -40.54
CA PRO L 95 -49.95 -0.71 -39.31
C PRO L 95 -49.52 0.30 -38.25
N ILE L 96 -49.49 -0.17 -37.00
CA ILE L 96 -49.09 0.64 -35.86
C ILE L 96 -47.59 0.50 -35.66
N PHE L 97 -46.88 1.62 -35.64
CA PHE L 97 -45.43 1.59 -35.40
C PHE L 97 -45.12 1.44 -33.93
N ALA L 98 -44.12 0.61 -33.62
CA ALA L 98 -43.61 0.42 -32.25
C ALA L 98 -42.12 0.68 -32.29
N ASN L 99 -41.73 1.87 -31.86
CA ASN L 99 -40.34 2.30 -31.98
C ASN L 99 -39.55 1.97 -30.75
N ILE L 100 -38.66 0.99 -30.88
CA ILE L 100 -37.83 0.52 -29.79
C ILE L 100 -36.47 1.21 -29.78
N THR L 101 -36.13 1.81 -28.63
CA THR L 101 -34.97 2.70 -28.47
C THR L 101 -34.30 2.50 -27.11
N LEU L 102 -33.04 2.92 -27.04
CA LEU L 102 -32.33 3.02 -25.77
C LEU L 102 -32.93 4.11 -24.92
N PRO L 103 -33.11 3.83 -23.62
CA PRO L 103 -33.31 4.93 -22.68
C PRO L 103 -31.98 5.60 -22.37
N VAL L 104 -32.08 6.79 -21.79
CA VAL L 104 -30.92 7.45 -21.23
C VAL L 104 -30.72 6.88 -19.83
N TYR L 105 -29.99 5.78 -19.74
CA TYR L 105 -29.66 5.21 -18.45
C TYR L 105 -28.94 6.25 -17.55
N THR L 106 -29.10 6.12 -16.24
CA THR L 106 -28.31 6.93 -15.31
C THR L 106 -26.87 6.49 -15.48
N LEU L 107 -25.92 7.39 -15.24
CA LEU L 107 -24.51 7.00 -15.32
C LEU L 107 -24.28 5.77 -14.45
N LYS L 108 -24.86 5.76 -13.26
CA LYS L 108 -24.70 4.63 -12.33
C LYS L 108 -25.15 3.31 -12.95
N GLU L 109 -26.32 3.30 -13.57
CA GLU L 109 -26.87 2.06 -14.13
C GLU L 109 -26.07 1.63 -15.36
N ARG L 110 -25.56 2.59 -16.13
CA ARG L 110 -24.69 2.28 -17.24
C ARG L 110 -23.37 1.62 -16.79
N CYS L 111 -22.72 2.16 -15.77
CA CYS L 111 -21.52 1.53 -15.21
C CYS L 111 -21.81 0.11 -14.72
N LEU L 112 -22.95 -0.09 -14.07
CA LEU L 112 -23.27 -1.42 -13.56
C LEU L 112 -23.36 -2.41 -14.72
N GLN L 113 -23.90 -1.95 -15.86
CA GLN L 113 -24.03 -2.80 -17.05
C GLN L 113 -22.67 -3.27 -17.51
N VAL L 114 -21.77 -2.31 -17.70
CA VAL L 114 -20.45 -2.60 -18.22
C VAL L 114 -19.67 -3.51 -17.27
N VAL L 115 -19.72 -3.23 -15.97
CA VAL L 115 -19.01 -4.06 -15.00
C VAL L 115 -19.59 -5.49 -15.00
N ARG L 116 -20.91 -5.62 -15.04
CA ARG L 116 -21.52 -6.95 -15.10
C ARG L 116 -21.03 -7.77 -16.30
N SER L 117 -20.72 -7.11 -17.41
CA SER L 117 -20.21 -7.81 -18.61
C SER L 117 -18.74 -8.28 -18.47
N LEU L 118 -18.03 -7.79 -17.46
CA LEU L 118 -16.60 -8.09 -17.27
C LEU L 118 -16.30 -8.98 -16.05
N VAL L 119 -17.03 -8.80 -14.97
CA VAL L 119 -16.83 -9.58 -13.74
C VAL L 119 -17.89 -10.67 -13.62
N LYS L 120 -17.45 -11.89 -13.36
CA LYS L 120 -18.36 -13.01 -13.29
C LYS L 120 -19.00 -13.08 -11.90
N PRO L 121 -20.29 -13.52 -11.84
CA PRO L 121 -21.16 -13.41 -10.65
C PRO L 121 -20.58 -13.84 -9.31
N GLU L 122 -19.73 -14.87 -9.31
CA GLU L 122 -19.09 -15.34 -8.09
C GLU L 122 -18.04 -14.38 -7.51
N ASN L 123 -17.76 -13.26 -8.20
CA ASN L 123 -16.65 -12.36 -7.85
C ASN L 123 -17.02 -11.00 -7.27
N TYR L 124 -18.22 -10.50 -7.56
CA TYR L 124 -18.63 -9.12 -7.19
C TYR L 124 -18.19 -8.73 -5.77
N ARG L 125 -18.47 -9.62 -4.83
CA ARG L 125 -18.17 -9.41 -3.40
C ARG L 125 -16.67 -9.11 -3.16
N ARG L 126 -15.80 -9.71 -3.96
CA ARG L 126 -14.36 -9.47 -3.87
C ARG L 126 -13.96 -8.02 -4.22
N LEU L 127 -14.67 -7.39 -5.15
CA LEU L 127 -14.34 -6.04 -5.64
C LEU L 127 -14.19 -5.01 -4.53
N ASP L 128 -13.15 -4.19 -4.60
CA ASP L 128 -12.92 -3.19 -3.57
C ASP L 128 -13.78 -1.98 -3.87
N ILE L 129 -15.00 -2.01 -3.34
CA ILE L 129 -15.92 -0.88 -3.44
C ILE L 129 -16.85 -0.82 -2.23
N VAL L 130 -17.67 0.22 -2.18
CA VAL L 130 -18.68 0.39 -1.12
C VAL L 130 -19.63 -0.82 -1.11
N ARG L 131 -20.01 -1.26 0.10
CA ARG L 131 -20.77 -2.49 0.25
C ARG L 131 -22.13 -2.46 -0.46
N SER L 132 -22.77 -1.30 -0.48
CA SER L 132 -24.11 -1.15 -1.08
C SER L 132 -24.13 -1.38 -2.59
N LEU L 133 -22.97 -1.22 -3.25
CA LEU L 133 -22.85 -1.52 -4.67
C LEU L 133 -22.87 -3.03 -4.93
N TYR L 134 -22.41 -3.82 -3.96
CA TYR L 134 -22.55 -5.28 -4.06
C TYR L 134 -24.01 -5.68 -4.33
N GLU L 135 -24.94 -5.12 -3.55
CA GLU L 135 -26.39 -5.31 -3.76
C GLU L 135 -26.84 -4.85 -5.15
N ASP L 136 -26.38 -3.67 -5.56
CA ASP L 136 -26.81 -3.09 -6.84
C ASP L 136 -26.41 -3.97 -8.04
N LEU L 137 -25.17 -4.47 -8.03
CA LEU L 137 -24.67 -5.37 -9.07
C LEU L 137 -25.40 -6.70 -9.14
N GLU L 138 -25.80 -7.24 -7.98
CA GLU L 138 -26.50 -8.52 -7.93
C GLU L 138 -27.94 -8.39 -8.34
N ASP L 139 -28.49 -7.19 -8.25
CA ASP L 139 -29.84 -6.92 -8.72
C ASP L 139 -29.84 -6.80 -10.27
N HIS L 140 -29.63 -7.95 -10.93
CA HIS L 140 -29.67 -8.03 -12.39
C HIS L 140 -31.04 -7.61 -12.89
N PRO L 141 -31.09 -6.85 -13.98
CA PRO L 141 -32.41 -6.48 -14.46
C PRO L 141 -33.22 -7.71 -14.78
N ASN L 142 -34.46 -7.71 -14.29
CA ASN L 142 -35.31 -8.89 -14.28
C ASN L 142 -36.71 -8.44 -14.68
N VAL L 143 -37.31 -9.10 -15.66
CA VAL L 143 -38.62 -8.71 -16.19
C VAL L 143 -39.73 -8.88 -15.17
N GLN L 144 -39.69 -9.98 -14.42
CA GLN L 144 -40.67 -10.27 -13.39
C GLN L 144 -40.68 -9.18 -12.31
N LYS L 145 -39.51 -8.85 -11.79
CA LYS L 145 -39.40 -7.78 -10.79
C LYS L 145 -39.94 -6.44 -11.31
N ASP L 146 -39.72 -6.15 -12.59
CA ASP L 146 -40.28 -4.93 -13.21
C ASP L 146 -41.79 -4.95 -13.35
N LEU L 147 -42.37 -6.13 -13.58
CA LEU L 147 -43.84 -6.28 -13.57
C LEU L 147 -44.40 -6.03 -12.17
N GLU L 148 -43.67 -6.48 -11.14
CA GLU L 148 -44.09 -6.24 -9.75
C GLU L 148 -44.01 -4.74 -9.39
N ARG L 149 -43.04 -4.04 -9.98
CA ARG L 149 -42.93 -2.58 -9.80
C ARG L 149 -44.07 -1.83 -10.48
N LEU L 150 -44.34 -2.13 -11.75
CA LEU L 150 -45.39 -1.43 -12.51
C LEU L 150 -46.78 -1.68 -11.92
N THR L 151 -47.01 -2.90 -11.45
CA THR L 151 -48.28 -3.26 -10.82
C THR L 151 -48.53 -2.36 -9.61
N GLN L 152 -47.50 -2.13 -8.80
CA GLN L 152 -47.60 -1.18 -7.68
C GLN L 152 -47.58 0.26 -8.21
N GLU L 153 -48.70 0.70 -8.80
CA GLU L 153 -48.80 2.02 -9.42
C GLU L 153 -50.04 2.77 -8.89
#